data_5GWE
#
_entry.id   5GWE
#
_cell.length_a   125.540
_cell.length_b   121.140
_cell.length_c   125.610
_cell.angle_alpha   90.000
_cell.angle_beta   90.960
_cell.angle_gamma   90.000
#
_symmetry.space_group_name_H-M   'C 1 2 1'
#
loop_
_entity.id
_entity.type
_entity.pdbx_description
1 polymer 'Cytochrome P450'
2 non-polymer 'PROTOPORPHYRIN IX CONTAINING FE'
3 non-polymer '(4-methylphenyl) dihydrogen phosphate'
4 non-polymer 'SULFATE ION'
5 water water
#
_entity_poly.entity_id   1
_entity_poly.type   'polypeptide(L)'
_entity_poly.pdbx_seq_one_letter_code
;TSHHGYQPFDMHNPFPAYKELRQEEPVMFDERIGYWVVTKYDDIKTTFDDWETFSSENAQAPVRKRGPQATQIMTDGGFT
AYSGLSARIPPEHTRIRAIAQKAFTPRRYKALEPDIRAMVIDRVEKMLANDQHVGDMVSDLAYDIPTITILTLIGADISM
VDTYKRWSDSRAAMTWGDLSDEEQIPHAHNLVEYWQECQRMVADAHAHGGDNLTADLVRAQQEGQEITDHEIASLLYSLL
FAGHETTTTLISNCFRVLLDHPEQWQAILENPKLIPAAVDEVLRYSGSIVGWRRKALKDTEIGGVAIKEGDGVLLLMGSA
NRDEARFENGEEFDISRANAREHLSFGFGIHYCLGNMLAKLQAKICLEEVTRLVPSLHLVADKAIGFRENLSFRVPTSVP
VTWNA
;
_entity_poly.pdbx_strand_id   A,B,C,D
#
loop_
_chem_comp.id
_chem_comp.type
_chem_comp.name
_chem_comp.formula
GWM non-polymer '(4-methylphenyl) dihydrogen phosphate' 'C7 H9 O4 P'
HEM non-polymer 'PROTOPORPHYRIN IX CONTAINING FE' 'C34 H32 Fe N4 O4'
SO4 non-polymer 'SULFATE ION' 'O4 S -2'
#
# COMPACT_ATOMS: atom_id res chain seq x y z
N THR A 1 -18.67 -39.09 -36.30
CA THR A 1 -17.83 -38.75 -35.13
C THR A 1 -18.59 -38.98 -33.81
N SER A 2 -17.87 -39.11 -32.71
CA SER A 2 -18.51 -39.34 -31.42
C SER A 2 -18.48 -38.11 -30.52
N HIS A 3 -17.84 -37.03 -31.00
CA HIS A 3 -17.71 -35.82 -30.20
C HIS A 3 -18.20 -34.57 -30.96
N HIS A 4 -19.23 -34.78 -31.79
CA HIS A 4 -19.94 -33.71 -32.48
C HIS A 4 -19.06 -32.92 -33.41
N GLY A 5 -18.02 -33.56 -33.94
CA GLY A 5 -17.11 -32.92 -34.87
C GLY A 5 -15.94 -32.23 -34.18
N TYR A 6 -15.90 -32.20 -32.86
CA TYR A 6 -14.79 -31.56 -32.14
C TYR A 6 -13.52 -32.39 -32.26
N GLN A 7 -12.45 -31.75 -32.73
CA GLN A 7 -11.13 -32.37 -32.83
C GLN A 7 -10.20 -31.44 -32.05
N PRO A 8 -9.79 -31.86 -30.85
CA PRO A 8 -9.21 -30.97 -29.84
C PRO A 8 -8.02 -30.16 -30.34
N PHE A 9 -7.19 -30.70 -31.25
CA PHE A 9 -5.98 -29.96 -31.61
C PHE A 9 -6.09 -29.25 -32.97
N ASP A 10 -7.23 -29.42 -33.63
CA ASP A 10 -7.42 -28.88 -34.96
C ASP A 10 -7.88 -27.43 -34.89
N MET A 11 -6.98 -26.53 -35.22
CA MET A 11 -7.26 -25.09 -35.04
C MET A 11 -7.71 -24.38 -36.29
N HIS A 12 -7.89 -25.07 -37.42
CA HIS A 12 -8.12 -24.32 -38.65
C HIS A 12 -9.51 -23.64 -38.68
N ASN A 13 -10.56 -24.36 -38.26
CA ASN A 13 -11.92 -23.82 -38.26
C ASN A 13 -12.81 -24.58 -37.29
N PRO A 14 -12.64 -24.32 -35.99
CA PRO A 14 -13.34 -25.11 -34.99
C PRO A 14 -14.78 -24.68 -34.76
N PHE A 15 -15.19 -23.57 -35.37
CA PHE A 15 -16.47 -22.96 -35.00
C PHE A 15 -17.72 -23.77 -35.39
N PRO A 16 -17.75 -24.49 -36.52
CA PRO A 16 -18.94 -25.35 -36.70
C PRO A 16 -19.11 -26.42 -35.61
N ALA A 17 -18.02 -27.03 -35.14
CA ALA A 17 -18.09 -28.00 -34.06
C ALA A 17 -18.50 -27.34 -32.75
N TYR A 18 -17.98 -26.15 -32.48
CA TYR A 18 -18.40 -25.39 -31.29
C TYR A 18 -19.91 -25.20 -31.31
N LYS A 19 -20.45 -24.81 -32.47
CA LYS A 19 -21.87 -24.56 -32.61
C LYS A 19 -22.69 -25.83 -32.34
N GLU A 20 -22.21 -26.94 -32.89
CA GLU A 20 -22.88 -28.24 -32.68
C GLU A 20 -22.85 -28.62 -31.19
N LEU A 21 -21.69 -28.42 -30.57
CA LEU A 21 -21.52 -28.71 -29.16
C LEU A 21 -22.48 -27.87 -28.31
N ARG A 22 -22.56 -26.55 -28.58
CA ARG A 22 -23.46 -25.69 -27.78
C ARG A 22 -24.90 -26.19 -27.83
N GLN A 23 -25.28 -26.75 -28.97
CA GLN A 23 -26.65 -27.16 -29.18
C GLN A 23 -26.87 -28.58 -28.68
N GLU A 24 -25.87 -29.45 -28.83
CA GLU A 24 -26.07 -30.89 -28.56
C GLU A 24 -25.46 -31.43 -27.25
N GLU A 25 -24.31 -30.90 -26.86
CA GLU A 25 -23.64 -31.42 -25.66
C GLU A 25 -22.71 -30.31 -25.14
N PRO A 26 -23.30 -29.29 -24.49
CA PRO A 26 -22.60 -28.07 -24.07
C PRO A 26 -21.58 -28.30 -22.96
N VAL A 27 -21.72 -29.42 -22.26
CA VAL A 27 -20.75 -29.86 -21.26
C VAL A 27 -20.47 -31.33 -21.58
N MET A 28 -19.40 -31.58 -22.31
CA MET A 28 -19.12 -32.88 -22.91
C MET A 28 -17.85 -33.46 -22.33
N PHE A 29 -17.90 -34.68 -21.82
CA PHE A 29 -16.65 -35.27 -21.38
C PHE A 29 -15.88 -35.80 -22.57
N ASP A 30 -14.66 -35.32 -22.74
CA ASP A 30 -13.83 -35.75 -23.86
C ASP A 30 -12.68 -36.60 -23.33
N GLU A 31 -12.82 -37.91 -23.45
CA GLU A 31 -11.82 -38.84 -22.94
C GLU A 31 -10.51 -38.80 -23.75
N ARG A 32 -10.56 -38.19 -24.93
CA ARG A 32 -9.36 -38.12 -25.78
C ARG A 32 -8.32 -37.18 -25.16
N ILE A 33 -8.78 -36.19 -24.40
CA ILE A 33 -7.88 -35.26 -23.72
C ILE A 33 -8.05 -35.30 -22.20
N GLY A 34 -9.13 -35.86 -21.71
CA GLY A 34 -9.32 -36.00 -20.26
C GLY A 34 -9.95 -34.76 -19.63
N TYR A 35 -10.81 -34.05 -20.37
CA TYR A 35 -11.45 -32.83 -19.86
C TYR A 35 -12.94 -32.82 -20.16
N TRP A 36 -13.71 -32.20 -19.27
CA TRP A 36 -15.05 -31.72 -19.58
C TRP A 36 -14.89 -30.50 -20.50
N VAL A 37 -15.44 -30.60 -21.71
CA VAL A 37 -15.37 -29.52 -22.70
C VAL A 37 -16.63 -28.67 -22.62
N VAL A 38 -16.47 -27.38 -22.32
CA VAL A 38 -17.58 -26.47 -22.02
C VAL A 38 -17.67 -25.38 -23.07
N THR A 39 -18.84 -25.16 -23.66
CA THR A 39 -18.91 -24.30 -24.85
C THR A 39 -19.87 -23.13 -24.79
N LYS A 40 -20.74 -23.05 -23.78
CA LYS A 40 -21.73 -21.96 -23.76
C LYS A 40 -21.24 -20.75 -22.98
N TYR A 41 -21.61 -19.55 -23.43
CA TYR A 41 -21.10 -18.32 -22.85
C TYR A 41 -21.39 -18.24 -21.35
N ASP A 42 -22.65 -18.45 -20.97
CA ASP A 42 -23.01 -18.31 -19.57
C ASP A 42 -22.27 -19.31 -18.67
N ASP A 43 -22.17 -20.56 -19.11
CA ASP A 43 -21.47 -21.58 -18.33
C ASP A 43 -20.00 -21.26 -18.18
N ILE A 44 -19.41 -20.80 -19.27
CA ILE A 44 -17.99 -20.47 -19.24
C ILE A 44 -17.72 -19.27 -18.34
N LYS A 45 -18.51 -18.20 -18.47
CA LYS A 45 -18.28 -17.01 -17.64
C LYS A 45 -18.47 -17.32 -16.14
N THR A 46 -19.52 -18.07 -15.80
CA THR A 46 -19.76 -18.45 -14.42
C THR A 46 -18.58 -19.28 -13.84
N THR A 47 -18.02 -20.18 -14.64
CA THR A 47 -16.89 -21.01 -14.20
C THR A 47 -15.63 -20.15 -13.98
N PHE A 48 -15.32 -19.24 -14.90
CA PHE A 48 -14.22 -18.28 -14.71
C PHE A 48 -14.39 -17.52 -13.40
N ASP A 49 -15.62 -17.07 -13.17
CA ASP A 49 -15.93 -16.21 -12.03
C ASP A 49 -15.80 -16.93 -10.68
N ASP A 50 -16.13 -18.21 -10.67
CA ASP A 50 -16.09 -19.01 -9.43
C ASP A 50 -14.70 -19.65 -9.21
N TRP A 51 -13.72 -18.83 -8.89
CA TRP A 51 -12.34 -19.30 -8.68
C TRP A 51 -12.24 -20.19 -7.41
N GLU A 52 -13.14 -20.01 -6.46
CA GLU A 52 -13.09 -20.78 -5.23
C GLU A 52 -13.42 -22.25 -5.51
N THR A 53 -14.20 -22.52 -6.55
CA THR A 53 -14.57 -23.88 -6.90
C THR A 53 -13.69 -24.43 -8.02
N PHE A 54 -13.38 -23.58 -9.00
CA PHE A 54 -12.63 -23.97 -10.17
C PHE A 54 -11.27 -23.30 -10.20
N SER A 55 -10.27 -24.04 -9.78
CA SER A 55 -8.90 -23.55 -9.68
C SER A 55 -8.21 -23.52 -11.06
N SER A 56 -7.26 -22.59 -11.24
CA SER A 56 -6.49 -22.56 -12.48
C SER A 56 -5.20 -23.36 -12.35
N GLU A 57 -5.06 -24.14 -11.28
CA GLU A 57 -3.76 -24.77 -11.01
C GLU A 57 -3.31 -25.74 -12.12
N ASN A 58 -4.24 -26.21 -12.98
CA ASN A 58 -3.84 -27.10 -14.07
C ASN A 58 -3.67 -26.35 -15.41
N ALA A 59 -3.74 -25.03 -15.39
CA ALA A 59 -3.70 -24.25 -16.63
C ALA A 59 -2.36 -24.33 -17.34
N GLN A 60 -1.32 -24.71 -16.60
CA GLN A 60 0.01 -24.85 -17.15
C GLN A 60 0.55 -26.28 -17.10
N ALA A 61 -0.30 -27.23 -16.72
CA ALA A 61 0.03 -28.66 -16.79
C ALA A 61 -0.01 -29.18 -18.22
N PRO A 62 0.99 -29.98 -18.62
CA PRO A 62 0.95 -30.41 -20.02
C PRO A 62 -0.27 -31.26 -20.35
N VAL A 63 -0.84 -30.99 -21.51
CA VAL A 63 -1.97 -31.76 -22.01
C VAL A 63 -1.56 -33.22 -22.27
N ARG A 64 -0.37 -33.41 -22.85
CA ARG A 64 0.19 -34.74 -22.97
C ARG A 64 1.29 -34.91 -21.93
N LYS A 65 1.20 -35.97 -21.15
CA LYS A 65 2.15 -36.23 -20.06
C LYS A 65 3.62 -36.15 -20.53
N ARG A 66 4.45 -35.49 -19.73
CA ARG A 66 5.87 -35.38 -20.03
C ARG A 66 6.54 -36.77 -20.02
N GLY A 67 7.10 -37.19 -21.14
CA GLY A 67 7.73 -38.50 -21.24
C GLY A 67 9.07 -38.61 -20.51
N PRO A 68 9.65 -39.83 -20.45
CA PRO A 68 10.88 -40.05 -19.68
C PRO A 68 12.05 -39.14 -20.12
N GLN A 69 12.29 -39.02 -21.42
CA GLN A 69 13.45 -38.28 -21.91
C GLN A 69 13.37 -36.80 -21.52
N ALA A 70 12.24 -36.17 -21.84
CA ALA A 70 11.99 -34.76 -21.50
C ALA A 70 12.07 -34.52 -20.01
N THR A 71 11.55 -35.47 -19.24
CA THR A 71 11.59 -35.36 -17.81
C THR A 71 13.06 -35.32 -17.31
N GLN A 72 13.89 -36.23 -17.82
CA GLN A 72 15.31 -36.28 -17.44
C GLN A 72 16.04 -34.98 -17.85
N ILE A 73 15.84 -34.54 -19.08
CA ILE A 73 16.46 -33.31 -19.57
C ILE A 73 16.10 -32.13 -18.67
N MET A 74 14.81 -32.00 -18.33
CA MET A 74 14.40 -30.83 -17.61
C MET A 74 14.83 -30.89 -16.16
N THR A 75 14.80 -32.08 -15.58
CA THR A 75 15.35 -32.23 -14.22
C THR A 75 16.85 -31.97 -14.21
N ASP A 76 17.57 -32.60 -15.14
CA ASP A 76 19.01 -32.44 -15.18
C ASP A 76 19.38 -31.01 -15.49
N GLY A 77 18.51 -30.31 -16.23
CA GLY A 77 18.77 -28.94 -16.62
C GLY A 77 18.37 -27.86 -15.61
N GLY A 78 17.93 -28.29 -14.43
CA GLY A 78 17.57 -27.35 -13.36
C GLY A 78 16.26 -26.59 -13.62
N PHE A 79 15.36 -27.22 -14.38
CA PHE A 79 14.09 -26.58 -14.68
C PHE A 79 13.13 -26.69 -13.52
N THR A 80 12.88 -25.58 -12.83
CA THR A 80 12.02 -25.61 -11.65
C THR A 80 10.80 -24.68 -11.76
N ALA A 81 10.53 -24.22 -12.97
CA ALA A 81 9.43 -23.29 -13.22
C ALA A 81 8.11 -24.04 -13.42
N TYR A 82 7.00 -23.36 -13.16
CA TYR A 82 5.68 -23.91 -13.51
C TYR A 82 4.79 -22.80 -14.05
N SER A 83 4.52 -21.79 -13.21
CA SER A 83 3.68 -20.66 -13.63
C SER A 83 4.02 -19.36 -12.89
N GLY A 84 4.26 -18.29 -13.63
CA GLY A 84 4.48 -16.99 -13.03
C GLY A 84 3.22 -16.52 -12.32
N LEU A 85 2.08 -16.63 -13.02
CA LEU A 85 0.82 -16.19 -12.45
C LEU A 85 -0.37 -17.09 -12.81
N SER A 86 -0.47 -17.51 -14.07
CA SER A 86 -1.77 -18.01 -14.59
C SER A 86 -2.29 -19.25 -13.87
N ALA A 87 -1.39 -20.08 -13.37
CA ALA A 87 -1.80 -21.30 -12.73
C ALA A 87 -1.53 -21.29 -11.22
N ARG A 88 -1.18 -20.12 -10.67
CA ARG A 88 -1.10 -19.99 -9.21
C ARG A 88 -2.48 -19.76 -8.64
N ILE A 89 -2.68 -20.08 -7.36
CA ILE A 89 -3.95 -19.84 -6.70
C ILE A 89 -3.74 -18.99 -5.46
N PRO A 90 -4.79 -18.33 -4.97
CA PRO A 90 -4.66 -17.58 -3.72
C PRO A 90 -4.18 -18.49 -2.60
N PRO A 91 -3.37 -17.98 -1.66
CA PRO A 91 -2.98 -16.56 -1.56
C PRO A 91 -1.76 -16.14 -2.37
N GLU A 92 -0.95 -17.09 -2.84
CA GLU A 92 0.24 -16.75 -3.61
C GLU A 92 -0.15 -15.91 -4.83
N HIS A 93 -1.19 -16.32 -5.55
CA HIS A 93 -1.59 -15.61 -6.76
C HIS A 93 -1.89 -14.15 -6.47
N THR A 94 -2.72 -13.93 -5.46
CA THR A 94 -3.15 -12.61 -5.04
C THR A 94 -1.94 -11.70 -4.74
N ARG A 95 -1.03 -12.22 -3.94
CA ARG A 95 0.17 -11.48 -3.54
C ARG A 95 1.04 -11.12 -4.74
N ILE A 96 1.33 -12.12 -5.58
CA ILE A 96 2.26 -11.93 -6.69
C ILE A 96 1.60 -11.08 -7.81
N ARG A 97 0.32 -11.30 -8.10
CA ARG A 97 -0.33 -10.48 -9.10
C ARG A 97 -0.30 -8.99 -8.74
N ALA A 98 -0.55 -8.65 -7.48
CA ALA A 98 -0.53 -7.24 -7.04
C ALA A 98 0.86 -6.62 -7.23
N ILE A 99 1.89 -7.37 -6.91
CA ILE A 99 3.25 -6.90 -7.12
C ILE A 99 3.55 -6.74 -8.63
N ALA A 100 3.11 -7.70 -9.44
CA ALA A 100 3.28 -7.58 -10.90
C ALA A 100 2.58 -6.36 -11.49
N GLN A 101 1.32 -6.14 -11.07
CA GLN A 101 0.55 -5.00 -11.58
C GLN A 101 1.20 -3.67 -11.23
N LYS A 102 1.79 -3.59 -10.04
CA LYS A 102 2.35 -2.32 -9.61
C LYS A 102 3.66 -2.01 -10.35
N ALA A 103 4.34 -3.05 -10.82
CA ALA A 103 5.51 -2.85 -11.68
C ALA A 103 5.13 -2.66 -13.15
N PHE A 104 4.10 -3.39 -13.58
CA PHE A 104 3.57 -3.32 -14.92
C PHE A 104 2.52 -2.23 -15.04
N THR A 105 2.98 -0.99 -15.00
CA THR A 105 2.11 0.17 -15.02
C THR A 105 1.70 0.54 -16.44
N PRO A 106 0.44 0.97 -16.62
CA PRO A 106 -0.07 1.45 -17.92
C PRO A 106 0.83 2.53 -18.50
N ARG A 107 1.22 3.53 -17.70
CA ARG A 107 1.98 4.65 -18.25
C ARG A 107 3.34 4.22 -18.78
N ARG A 108 3.78 3.03 -18.38
CA ARG A 108 5.11 2.54 -18.75
C ARG A 108 5.17 2.06 -20.19
N TYR A 109 4.11 1.41 -20.67
CA TYR A 109 4.12 0.91 -22.04
C TYR A 109 3.43 1.84 -23.01
N LYS A 110 2.57 2.73 -22.53
CA LYS A 110 2.03 3.75 -23.42
C LYS A 110 3.12 4.73 -23.81
N ALA A 111 4.19 4.79 -23.03
CA ALA A 111 5.31 5.65 -23.39
C ALA A 111 6.13 4.96 -24.48
N LEU A 112 5.76 3.75 -24.85
CA LEU A 112 6.44 3.09 -25.93
C LEU A 112 5.64 3.21 -27.23
N GLU A 113 4.49 3.89 -27.20
CA GLU A 113 3.69 4.01 -28.42
C GLU A 113 4.44 4.64 -29.61
N PRO A 114 5.19 5.75 -29.39
CA PRO A 114 5.95 6.29 -30.52
C PRO A 114 7.01 5.31 -31.07
N ASP A 115 7.67 4.57 -30.20
CA ASP A 115 8.67 3.59 -30.64
C ASP A 115 8.03 2.42 -31.35
N ILE A 116 6.87 1.99 -30.87
CA ILE A 116 6.11 0.95 -31.53
C ILE A 116 5.62 1.46 -32.90
N ARG A 117 5.09 2.67 -32.94
CA ARG A 117 4.61 3.20 -34.20
C ARG A 117 5.73 3.32 -35.24
N ALA A 118 6.89 3.85 -34.83
CA ALA A 118 8.01 4.01 -35.75
C ALA A 118 8.49 2.65 -36.25
N MET A 119 8.46 1.68 -35.34
CA MET A 119 8.87 0.33 -35.65
C MET A 119 7.94 -0.30 -36.68
N VAL A 120 6.63 -0.11 -36.51
CA VAL A 120 5.66 -0.62 -37.46
C VAL A 120 5.91 -0.04 -38.86
N ILE A 121 6.08 1.27 -38.91
CA ILE A 121 6.32 1.97 -40.18
C ILE A 121 7.56 1.44 -40.89
N ASP A 122 8.62 1.22 -40.12
CA ASP A 122 9.84 0.67 -40.67
C ASP A 122 9.59 -0.70 -41.33
N ARG A 123 8.81 -1.57 -40.67
CA ARG A 123 8.54 -2.91 -41.20
C ARG A 123 7.69 -2.82 -42.45
N VAL A 124 6.69 -1.94 -42.44
CA VAL A 124 5.84 -1.77 -43.62
C VAL A 124 6.66 -1.32 -44.83
N GLU A 125 7.52 -0.34 -44.61
CA GLU A 125 8.38 0.14 -45.68
C GLU A 125 9.30 -0.97 -46.23
N LYS A 126 9.86 -1.78 -45.35
CA LYS A 126 10.70 -2.88 -45.78
C LYS A 126 9.92 -3.90 -46.60
N MET A 127 8.69 -4.18 -46.17
CA MET A 127 7.83 -5.11 -46.88
C MET A 127 7.47 -4.62 -48.27
N LEU A 128 7.13 -3.33 -48.37
CA LEU A 128 6.72 -2.74 -49.65
C LEU A 128 7.88 -2.68 -50.66
N ALA A 129 9.09 -2.80 -50.16
CA ALA A 129 10.28 -2.83 -50.99
C ALA A 129 10.61 -4.27 -51.41
N ASN A 130 9.64 -5.19 -51.32
CA ASN A 130 9.93 -6.57 -51.70
C ASN A 130 9.88 -6.70 -53.21
N ASP A 131 10.62 -7.68 -53.73
CA ASP A 131 10.90 -7.73 -55.15
C ASP A 131 9.80 -8.46 -55.95
N GLN A 132 8.59 -8.50 -55.41
CA GLN A 132 7.45 -9.12 -56.10
C GLN A 132 6.11 -8.57 -55.64
N HIS A 133 6.17 -7.65 -54.69
CA HIS A 133 4.98 -7.06 -54.09
C HIS A 133 4.11 -8.12 -53.41
N VAL A 134 4.79 -9.06 -52.74
CA VAL A 134 4.14 -10.08 -51.97
C VAL A 134 4.76 -9.98 -50.58
N GLY A 135 3.93 -10.12 -49.56
CA GLY A 135 4.38 -10.05 -48.19
C GLY A 135 3.66 -11.08 -47.35
N ASP A 136 3.97 -11.07 -46.07
CA ASP A 136 3.34 -11.98 -45.12
C ASP A 136 3.23 -11.20 -43.83
N MET A 137 2.01 -10.90 -43.39
CA MET A 137 1.85 -10.04 -42.22
C MET A 137 2.43 -10.68 -40.96
N VAL A 138 2.62 -12.01 -40.98
CA VAL A 138 3.25 -12.66 -39.83
C VAL A 138 4.77 -12.39 -39.82
N SER A 139 5.51 -12.90 -40.82
CA SER A 139 6.97 -12.73 -40.79
C SER A 139 7.41 -11.28 -40.98
N ASP A 140 6.61 -10.49 -41.71
CA ASP A 140 7.02 -9.14 -42.08
C ASP A 140 6.57 -8.06 -41.11
N LEU A 141 5.75 -8.42 -40.12
CA LEU A 141 5.30 -7.44 -39.14
C LEU A 141 4.96 -8.02 -37.76
N ALA A 142 4.03 -8.98 -37.72
CA ALA A 142 3.52 -9.43 -36.42
C ALA A 142 4.57 -10.15 -35.57
N TYR A 143 5.51 -10.79 -36.24
CA TYR A 143 6.56 -11.60 -35.59
C TYR A 143 7.38 -10.81 -34.59
N ASP A 144 7.85 -9.65 -35.04
CA ASP A 144 8.80 -8.81 -34.33
C ASP A 144 8.23 -7.85 -33.29
N ILE A 145 7.18 -7.15 -33.68
CA ILE A 145 6.76 -5.97 -32.94
C ILE A 145 6.48 -6.25 -31.44
N PRO A 146 5.57 -7.20 -31.12
CA PRO A 146 5.25 -7.42 -29.70
C PRO A 146 6.44 -8.02 -28.96
N THR A 147 7.27 -8.73 -29.70
CA THR A 147 8.40 -9.40 -29.10
C THR A 147 9.43 -8.35 -28.67
N ILE A 148 9.77 -7.43 -29.57
CA ILE A 148 10.68 -6.36 -29.24
C ILE A 148 10.08 -5.53 -28.11
N THR A 149 8.77 -5.30 -28.16
CA THR A 149 8.11 -4.51 -27.13
C THR A 149 8.27 -5.14 -25.75
N ILE A 150 7.96 -6.42 -25.61
CA ILE A 150 8.02 -7.02 -24.29
C ILE A 150 9.49 -7.18 -23.83
N LEU A 151 10.39 -7.48 -24.76
CA LEU A 151 11.80 -7.60 -24.41
C LEU A 151 12.32 -6.27 -23.87
N THR A 152 11.95 -5.18 -24.53
CA THR A 152 12.35 -3.86 -24.07
C THR A 152 11.81 -3.57 -22.65
N LEU A 153 10.54 -3.87 -22.41
CA LEU A 153 9.93 -3.66 -21.08
C LEU A 153 10.65 -4.47 -19.96
N ILE A 154 10.93 -5.73 -20.25
CA ILE A 154 11.51 -6.65 -19.26
C ILE A 154 13.01 -6.35 -19.06
N GLY A 155 13.68 -5.91 -20.11
CA GLY A 155 15.07 -5.54 -20.00
C GLY A 155 15.93 -6.60 -20.65
N ALA A 156 15.31 -7.41 -21.51
CA ALA A 156 16.07 -8.40 -22.24
C ALA A 156 16.68 -7.75 -23.48
N ASP A 157 17.76 -8.35 -23.97
CA ASP A 157 18.42 -7.92 -25.19
C ASP A 157 17.50 -8.04 -26.38
N ILE A 158 17.26 -6.97 -27.12
CA ILE A 158 16.32 -7.06 -28.24
C ILE A 158 16.87 -7.86 -29.42
N SER A 159 18.17 -8.12 -29.44
CA SER A 159 18.74 -8.97 -30.49
C SER A 159 18.36 -10.43 -30.31
N MET A 160 17.63 -10.74 -29.23
CA MET A 160 17.29 -12.13 -28.94
C MET A 160 15.88 -12.52 -29.34
N VAL A 161 15.29 -11.73 -30.23
CA VAL A 161 13.94 -12.00 -30.70
C VAL A 161 13.80 -13.46 -31.19
N ASP A 162 14.71 -13.90 -32.06
CA ASP A 162 14.57 -15.24 -32.62
C ASP A 162 14.69 -16.32 -31.57
N THR A 163 15.58 -16.12 -30.60
CA THR A 163 15.71 -17.05 -29.48
C THR A 163 14.43 -17.10 -28.66
N TYR A 164 13.85 -15.95 -28.34
CA TYR A 164 12.60 -15.99 -27.56
C TYR A 164 11.44 -16.59 -28.33
N LYS A 165 11.42 -16.41 -29.65
CA LYS A 165 10.37 -17.06 -30.44
C LYS A 165 10.54 -18.60 -30.39
N ARG A 166 11.77 -19.09 -30.48
CA ARG A 166 12.01 -20.55 -30.33
C ARG A 166 11.58 -21.00 -28.93
N TRP A 167 11.99 -20.30 -27.89
CA TRP A 167 11.58 -20.69 -26.54
C TRP A 167 10.04 -20.66 -26.36
N SER A 168 9.42 -19.65 -26.97
CA SER A 168 7.96 -19.49 -26.92
C SER A 168 7.20 -20.57 -27.69
N ASP A 169 7.69 -20.89 -28.89
CA ASP A 169 7.13 -21.99 -29.66
C ASP A 169 7.22 -23.29 -28.84
N SER A 170 8.34 -23.48 -28.16
CA SER A 170 8.50 -24.70 -27.39
C SER A 170 7.60 -24.77 -26.16
N ARG A 171 7.41 -23.65 -25.46
CA ARG A 171 6.48 -23.68 -24.32
C ARG A 171 5.07 -23.99 -24.79
N ALA A 172 4.66 -23.35 -25.89
CA ALA A 172 3.31 -23.55 -26.43
C ALA A 172 3.10 -25.01 -26.85
N ALA A 173 4.12 -25.59 -27.47
CA ALA A 173 4.01 -26.96 -27.94
C ALA A 173 4.09 -27.94 -26.78
N MET A 174 5.04 -27.74 -25.88
CA MET A 174 5.18 -28.69 -24.77
C MET A 174 3.92 -28.80 -23.93
N THR A 175 3.35 -27.65 -23.60
CA THR A 175 2.25 -27.60 -22.66
C THR A 175 0.90 -27.88 -23.31
N TRP A 176 0.66 -27.42 -24.54
CA TRP A 176 -0.67 -27.58 -25.15
C TRP A 176 -0.65 -28.34 -26.48
N GLY A 177 0.51 -28.88 -26.86
CA GLY A 177 0.61 -29.60 -28.14
C GLY A 177 0.39 -31.09 -27.93
N ASP A 178 0.08 -31.79 -29.01
CA ASP A 178 -0.17 -33.23 -28.98
C ASP A 178 1.11 -33.99 -29.32
N LEU A 179 2.08 -33.90 -28.43
CA LEU A 179 3.43 -34.37 -28.69
C LEU A 179 3.69 -35.79 -28.24
N SER A 180 4.40 -36.55 -29.07
CA SER A 180 4.97 -37.81 -28.62
C SER A 180 6.13 -37.54 -27.65
N ASP A 181 6.57 -38.59 -26.96
CA ASP A 181 7.67 -38.44 -26.03
C ASP A 181 8.93 -37.96 -26.77
N GLU A 182 9.17 -38.47 -27.99
CA GLU A 182 10.34 -38.07 -28.77
CA GLU A 182 10.33 -38.09 -28.78
C GLU A 182 10.22 -36.63 -29.25
N GLU A 183 9.01 -36.21 -29.63
CA GLU A 183 8.82 -34.83 -30.10
C GLU A 183 9.02 -33.82 -28.97
N GLN A 184 8.87 -34.26 -27.71
CA GLN A 184 9.02 -33.36 -26.56
C GLN A 184 10.49 -33.00 -26.33
N ILE A 185 11.41 -33.81 -26.85
CA ILE A 185 12.85 -33.65 -26.54
C ILE A 185 13.45 -32.29 -26.98
N PRO A 186 13.30 -31.86 -28.26
CA PRO A 186 13.88 -30.50 -28.51
C PRO A 186 13.23 -29.42 -27.67
N HIS A 187 11.94 -29.51 -27.42
CA HIS A 187 11.26 -28.50 -26.63
C HIS A 187 11.75 -28.49 -25.18
N ALA A 188 12.05 -29.66 -24.65
CA ALA A 188 12.57 -29.76 -23.28
C ALA A 188 13.88 -28.98 -23.15
N HIS A 189 14.77 -29.14 -24.13
CA HIS A 189 16.08 -28.46 -24.09
C HIS A 189 15.84 -26.95 -24.13
N ASN A 190 14.90 -26.49 -24.96
CA ASN A 190 14.61 -25.07 -25.07
C ASN A 190 14.02 -24.50 -23.78
N LEU A 191 13.11 -25.26 -23.15
CA LEU A 191 12.56 -24.82 -21.87
C LEU A 191 13.65 -24.69 -20.83
N VAL A 192 14.62 -25.62 -20.82
CA VAL A 192 15.74 -25.50 -19.89
C VAL A 192 16.50 -24.19 -20.12
N GLU A 193 16.76 -23.88 -21.40
CA GLU A 193 17.48 -22.64 -21.76
C GLU A 193 16.71 -21.42 -21.30
N TYR A 194 15.42 -21.42 -21.60
CA TYR A 194 14.52 -20.34 -21.26
C TYR A 194 14.58 -20.02 -19.74
N TRP A 195 14.41 -21.05 -18.92
CA TRP A 195 14.39 -20.87 -17.46
C TRP A 195 15.72 -20.36 -16.93
N GLN A 196 16.83 -20.87 -17.49
CA GLN A 196 18.15 -20.40 -17.06
C GLN A 196 18.33 -18.89 -17.35
N GLU A 197 17.79 -18.43 -18.48
CA GLU A 197 17.92 -17.04 -18.85
C GLU A 197 17.05 -16.13 -17.96
N CYS A 198 15.84 -16.58 -17.64
CA CYS A 198 14.99 -15.89 -16.66
C CYS A 198 15.71 -15.69 -15.34
N GLN A 199 16.30 -16.76 -14.84
CA GLN A 199 17.06 -16.68 -13.58
C GLN A 199 18.29 -15.77 -13.70
N ARG A 200 18.97 -15.84 -14.84
CA ARG A 200 20.15 -15.03 -15.08
C ARG A 200 19.80 -13.56 -15.03
N MET A 201 18.64 -13.21 -15.58
CA MET A 201 18.28 -11.81 -15.62
CA MET A 201 18.21 -11.83 -15.64
C MET A 201 17.93 -11.26 -14.24
N VAL A 202 17.36 -12.09 -13.38
CA VAL A 202 17.09 -11.66 -11.98
C VAL A 202 18.40 -11.42 -11.23
N ALA A 203 19.35 -12.34 -11.42
CA ALA A 203 20.67 -12.17 -10.81
C ALA A 203 21.36 -10.90 -11.35
N ASP A 204 21.24 -10.67 -12.65
CA ASP A 204 21.87 -9.48 -13.22
C ASP A 204 21.26 -8.19 -12.66
N ALA A 205 19.95 -8.18 -12.40
CA ALA A 205 19.28 -7.02 -11.81
C ALA A 205 19.75 -6.78 -10.39
N HIS A 206 19.94 -7.86 -9.62
CA HIS A 206 20.47 -7.72 -8.27
C HIS A 206 21.83 -7.04 -8.27
N ALA A 207 22.65 -7.37 -9.27
CA ALA A 207 24.05 -6.93 -9.28
C ALA A 207 24.23 -5.54 -9.91
N HIS A 208 23.36 -5.18 -10.85
CA HIS A 208 23.61 -3.96 -11.62
C HIS A 208 22.41 -3.04 -11.78
N GLY A 209 21.29 -3.38 -11.13
CA GLY A 209 20.08 -2.58 -11.22
C GLY A 209 19.55 -2.53 -12.65
N GLY A 210 19.04 -1.37 -13.04
CA GLY A 210 18.56 -1.16 -14.39
C GLY A 210 17.25 -0.40 -14.49
N ASP A 211 16.83 -0.09 -15.71
CA ASP A 211 15.60 0.63 -15.95
C ASP A 211 14.64 -0.23 -16.78
N ASN A 212 14.02 -1.18 -16.10
CA ASN A 212 13.12 -2.12 -16.73
C ASN A 212 12.31 -2.81 -15.65
N LEU A 213 11.40 -3.68 -16.08
CA LEU A 213 10.50 -4.38 -15.19
C LEU A 213 11.23 -5.35 -14.22
N THR A 214 12.26 -6.05 -14.72
CA THR A 214 13.04 -6.97 -13.88
C THR A 214 13.70 -6.22 -12.72
N ALA A 215 14.34 -5.10 -13.04
CA ALA A 215 14.99 -4.30 -12.00
C ALA A 215 13.97 -3.71 -11.03
N ASP A 216 12.81 -3.32 -11.54
CA ASP A 216 11.75 -2.79 -10.69
C ASP A 216 11.26 -3.85 -9.69
N LEU A 217 11.15 -5.08 -10.15
CA LEU A 217 10.73 -6.19 -9.30
C LEU A 217 11.77 -6.44 -8.23
N VAL A 218 13.03 -6.41 -8.61
CA VAL A 218 14.09 -6.60 -7.61
C VAL A 218 14.11 -5.43 -6.62
N ARG A 219 13.88 -4.20 -7.10
CA ARG A 219 13.85 -3.04 -6.19
C ARG A 219 12.65 -3.16 -5.23
N ALA A 220 11.52 -3.71 -5.68
CA ALA A 220 10.39 -3.93 -4.79
C ALA A 220 10.78 -4.87 -3.63
N GLN A 221 11.38 -6.00 -3.98
CA GLN A 221 11.85 -6.98 -3.00
C GLN A 221 12.85 -6.33 -2.06
N GLN A 222 13.73 -5.50 -2.60
CA GLN A 222 14.72 -4.80 -1.79
C GLN A 222 14.05 -3.80 -0.86
N GLU A 223 12.89 -3.28 -1.27
CA GLU A 223 12.20 -2.32 -0.42
C GLU A 223 11.27 -3.02 0.59
N GLY A 224 11.24 -4.34 0.57
CA GLY A 224 10.50 -5.10 1.58
C GLY A 224 9.27 -5.87 1.10
N GLN A 225 8.93 -5.76 -0.18
CA GLN A 225 7.77 -6.50 -0.73
C GLN A 225 8.03 -8.01 -0.72
N GLU A 226 6.99 -8.79 -0.43
CA GLU A 226 7.18 -10.24 -0.31
C GLU A 226 7.10 -10.90 -1.67
N ILE A 227 8.27 -11.07 -2.27
CA ILE A 227 8.39 -11.83 -3.49
C ILE A 227 9.85 -12.35 -3.62
N THR A 228 10.01 -13.66 -3.81
CA THR A 228 11.34 -14.26 -3.85
C THR A 228 11.98 -14.16 -5.23
N ASP A 229 13.29 -14.39 -5.32
CA ASP A 229 13.98 -14.45 -6.62
C ASP A 229 13.37 -15.51 -7.53
N HIS A 230 12.99 -16.66 -6.96
CA HIS A 230 12.34 -17.69 -7.79
C HIS A 230 10.99 -17.15 -8.34
N GLU A 231 10.26 -16.40 -7.53
CA GLU A 231 8.99 -15.83 -8.00
C GLU A 231 9.17 -14.71 -9.06
N ILE A 232 10.21 -13.89 -8.92
CA ILE A 232 10.49 -12.86 -9.91
C ILE A 232 10.87 -13.56 -11.25
N ALA A 233 11.75 -14.55 -11.17
CA ALA A 233 12.17 -15.30 -12.36
C ALA A 233 10.96 -15.93 -13.04
N SER A 234 10.03 -16.41 -12.23
CA SER A 234 8.80 -17.00 -12.73
C SER A 234 7.90 -15.94 -13.40
N LEU A 235 7.91 -14.71 -12.89
CA LEU A 235 7.19 -13.62 -13.56
C LEU A 235 7.84 -13.33 -14.91
N LEU A 236 9.18 -13.38 -14.99
CA LEU A 236 9.80 -13.27 -16.31
C LEU A 236 9.40 -14.43 -17.24
N TYR A 237 9.42 -15.66 -16.74
CA TYR A 237 8.99 -16.85 -17.50
C TYR A 237 7.57 -16.62 -18.05
N SER A 238 6.73 -16.01 -17.23
CA SER A 238 5.37 -15.67 -17.65
C SER A 238 5.34 -14.57 -18.74
N LEU A 239 5.88 -13.41 -18.40
CA LEU A 239 5.75 -12.26 -19.28
C LEU A 239 6.51 -12.42 -20.61
N LEU A 240 7.64 -13.12 -20.59
CA LEU A 240 8.41 -13.28 -21.83
C LEU A 240 7.81 -14.30 -22.76
N PHE A 241 6.67 -14.87 -22.37
CA PHE A 241 5.91 -15.80 -23.20
C PHE A 241 4.52 -15.23 -23.49
N ALA A 242 3.75 -15.03 -22.42
CA ALA A 242 2.40 -14.48 -22.54
C ALA A 242 2.42 -13.08 -23.12
N GLY A 243 3.53 -12.38 -22.97
CA GLY A 243 3.63 -10.99 -23.35
C GLY A 243 3.85 -10.73 -24.83
N HIS A 244 3.96 -11.77 -25.66
CA HIS A 244 4.12 -11.53 -27.08
C HIS A 244 3.49 -12.57 -27.98
N GLU A 245 3.50 -13.84 -27.59
CA GLU A 245 2.99 -14.92 -28.45
C GLU A 245 1.55 -14.66 -28.95
N THR A 246 0.66 -14.35 -28.02
CA THR A 246 -0.72 -14.10 -28.38
C THR A 246 -0.94 -12.75 -29.09
N THR A 247 -0.03 -11.80 -28.90
CA THR A 247 -0.17 -10.50 -29.58
C THR A 247 0.30 -10.62 -31.02
N THR A 248 1.35 -11.42 -31.24
CA THR A 248 1.73 -11.74 -32.62
C THR A 248 0.55 -12.35 -33.37
N THR A 249 -0.10 -13.30 -32.72
CA THR A 249 -1.30 -13.92 -33.28
C THR A 249 -2.41 -12.90 -33.54
N LEU A 250 -2.67 -12.04 -32.56
CA LEU A 250 -3.72 -11.04 -32.71
C LEU A 250 -3.48 -10.11 -33.89
N ILE A 251 -2.26 -9.56 -34.00
CA ILE A 251 -1.94 -8.69 -35.11
C ILE A 251 -2.12 -9.44 -36.44
N SER A 252 -1.65 -10.68 -36.47
CA SER A 252 -1.82 -11.52 -37.66
C SER A 252 -3.29 -11.67 -38.02
N ASN A 253 -4.11 -11.99 -37.02
CA ASN A 253 -5.54 -12.20 -37.26
C ASN A 253 -6.28 -10.94 -37.66
N CYS A 254 -5.82 -9.80 -37.16
CA CYS A 254 -6.47 -8.55 -37.57
C CYS A 254 -6.47 -8.43 -39.08
N PHE A 255 -5.31 -8.69 -39.68
CA PHE A 255 -5.22 -8.59 -41.13
C PHE A 255 -5.89 -9.76 -41.82
N ARG A 256 -5.72 -10.97 -41.27
CA ARG A 256 -6.37 -12.16 -41.84
C ARG A 256 -7.89 -11.94 -41.96
N VAL A 257 -8.54 -11.51 -40.88
CA VAL A 257 -10.00 -11.43 -40.88
C VAL A 257 -10.52 -10.21 -41.62
N LEU A 258 -9.93 -9.05 -41.36
CA LEU A 258 -10.39 -7.82 -42.00
C LEU A 258 -10.19 -7.89 -43.52
N LEU A 259 -9.06 -8.44 -43.97
CA LEU A 259 -8.83 -8.55 -45.42
C LEU A 259 -9.81 -9.50 -46.08
N ASP A 260 -10.43 -10.34 -45.27
CA ASP A 260 -11.43 -11.26 -45.76
C ASP A 260 -12.82 -10.64 -45.71
N HIS A 261 -12.92 -9.44 -45.14
CA HIS A 261 -14.16 -8.68 -45.12
C HIS A 261 -13.90 -7.31 -45.69
N PRO A 262 -13.79 -7.23 -47.03
CA PRO A 262 -13.38 -6.02 -47.73
C PRO A 262 -14.21 -4.82 -47.38
N GLU A 263 -15.50 -5.05 -47.17
CA GLU A 263 -16.41 -3.95 -46.90
C GLU A 263 -15.98 -3.30 -45.58
N GLN A 264 -15.48 -4.10 -44.66
CA GLN A 264 -15.11 -3.59 -43.34
C GLN A 264 -13.68 -3.09 -43.30
N TRP A 265 -12.81 -3.66 -44.13
CA TRP A 265 -11.50 -3.09 -44.34
C TRP A 265 -11.66 -1.68 -44.89
N GLN A 266 -12.59 -1.54 -45.84
CA GLN A 266 -12.84 -0.26 -46.50
C GLN A 266 -13.38 0.77 -45.52
N ALA A 267 -14.23 0.33 -44.59
CA ALA A 267 -14.75 1.22 -43.56
C ALA A 267 -13.62 1.77 -42.68
N ILE A 268 -12.66 0.90 -42.38
CA ILE A 268 -11.48 1.27 -41.58
C ILE A 268 -10.60 2.28 -42.31
N LEU A 269 -10.41 2.06 -43.60
CA LEU A 269 -9.70 3.03 -44.44
C LEU A 269 -10.37 4.40 -44.38
N GLU A 270 -11.69 4.40 -44.49
CA GLU A 270 -12.44 5.64 -44.54
C GLU A 270 -12.45 6.36 -43.20
N ASN A 271 -12.41 5.58 -42.12
CA ASN A 271 -12.50 6.14 -40.76
C ASN A 271 -11.66 5.35 -39.77
N PRO A 272 -10.39 5.77 -39.58
CA PRO A 272 -9.43 5.12 -38.67
C PRO A 272 -9.91 5.04 -37.22
N LYS A 273 -10.93 5.83 -36.87
CA LYS A 273 -11.49 5.86 -35.52
C LYS A 273 -12.21 4.57 -35.18
N LEU A 274 -12.50 3.76 -36.20
CA LEU A 274 -13.19 2.51 -35.99
C LEU A 274 -12.25 1.38 -35.61
N ILE A 275 -10.95 1.63 -35.65
CA ILE A 275 -9.98 0.57 -35.48
C ILE A 275 -10.04 -0.07 -34.09
N PRO A 276 -10.14 0.73 -33.02
CA PRO A 276 -10.24 0.03 -31.73
C PRO A 276 -11.47 -0.90 -31.58
N ALA A 277 -12.64 -0.54 -32.11
CA ALA A 277 -13.79 -1.45 -32.08
C ALA A 277 -13.54 -2.65 -32.98
N ALA A 278 -12.80 -2.43 -34.07
CA ALA A 278 -12.45 -3.52 -34.98
C ALA A 278 -11.60 -4.55 -34.26
N VAL A 279 -10.64 -4.08 -33.45
CA VAL A 279 -9.81 -4.99 -32.68
C VAL A 279 -10.66 -5.74 -31.62
N ASP A 280 -11.62 -5.07 -31.00
CA ASP A 280 -12.54 -5.77 -30.10
C ASP A 280 -13.22 -6.96 -30.77
N GLU A 281 -13.69 -6.75 -32.00
CA GLU A 281 -14.42 -7.77 -32.74
C GLU A 281 -13.49 -8.89 -33.27
N VAL A 282 -12.26 -8.56 -33.61
CA VAL A 282 -11.29 -9.60 -33.94
C VAL A 282 -11.01 -10.45 -32.70
N LEU A 283 -10.90 -9.82 -31.54
CA LEU A 283 -10.71 -10.59 -30.30
C LEU A 283 -11.89 -11.55 -30.03
N ARG A 284 -13.13 -11.13 -30.31
CA ARG A 284 -14.30 -12.00 -30.13
C ARG A 284 -14.31 -13.13 -31.14
N TYR A 285 -14.09 -12.76 -32.39
CA TYR A 285 -14.30 -13.66 -33.53
C TYR A 285 -13.12 -14.56 -33.81
N SER A 286 -11.92 -14.11 -33.41
CA SER A 286 -10.66 -14.75 -33.74
C SER A 286 -9.63 -14.52 -32.62
N GLY A 287 -10.01 -14.81 -31.37
CA GLY A 287 -9.11 -14.65 -30.24
C GLY A 287 -7.87 -15.53 -30.35
N SER A 288 -6.76 -15.12 -29.75
CA SER A 288 -5.52 -15.87 -29.88
C SER A 288 -5.57 -17.22 -29.14
N ILE A 289 -6.40 -17.26 -28.11
CA ILE A 289 -6.61 -18.47 -27.28
C ILE A 289 -8.08 -18.86 -27.39
N VAL A 290 -8.37 -20.10 -27.78
CA VAL A 290 -9.76 -20.53 -27.89
C VAL A 290 -10.23 -21.38 -26.72
N GLY A 291 -9.29 -21.93 -25.94
CA GLY A 291 -9.63 -22.77 -24.80
C GLY A 291 -8.63 -22.62 -23.66
N TRP A 292 -9.12 -22.60 -22.43
CA TRP A 292 -8.26 -22.45 -21.25
C TRP A 292 -8.77 -23.37 -20.15
N ARG A 293 -7.88 -23.81 -19.26
CA ARG A 293 -8.24 -24.90 -18.35
C ARG A 293 -8.51 -24.51 -16.91
N ARG A 294 -9.36 -25.31 -16.25
CA ARG A 294 -9.64 -25.19 -14.84
C ARG A 294 -9.65 -26.61 -14.20
N LYS A 295 -9.62 -26.66 -12.88
CA LYS A 295 -9.72 -27.92 -12.14
C LYS A 295 -10.79 -27.77 -11.06
N ALA A 296 -11.73 -28.71 -10.97
CA ALA A 296 -12.75 -28.68 -9.92
C ALA A 296 -12.11 -29.02 -8.58
N LEU A 297 -12.31 -28.17 -7.57
CA LEU A 297 -11.74 -28.36 -6.24
C LEU A 297 -12.66 -29.19 -5.33
N LYS A 298 -13.89 -29.42 -5.78
CA LYS A 298 -14.88 -30.20 -5.05
C LYS A 298 -15.91 -30.66 -6.07
N ASP A 299 -16.75 -31.62 -5.69
CA ASP A 299 -17.89 -32.02 -6.53
C ASP A 299 -18.73 -30.79 -6.77
N THR A 300 -19.10 -30.55 -8.02
CA THR A 300 -19.82 -29.36 -8.37
C THR A 300 -20.59 -29.64 -9.66
N GLU A 301 -21.08 -28.59 -10.33
CA GLU A 301 -21.84 -28.74 -11.57
C GLU A 301 -21.44 -27.62 -12.50
N ILE A 302 -21.48 -27.90 -13.81
CA ILE A 302 -21.41 -26.86 -14.81
C ILE A 302 -22.58 -27.09 -15.75
N GLY A 303 -23.45 -26.08 -15.84
CA GLY A 303 -24.62 -26.18 -16.67
C GLY A 303 -25.51 -27.36 -16.32
N GLY A 304 -25.62 -27.67 -15.03
CA GLY A 304 -26.47 -28.76 -14.58
C GLY A 304 -25.83 -30.13 -14.66
N VAL A 305 -24.62 -30.19 -15.17
CA VAL A 305 -23.93 -31.46 -15.31
C VAL A 305 -22.93 -31.68 -14.18
N ALA A 306 -23.04 -32.81 -13.50
CA ALA A 306 -22.18 -33.10 -12.36
C ALA A 306 -20.74 -33.32 -12.77
N ILE A 307 -19.87 -32.62 -12.07
CA ILE A 307 -18.43 -32.71 -12.26
C ILE A 307 -17.80 -33.13 -10.92
N LYS A 308 -16.89 -34.09 -10.98
CA LYS A 308 -16.21 -34.63 -9.80
C LYS A 308 -15.06 -33.76 -9.35
N GLU A 309 -14.84 -33.69 -8.03
CA GLU A 309 -13.61 -33.15 -7.48
C GLU A 309 -12.39 -33.73 -8.22
N GLY A 310 -11.52 -32.86 -8.70
CA GLY A 310 -10.32 -33.31 -9.40
C GLY A 310 -10.46 -33.39 -10.92
N ASP A 311 -11.69 -33.37 -11.43
CA ASP A 311 -11.92 -33.39 -12.89
C ASP A 311 -11.33 -32.13 -13.52
N GLY A 312 -10.79 -32.29 -14.71
CA GLY A 312 -10.32 -31.17 -15.52
C GLY A 312 -11.44 -30.56 -16.35
N VAL A 313 -11.35 -29.26 -16.60
CA VAL A 313 -12.37 -28.52 -17.36
C VAL A 313 -11.69 -27.71 -18.43
N LEU A 314 -12.13 -27.87 -19.68
CA LEU A 314 -11.63 -27.04 -20.77
C LEU A 314 -12.71 -26.04 -21.17
N LEU A 315 -12.48 -24.77 -20.88
CA LEU A 315 -13.43 -23.71 -21.22
C LEU A 315 -13.12 -23.15 -22.61
N LEU A 316 -14.00 -23.41 -23.58
CA LEU A 316 -13.75 -22.96 -24.95
C LEU A 316 -14.29 -21.54 -25.18
N MET A 317 -13.50 -20.54 -24.81
CA MET A 317 -13.88 -19.12 -25.00
C MET A 317 -14.17 -18.83 -26.46
N GLY A 318 -13.47 -19.52 -27.37
CA GLY A 318 -13.74 -19.36 -28.77
C GLY A 318 -15.20 -19.68 -29.10
N SER A 319 -15.78 -20.62 -28.35
CA SER A 319 -17.19 -20.96 -28.51
C SER A 319 -18.08 -19.96 -27.77
N ALA A 320 -17.68 -19.61 -26.56
CA ALA A 320 -18.44 -18.63 -25.79
C ALA A 320 -18.66 -17.39 -26.62
N ASN A 321 -17.62 -17.00 -27.34
CA ASN A 321 -17.63 -15.76 -28.11
C ASN A 321 -18.60 -15.76 -29.31
N ARG A 322 -19.14 -16.92 -29.68
CA ARG A 322 -20.07 -17.03 -30.80
C ARG A 322 -21.47 -17.36 -30.31
N ASP A 323 -21.62 -17.52 -29.00
CA ASP A 323 -22.88 -18.00 -28.45
C ASP A 323 -24.04 -17.03 -28.77
N GLU A 324 -25.04 -17.52 -29.50
CA GLU A 324 -26.18 -16.70 -29.89
C GLU A 324 -26.91 -16.16 -28.64
N ALA A 325 -26.77 -16.83 -27.50
CA ALA A 325 -27.39 -16.33 -26.26
C ALA A 325 -26.79 -14.97 -25.81
N ARG A 326 -25.61 -14.60 -26.32
CA ARG A 326 -24.95 -13.36 -25.90
C ARG A 326 -24.61 -12.46 -27.11
N PHE A 327 -24.38 -13.07 -28.26
CA PHE A 327 -23.99 -12.31 -29.44
C PHE A 327 -24.90 -12.62 -30.61
N GLU A 328 -25.81 -11.70 -30.93
CA GLU A 328 -26.75 -11.92 -32.03
C GLU A 328 -25.98 -12.09 -33.36
N ASN A 329 -26.39 -13.09 -34.15
CA ASN A 329 -25.67 -13.48 -35.37
C ASN A 329 -24.20 -13.66 -35.06
N GLY A 330 -23.94 -14.47 -34.04
CA GLY A 330 -22.61 -14.57 -33.49
C GLY A 330 -21.54 -15.12 -34.41
N GLU A 331 -21.94 -15.83 -35.48
CA GLU A 331 -20.95 -16.39 -36.40
C GLU A 331 -20.48 -15.36 -37.46
N GLU A 332 -21.04 -14.15 -37.43
CA GLU A 332 -20.65 -13.10 -38.40
C GLU A 332 -19.66 -12.09 -37.82
N PHE A 333 -18.64 -11.73 -38.59
CA PHE A 333 -17.68 -10.71 -38.19
C PHE A 333 -18.28 -9.34 -38.49
N ASP A 334 -18.41 -8.52 -37.45
CA ASP A 334 -19.01 -7.19 -37.61
C ASP A 334 -18.33 -6.21 -36.68
N ILE A 335 -17.50 -5.35 -37.24
CA ILE A 335 -16.68 -4.45 -36.42
C ILE A 335 -17.53 -3.43 -35.67
N SER A 336 -18.79 -3.30 -36.05
CA SER A 336 -19.66 -2.35 -35.38
C SER A 336 -20.42 -2.99 -34.21
N ARG A 337 -20.18 -4.28 -33.96
CA ARG A 337 -20.89 -4.98 -32.91
C ARG A 337 -20.76 -4.28 -31.54
N ALA A 338 -21.87 -3.83 -30.99
CA ALA A 338 -21.84 -2.94 -29.82
C ALA A 338 -21.35 -3.63 -28.55
N ASN A 339 -21.60 -4.93 -28.42
CA ASN A 339 -21.21 -5.62 -27.18
C ASN A 339 -20.01 -6.56 -27.39
N ALA A 340 -19.17 -6.26 -28.38
CA ALA A 340 -18.02 -7.11 -28.64
C ALA A 340 -17.11 -7.25 -27.43
N ARG A 341 -17.01 -6.20 -26.63
CA ARG A 341 -16.15 -6.23 -25.44
C ARG A 341 -16.72 -7.15 -24.34
N GLU A 342 -17.86 -7.78 -24.59
CA GLU A 342 -18.29 -8.82 -23.65
C GLU A 342 -17.57 -10.15 -23.91
N HIS A 343 -16.65 -10.16 -24.86
CA HIS A 343 -15.96 -11.40 -25.21
C HIS A 343 -15.09 -11.91 -24.07
N LEU A 344 -14.72 -13.18 -24.13
CA LEU A 344 -13.98 -13.80 -23.03
C LEU A 344 -12.59 -14.21 -23.48
N SER A 345 -12.07 -13.57 -24.51
CA SER A 345 -10.76 -13.97 -25.06
C SER A 345 -9.61 -13.59 -24.12
N PHE A 346 -9.87 -12.69 -23.17
CA PHE A 346 -8.87 -12.35 -22.14
C PHE A 346 -9.23 -13.03 -20.80
N GLY A 347 -10.21 -13.93 -20.84
CA GLY A 347 -10.72 -14.50 -19.59
C GLY A 347 -11.67 -13.57 -18.85
N PHE A 348 -11.83 -13.84 -17.54
CA PHE A 348 -12.74 -13.08 -16.68
C PHE A 348 -12.46 -13.45 -15.23
N GLY A 349 -12.45 -12.47 -14.34
CA GLY A 349 -12.26 -12.76 -12.93
C GLY A 349 -10.85 -12.55 -12.43
N ILE A 350 -10.42 -13.36 -11.47
CA ILE A 350 -9.18 -13.03 -10.76
C ILE A 350 -7.90 -13.17 -11.58
N HIS A 351 -7.94 -13.99 -12.63
CA HIS A 351 -6.76 -14.18 -13.50
C HIS A 351 -6.86 -13.37 -14.80
N TYR A 352 -7.83 -12.46 -14.89
CA TYR A 352 -8.07 -11.70 -16.12
C TYR A 352 -6.77 -11.13 -16.68
N CYS A 353 -6.59 -11.25 -17.99
CA CYS A 353 -5.34 -10.89 -18.66
C CYS A 353 -4.68 -9.59 -18.15
N LEU A 354 -3.44 -9.71 -17.71
CA LEU A 354 -2.67 -8.60 -17.21
C LEU A 354 -2.30 -7.62 -18.32
N GLY A 355 -2.09 -8.11 -19.53
CA GLY A 355 -1.57 -7.23 -20.56
C GLY A 355 -2.50 -6.84 -21.67
N ASN A 356 -3.81 -7.00 -21.43
CA ASN A 356 -4.80 -6.79 -22.48
C ASN A 356 -4.70 -5.41 -23.18
N MET A 357 -4.40 -4.37 -22.41
CA MET A 357 -4.26 -3.03 -22.99
C MET A 357 -3.04 -2.91 -23.87
N LEU A 358 -1.94 -3.55 -23.45
CA LEU A 358 -0.71 -3.52 -24.23
C LEU A 358 -0.90 -4.24 -25.56
N ALA A 359 -1.62 -5.34 -25.52
CA ALA A 359 -1.93 -6.12 -26.72
C ALA A 359 -2.83 -5.33 -27.68
N LYS A 360 -3.88 -4.70 -27.17
CA LYS A 360 -4.79 -3.92 -28.03
C LYS A 360 -4.07 -2.70 -28.60
N LEU A 361 -3.23 -2.08 -27.78
CA LEU A 361 -2.44 -0.93 -28.25
C LEU A 361 -1.64 -1.29 -29.52
N GLN A 362 -0.95 -2.42 -29.47
CA GLN A 362 -0.11 -2.81 -30.60
C GLN A 362 -0.94 -3.20 -31.80
N ALA A 363 -2.07 -3.88 -31.59
CA ALA A 363 -2.95 -4.20 -32.72
C ALA A 363 -3.47 -2.93 -33.39
N LYS A 364 -3.86 -1.95 -32.56
CA LYS A 364 -4.37 -0.70 -33.08
C LYS A 364 -3.34 0.03 -33.91
N ILE A 365 -2.13 0.14 -33.39
CA ILE A 365 -1.07 0.85 -34.10
C ILE A 365 -0.75 0.15 -35.43
N CYS A 366 -0.70 -1.18 -35.41
CA CYS A 366 -0.44 -1.92 -36.64
C CYS A 366 -1.51 -1.64 -37.69
N LEU A 367 -2.78 -1.67 -37.29
CA LEU A 367 -3.87 -1.41 -38.23
C LEU A 367 -3.86 0.04 -38.74
N GLU A 368 -3.57 0.98 -37.85
CA GLU A 368 -3.49 2.38 -38.22
C GLU A 368 -2.44 2.60 -39.31
N GLU A 369 -1.23 2.11 -39.09
CA GLU A 369 -0.16 2.41 -40.04
C GLU A 369 -0.28 1.60 -41.33
N VAL A 370 -0.69 0.34 -41.24
CA VAL A 370 -0.78 -0.46 -42.46
C VAL A 370 -1.92 0.07 -43.35
N THR A 371 -3.06 0.42 -42.77
CA THR A 371 -4.15 0.96 -43.59
C THR A 371 -3.75 2.31 -44.19
N ARG A 372 -2.93 3.08 -43.48
CA ARG A 372 -2.48 4.38 -43.98
C ARG A 372 -1.52 4.22 -45.15
N LEU A 373 -0.57 3.30 -45.02
CA LEU A 373 0.51 3.10 -45.96
C LEU A 373 0.21 2.14 -47.09
N VAL A 374 -0.68 1.19 -46.86
CA VAL A 374 -1.04 0.25 -47.91
C VAL A 374 -2.54 0.04 -47.93
N PRO A 375 -3.31 1.06 -48.35
CA PRO A 375 -4.76 0.85 -48.36
C PRO A 375 -5.18 -0.24 -49.35
N SER A 376 -4.38 -0.53 -50.36
CA SER A 376 -4.74 -1.53 -51.38
C SER A 376 -4.36 -2.95 -50.96
N LEU A 377 -3.96 -3.13 -49.70
CA LEU A 377 -3.56 -4.44 -49.19
C LEU A 377 -4.66 -5.45 -49.39
N HIS A 378 -4.31 -6.67 -49.81
CA HIS A 378 -5.28 -7.76 -49.85
C HIS A 378 -4.61 -9.14 -49.83
N LEU A 379 -5.40 -10.17 -49.51
CA LEU A 379 -4.88 -11.52 -49.38
C LEU A 379 -4.44 -12.05 -50.75
N VAL A 380 -3.34 -12.81 -50.77
CA VAL A 380 -2.78 -13.36 -52.00
C VAL A 380 -3.81 -14.23 -52.70
N ALA A 381 -4.44 -15.09 -51.93
CA ALA A 381 -5.46 -15.98 -52.46
C ALA A 381 -6.25 -16.52 -51.30
N ASP A 382 -7.33 -17.24 -51.59
CA ASP A 382 -8.07 -17.89 -50.53
C ASP A 382 -7.30 -19.20 -50.32
N LYS A 383 -7.63 -19.93 -49.26
CA LYS A 383 -7.01 -21.21 -48.93
C LYS A 383 -5.48 -21.21 -48.98
N ALA A 384 -4.90 -20.13 -48.46
CA ALA A 384 -3.45 -20.01 -48.45
C ALA A 384 -2.96 -19.89 -47.01
N ILE A 385 -3.86 -20.08 -46.04
CA ILE A 385 -3.50 -19.87 -44.63
C ILE A 385 -3.75 -21.12 -43.81
N GLY A 386 -2.71 -21.63 -43.15
CA GLY A 386 -2.84 -22.79 -42.29
C GLY A 386 -2.66 -22.39 -40.83
N PHE A 387 -3.16 -23.24 -39.94
CA PHE A 387 -3.07 -23.03 -38.50
C PHE A 387 -2.35 -24.21 -37.86
N ARG A 388 -1.45 -23.91 -36.95
CA ARG A 388 -0.70 -24.94 -36.23
C ARG A 388 -1.61 -25.67 -35.23
N GLU A 389 -1.40 -26.97 -35.08
CA GLU A 389 -2.22 -27.74 -34.16
C GLU A 389 -1.82 -27.51 -32.71
N ASN A 390 -2.81 -27.30 -31.87
CA ASN A 390 -2.59 -26.95 -30.48
C ASN A 390 -3.96 -27.05 -29.79
N LEU A 391 -4.00 -27.29 -28.49
CA LEU A 391 -5.29 -27.40 -27.80
C LEU A 391 -5.93 -26.04 -27.55
N SER A 392 -5.08 -25.05 -27.32
CA SER A 392 -5.53 -23.76 -26.77
C SER A 392 -5.20 -22.54 -27.65
N PHE A 393 -4.04 -22.55 -28.29
CA PHE A 393 -3.59 -21.40 -29.09
C PHE A 393 -3.92 -21.58 -30.55
N ARG A 394 -4.57 -20.59 -31.15
CA ARG A 394 -5.02 -20.68 -32.56
C ARG A 394 -4.18 -19.72 -33.41
N VAL A 395 -3.13 -20.25 -34.04
CA VAL A 395 -2.08 -19.43 -34.63
C VAL A 395 -2.03 -19.64 -36.13
N PRO A 396 -2.38 -18.61 -36.92
CA PRO A 396 -2.18 -18.73 -38.37
C PRO A 396 -0.68 -18.66 -38.68
N THR A 397 -0.17 -19.60 -39.47
CA THR A 397 1.28 -19.64 -39.65
C THR A 397 1.80 -18.57 -40.64
N SER A 398 0.90 -18.05 -41.47
CA SER A 398 1.22 -17.00 -42.40
C SER A 398 -0.02 -16.23 -42.76
N VAL A 399 0.16 -15.00 -43.23
CA VAL A 399 -0.94 -14.26 -43.85
C VAL A 399 -0.44 -13.62 -45.14
N PRO A 400 -0.41 -14.41 -46.23
CA PRO A 400 0.13 -13.91 -47.51
C PRO A 400 -0.71 -12.79 -48.07
N VAL A 401 -0.04 -11.68 -48.40
CA VAL A 401 -0.69 -10.49 -48.87
C VAL A 401 0.04 -9.93 -50.07
N THR A 402 -0.67 -9.11 -50.83
CA THR A 402 -0.05 -8.38 -51.91
C THR A 402 -0.70 -7.01 -51.97
N TRP A 403 -0.21 -6.15 -52.85
CA TRP A 403 -0.70 -4.79 -52.92
C TRP A 403 -0.48 -4.21 -54.30
N ASN A 404 -0.93 -2.99 -54.51
CA ASN A 404 -0.76 -2.35 -55.81
C ASN A 404 0.53 -1.55 -55.92
N ALA A 405 1.40 -2.00 -56.82
CA ALA A 405 2.60 -1.29 -57.27
C ALA A 405 2.59 0.22 -57.05
N THR B 1 19.88 39.90 31.29
CA THR B 1 19.96 39.23 32.59
C THR B 1 18.56 39.05 33.20
N SER B 2 17.53 39.19 32.39
CA SER B 2 16.19 38.98 32.91
C SER B 2 15.67 37.62 32.47
N HIS B 3 16.46 36.93 31.67
CA HIS B 3 16.10 35.61 31.17
C HIS B 3 17.25 34.60 31.38
N HIS B 4 17.98 34.75 32.48
CA HIS B 4 19.03 33.80 32.88
C HIS B 4 20.17 33.73 31.87
N GLY B 5 20.38 34.81 31.12
CA GLY B 5 21.47 34.89 30.18
C GLY B 5 21.11 34.48 28.77
N TYR B 6 19.88 34.00 28.59
CA TYR B 6 19.41 33.55 27.29
C TYR B 6 19.15 34.74 26.36
N GLN B 7 19.80 34.72 25.20
CA GLN B 7 19.61 35.73 24.17
C GLN B 7 19.17 35.04 22.89
N PRO B 8 17.86 35.16 22.57
CA PRO B 8 17.16 34.29 21.62
C PRO B 8 17.84 34.19 20.28
N PHE B 9 18.45 35.28 19.84
CA PHE B 9 19.02 35.30 18.50
C PHE B 9 20.55 35.17 18.50
N ASP B 10 21.15 35.12 19.69
CA ASP B 10 22.61 35.03 19.81
C ASP B 10 23.07 33.58 19.71
N MET B 11 23.67 33.23 18.59
CA MET B 11 24.04 31.86 18.32
C MET B 11 25.50 31.52 18.61
N HIS B 12 26.26 32.48 19.14
CA HIS B 12 27.70 32.23 19.22
C HIS B 12 28.06 31.20 20.29
N ASN B 13 27.44 31.27 21.47
CA ASN B 13 27.71 30.30 22.52
C ASN B 13 26.59 30.24 23.55
N PRO B 14 25.47 29.60 23.19
CA PRO B 14 24.28 29.62 24.05
C PRO B 14 24.31 28.64 25.20
N PHE B 15 25.31 27.77 25.25
CA PHE B 15 25.26 26.63 26.17
C PHE B 15 25.33 26.98 27.67
N PRO B 16 26.14 27.98 28.06
CA PRO B 16 26.04 28.41 29.47
C PRO B 16 24.64 28.91 29.84
N ALA B 17 23.97 29.64 28.96
CA ALA B 17 22.60 30.04 29.25
C ALA B 17 21.66 28.83 29.32
N TYR B 18 21.85 27.88 28.41
CA TYR B 18 21.07 26.64 28.44
C TYR B 18 21.21 25.95 29.80
N LYS B 19 22.44 25.86 30.28
CA LYS B 19 22.70 25.21 31.56
C LYS B 19 22.02 25.92 32.74
N GLU B 20 22.10 27.25 32.77
CA GLU B 20 21.45 28.01 33.83
C GLU B 20 19.92 27.78 33.75
N LEU B 21 19.38 27.78 32.53
CA LEU B 21 17.95 27.55 32.34
C LEU B 21 17.48 26.17 32.83
N ARG B 22 18.22 25.12 32.47
CA ARG B 22 17.86 23.78 32.88
C ARG B 22 17.76 23.70 34.39
N GLN B 23 18.61 24.46 35.06
CA GLN B 23 18.67 24.39 36.51
C GLN B 23 17.68 25.35 37.21
N GLU B 24 17.43 26.54 36.64
CA GLU B 24 16.67 27.58 37.34
C GLU B 24 15.24 27.79 36.81
N GLU B 25 15.03 27.66 35.49
CA GLU B 25 13.72 27.87 34.90
C GLU B 25 13.64 27.05 33.61
N PRO B 26 13.47 25.72 33.75
CA PRO B 26 13.55 24.77 32.64
C PRO B 26 12.40 24.91 31.68
N VAL B 27 11.33 25.57 32.12
CA VAL B 27 10.22 25.91 31.25
C VAL B 27 9.91 27.39 31.45
N MET B 28 10.45 28.22 30.58
CA MET B 28 10.39 29.67 30.77
C MET B 28 9.57 30.40 29.71
N PHE B 29 8.58 31.18 30.11
CA PHE B 29 7.90 31.99 29.12
C PHE B 29 8.74 33.23 28.80
N ASP B 30 9.11 33.41 27.53
CA ASP B 30 9.96 34.51 27.07
C ASP B 30 9.12 35.48 26.25
N GLU B 31 8.79 36.61 26.86
CA GLU B 31 7.92 37.61 26.24
C GLU B 31 8.60 38.35 25.09
N ARG B 32 9.92 38.26 25.02
CA ARG B 32 10.65 38.94 23.96
C ARG B 32 10.32 38.30 22.64
N ILE B 33 10.05 36.99 22.68
CA ILE B 33 9.71 36.24 21.49
C ILE B 33 8.32 35.60 21.57
N GLY B 34 7.76 35.50 22.76
CA GLY B 34 6.41 34.99 22.91
C GLY B 34 6.32 33.47 22.94
N TYR B 35 7.33 32.83 23.50
CA TYR B 35 7.39 31.37 23.56
C TYR B 35 7.73 30.87 24.93
N TRP B 36 7.18 29.71 25.27
CA TRP B 36 7.69 28.93 26.38
C TRP B 36 9.00 28.30 25.95
N VAL B 37 10.08 28.67 26.62
CA VAL B 37 11.40 28.16 26.28
C VAL B 37 11.69 26.92 27.13
N VAL B 38 11.90 25.79 26.47
CA VAL B 38 12.01 24.49 27.16
C VAL B 38 13.41 23.94 26.96
N THR B 39 14.08 23.55 28.05
CA THR B 39 15.51 23.23 27.99
C THR B 39 15.94 21.83 28.47
N LYS B 40 15.06 21.09 29.13
CA LYS B 40 15.47 19.78 29.64
C LYS B 40 15.18 18.63 28.67
N TYR B 41 16.07 17.64 28.66
CA TYR B 41 15.98 16.55 27.71
C TYR B 41 14.63 15.82 27.80
N ASP B 42 14.23 15.38 29.00
CA ASP B 42 13.00 14.63 29.13
C ASP B 42 11.75 15.43 28.69
N ASP B 43 11.66 16.69 29.11
CA ASP B 43 10.52 17.54 28.70
C ASP B 43 10.49 17.77 27.18
N ILE B 44 11.66 17.99 26.59
CA ILE B 44 11.68 18.22 25.14
C ILE B 44 11.29 16.95 24.37
N LYS B 45 11.87 15.81 24.73
CA LYS B 45 11.52 14.57 24.05
C LYS B 45 10.03 14.23 24.22
N THR B 46 9.51 14.39 25.44
CA THR B 46 8.09 14.10 25.68
C THR B 46 7.22 15.03 24.82
N THR B 47 7.62 16.30 24.70
CA THR B 47 6.84 17.26 23.91
C THR B 47 6.83 16.90 22.44
N PHE B 48 7.99 16.58 21.89
CA PHE B 48 8.12 16.08 20.51
C PHE B 48 7.22 14.87 20.27
N ASP B 49 7.26 13.94 21.21
CA ASP B 49 6.57 12.66 21.05
C ASP B 49 5.04 12.84 21.06
N ASP B 50 4.57 13.81 21.85
CA ASP B 50 3.14 14.04 22.02
C ASP B 50 2.61 15.02 20.96
N TRP B 51 2.55 14.55 19.73
CA TRP B 51 2.14 15.37 18.61
C TRP B 51 0.64 15.72 18.68
N GLU B 52 -0.14 14.89 19.37
CA GLU B 52 -1.58 15.14 19.48
C GLU B 52 -1.87 16.38 20.35
N THR B 53 -0.95 16.69 21.26
CA THR B 53 -1.08 17.84 22.14
C THR B 53 -0.30 19.04 21.60
N PHE B 54 0.88 18.77 21.06
CA PHE B 54 1.78 19.82 20.58
C PHE B 54 1.99 19.76 19.08
N SER B 55 1.27 20.65 18.42
CA SER B 55 1.27 20.77 16.99
C SER B 55 2.53 21.48 16.48
N SER B 56 2.96 21.14 15.27
CA SER B 56 4.08 21.82 14.63
C SER B 56 3.61 22.96 13.73
N GLU B 57 2.32 23.29 13.79
CA GLU B 57 1.74 24.18 12.78
C GLU B 57 2.38 25.57 12.72
N ASN B 58 3.06 26.00 13.78
CA ASN B 58 3.74 27.31 13.79
C ASN B 58 5.24 27.22 13.50
N ALA B 59 5.72 26.05 13.13
CA ALA B 59 7.17 25.84 12.99
C ALA B 59 7.76 26.69 11.89
N GLN B 60 6.90 27.15 10.99
CA GLN B 60 7.34 27.96 9.85
C GLN B 60 6.75 29.35 9.94
N ALA B 61 6.15 29.71 11.07
CA ALA B 61 5.67 31.08 11.22
C ALA B 61 6.84 32.04 11.39
N PRO B 62 6.79 33.21 10.71
CA PRO B 62 7.91 34.13 10.85
C PRO B 62 8.07 34.60 12.28
N VAL B 63 9.31 34.62 12.78
CA VAL B 63 9.58 35.10 14.12
C VAL B 63 9.29 36.57 14.21
N ARG B 64 9.69 37.32 13.19
CA ARG B 64 9.27 38.71 13.06
C ARG B 64 8.26 38.84 11.93
N LYS B 65 7.16 39.52 12.21
CA LYS B 65 6.07 39.70 11.27
C LYS B 65 6.55 40.22 9.92
N ARG B 66 6.01 39.66 8.86
CA ARG B 66 6.32 40.12 7.50
C ARG B 66 5.78 41.52 7.23
N GLY B 67 6.66 42.43 6.83
CA GLY B 67 6.27 43.82 6.64
C GLY B 67 5.33 44.06 5.49
N PRO B 68 4.79 45.28 5.39
CA PRO B 68 3.78 45.58 4.37
C PRO B 68 4.25 45.35 2.93
N GLN B 69 5.45 45.83 2.59
CA GLN B 69 5.96 45.70 1.21
C GLN B 69 6.23 44.25 0.87
N ALA B 70 6.97 43.59 1.75
CA ALA B 70 7.28 42.18 1.58
C ALA B 70 6.00 41.38 1.45
N THR B 71 5.01 41.75 2.25
CA THR B 71 3.70 41.08 2.19
C THR B 71 3.03 41.26 0.83
N GLN B 72 3.05 42.49 0.33
CA GLN B 72 2.42 42.78 -0.97
C GLN B 72 3.16 42.10 -2.13
N ILE B 73 4.49 42.14 -2.08
CA ILE B 73 5.35 41.51 -3.07
C ILE B 73 5.03 40.03 -3.20
N MET B 74 4.93 39.35 -2.06
CA MET B 74 4.75 37.90 -2.07
C MET B 74 3.32 37.57 -2.48
N THR B 75 2.38 38.40 -2.11
CA THR B 75 1.01 38.25 -2.61
C THR B 75 0.97 38.46 -4.13
N ASP B 76 1.61 39.53 -4.59
CA ASP B 76 1.62 39.85 -6.03
C ASP B 76 2.38 38.80 -6.83
N GLY B 77 3.39 38.19 -6.23
CA GLY B 77 4.20 37.21 -6.92
C GLY B 77 3.63 35.80 -6.88
N GLY B 78 2.45 35.64 -6.30
CA GLY B 78 1.80 34.33 -6.27
C GLY B 78 2.43 33.32 -5.32
N PHE B 79 3.02 33.83 -4.23
CA PHE B 79 3.63 32.97 -3.22
C PHE B 79 2.51 32.37 -2.37
N THR B 80 2.23 31.09 -2.56
CA THR B 80 1.12 30.46 -1.83
C THR B 80 1.62 29.31 -0.96
N ALA B 81 2.92 29.25 -0.78
CA ALA B 81 3.54 28.20 0.03
C ALA B 81 3.59 28.57 1.52
N TYR B 82 3.66 27.54 2.38
CA TYR B 82 3.91 27.70 3.80
C TYR B 82 4.88 26.64 4.30
N SER B 83 4.50 25.37 4.16
CA SER B 83 5.37 24.29 4.61
C SER B 83 5.13 23.01 3.82
N GLY B 84 6.21 22.44 3.28
CA GLY B 84 6.10 21.16 2.61
C GLY B 84 5.69 20.06 3.57
N LEU B 85 6.35 20.02 4.72
CA LEU B 85 6.12 18.98 5.71
C LEU B 85 6.20 19.40 7.17
N SER B 86 7.23 20.17 7.50
CA SER B 86 7.59 20.32 8.90
C SER B 86 6.49 20.96 9.72
N ALA B 87 5.70 21.82 9.09
CA ALA B 87 4.69 22.54 9.83
C ALA B 87 3.27 22.09 9.49
N ARG B 88 3.15 21.02 8.73
CA ARG B 88 1.86 20.41 8.50
C ARG B 88 1.47 19.54 9.68
N ILE B 89 0.18 19.32 9.87
CA ILE B 89 -0.27 18.43 10.95
C ILE B 89 -1.16 17.37 10.35
N PRO B 90 -1.31 16.22 11.05
CA PRO B 90 -2.21 15.16 10.59
C PRO B 90 -3.65 15.65 10.41
N PRO B 91 -4.38 15.09 9.43
CA PRO B 91 -4.03 13.97 8.56
C PRO B 91 -3.19 14.31 7.33
N GLU B 92 -3.12 15.60 6.99
CA GLU B 92 -2.35 16.05 5.84
C GLU B 92 -0.88 15.61 5.94
N HIS B 93 -0.27 15.88 7.07
CA HIS B 93 1.15 15.52 7.23
C HIS B 93 1.40 14.02 7.00
N THR B 94 0.58 13.23 7.66
CA THR B 94 0.70 11.78 7.62
C THR B 94 0.69 11.30 6.18
N ARG B 95 -0.31 11.75 5.42
CA ARG B 95 -0.44 11.38 4.02
C ARG B 95 0.76 11.79 3.17
N ILE B 96 1.17 13.05 3.29
CA ILE B 96 2.20 13.59 2.42
C ILE B 96 3.60 13.04 2.78
N ARG B 97 3.88 12.90 4.07
CA ARG B 97 5.18 12.33 4.49
C ARG B 97 5.36 10.92 3.95
N ALA B 98 4.29 10.11 4.03
CA ALA B 98 4.33 8.74 3.55
C ALA B 98 4.66 8.70 2.07
N ILE B 99 4.04 9.58 1.30
CA ILE B 99 4.33 9.63 -0.11
C ILE B 99 5.76 10.12 -0.38
N ALA B 100 6.19 11.16 0.34
CA ALA B 100 7.55 11.66 0.24
C ALA B 100 8.55 10.57 0.59
N GLN B 101 8.25 9.85 1.67
CA GLN B 101 9.11 8.75 2.11
C GLN B 101 9.26 7.66 1.05
N LYS B 102 8.22 7.38 0.26
CA LYS B 102 8.26 6.29 -0.74
C LYS B 102 9.19 6.63 -1.90
N ALA B 103 9.42 7.92 -2.13
CA ALA B 103 10.51 8.30 -3.02
C ALA B 103 11.75 8.23 -2.13
N PHE B 104 12.80 8.99 -2.45
CA PHE B 104 13.95 9.10 -1.56
C PHE B 104 14.51 7.71 -1.14
N THR B 105 15.11 6.99 -2.09
CA THR B 105 15.66 5.65 -1.84
C THR B 105 17.10 5.71 -1.31
N GLU B 113 26.01 8.81 -3.79
CA GLU B 113 27.23 8.75 -3.00
C GLU B 113 28.55 8.95 -3.76
N PRO B 114 28.71 8.28 -4.92
CA PRO B 114 29.96 8.53 -5.66
C PRO B 114 30.12 9.99 -6.07
N ASP B 115 29.03 10.65 -6.43
CA ASP B 115 29.07 12.04 -6.84
C ASP B 115 29.44 12.95 -5.67
N ILE B 116 28.99 12.59 -4.48
CA ILE B 116 29.40 13.33 -3.30
C ILE B 116 30.90 13.14 -3.08
N ARG B 117 31.35 11.90 -3.15
CA ARG B 117 32.75 11.62 -2.92
C ARG B 117 33.61 12.32 -3.97
N ALA B 118 33.19 12.28 -5.23
CA ALA B 118 33.94 12.94 -6.29
C ALA B 118 33.99 14.45 -6.08
N MET B 119 32.89 15.03 -5.64
CA MET B 119 32.83 16.46 -5.36
C MET B 119 33.77 16.84 -4.22
N VAL B 120 33.78 16.04 -3.15
CA VAL B 120 34.66 16.31 -2.01
C VAL B 120 36.12 16.29 -2.39
N ILE B 121 36.54 15.22 -3.07
CA ILE B 121 37.93 15.09 -3.47
C ILE B 121 38.33 16.27 -4.34
N ASP B 122 37.43 16.66 -5.24
CA ASP B 122 37.64 17.84 -6.08
C ASP B 122 37.85 19.12 -5.27
N ARG B 123 37.01 19.34 -4.26
CA ARG B 123 37.09 20.58 -3.47
C ARG B 123 38.37 20.61 -2.63
N VAL B 124 38.72 19.47 -2.05
CA VAL B 124 39.92 19.35 -1.24
C VAL B 124 41.17 19.62 -2.06
N GLU B 125 41.25 18.99 -3.23
CA GLU B 125 42.40 19.20 -4.09
C GLU B 125 42.53 20.68 -4.47
N LYS B 126 41.40 21.31 -4.76
CA LYS B 126 41.40 22.72 -5.14
C LYS B 126 41.89 23.60 -3.99
N MET B 127 41.52 23.23 -2.77
CA MET B 127 41.98 23.97 -1.59
C MET B 127 43.49 23.83 -1.39
N LEU B 128 43.98 22.59 -1.54
CA LEU B 128 45.39 22.29 -1.35
C LEU B 128 46.24 22.90 -2.46
N ALA B 129 45.60 23.25 -3.57
CA ALA B 129 46.35 23.84 -4.67
C ALA B 129 46.51 25.34 -4.48
N ASN B 130 46.25 25.80 -3.25
CA ASN B 130 46.45 27.20 -2.95
C ASN B 130 47.88 27.41 -2.54
N ASP B 131 48.40 28.59 -2.84
CA ASP B 131 49.81 28.89 -2.67
C ASP B 131 50.01 29.30 -1.22
N GLN B 132 49.04 30.07 -0.74
CA GLN B 132 48.99 30.59 0.61
C GLN B 132 48.85 29.51 1.70
N HIS B 133 48.57 28.28 1.27
CA HIS B 133 48.34 27.13 2.17
C HIS B 133 47.36 27.47 3.29
N VAL B 134 46.34 28.25 2.94
CA VAL B 134 45.31 28.66 3.86
C VAL B 134 43.95 28.35 3.26
N GLY B 135 43.02 27.91 4.09
CA GLY B 135 41.68 27.62 3.61
C GLY B 135 40.60 27.99 4.61
N ASP B 136 39.36 27.74 4.20
CA ASP B 136 38.19 27.93 5.06
C ASP B 136 37.17 26.86 4.69
N MET B 137 36.94 25.96 5.64
CA MET B 137 36.11 24.78 5.40
C MET B 137 34.67 25.12 5.02
N VAL B 138 34.23 26.34 5.36
CA VAL B 138 32.89 26.76 4.94
C VAL B 138 32.91 27.07 3.44
N SER B 139 33.68 28.07 3.05
CA SER B 139 33.69 28.51 1.66
C SER B 139 34.32 27.49 0.68
N ASP B 140 35.30 26.72 1.13
CA ASP B 140 36.04 25.86 0.21
C ASP B 140 35.51 24.42 0.13
N LEU B 141 34.54 24.06 0.96
CA LEU B 141 34.03 22.67 0.95
C LEU B 141 32.55 22.54 1.28
N ALA B 142 32.14 23.01 2.44
CA ALA B 142 30.77 22.82 2.91
C ALA B 142 29.78 23.61 2.06
N TYR B 143 30.24 24.71 1.47
CA TYR B 143 29.35 25.66 0.80
C TYR B 143 28.44 25.08 -0.27
N ASP B 144 29.01 24.41 -1.25
CA ASP B 144 28.27 23.95 -2.44
C ASP B 144 27.67 22.54 -2.32
N ILE B 145 28.43 21.63 -1.72
CA ILE B 145 28.17 20.20 -1.83
C ILE B 145 26.74 19.73 -1.48
N PRO B 146 26.22 20.07 -0.29
CA PRO B 146 24.87 19.58 0.00
C PRO B 146 23.84 20.19 -0.95
N THR B 147 24.13 21.39 -1.46
CA THR B 147 23.21 22.04 -2.37
C THR B 147 23.14 21.30 -3.71
N ILE B 148 24.30 20.97 -4.29
CA ILE B 148 24.35 20.23 -5.54
C ILE B 148 23.72 18.84 -5.37
N THR B 149 23.97 18.23 -4.21
CA THR B 149 23.45 16.92 -3.90
C THR B 149 21.93 16.92 -3.95
N ILE B 150 21.32 17.88 -3.27
CA ILE B 150 19.87 17.93 -3.19
C ILE B 150 19.31 18.37 -4.55
N LEU B 151 20.02 19.27 -5.22
CA LEU B 151 19.60 19.72 -6.56
C LEU B 151 19.58 18.56 -7.54
N THR B 152 20.61 17.71 -7.48
CA THR B 152 20.67 16.54 -8.34
C THR B 152 19.51 15.59 -8.07
N LEU B 153 19.23 15.33 -6.80
CA LEU B 153 18.18 14.41 -6.40
C LEU B 153 16.82 14.87 -6.91
N ILE B 154 16.56 16.15 -6.78
CA ILE B 154 15.26 16.74 -7.15
C ILE B 154 15.12 16.88 -8.67
N GLY B 155 16.23 17.13 -9.35
CA GLY B 155 16.24 17.21 -10.78
C GLY B 155 16.40 18.65 -11.27
N ALA B 156 16.89 19.52 -10.39
CA ALA B 156 17.13 20.92 -10.75
C ALA B 156 18.49 21.11 -11.42
N ASP B 157 18.66 22.21 -12.15
CA ASP B 157 19.94 22.50 -12.78
C ASP B 157 21.01 22.78 -11.73
N ILE B 158 22.08 21.99 -11.75
CA ILE B 158 23.11 22.13 -10.73
C ILE B 158 23.95 23.38 -10.95
N SER B 159 23.85 24.01 -12.12
CA SER B 159 24.56 25.26 -12.34
C SER B 159 23.86 26.43 -11.63
N MET B 160 22.73 26.15 -11.00
CA MET B 160 21.94 27.17 -10.31
C MET B 160 22.20 27.16 -8.81
N VAL B 161 23.34 26.63 -8.40
CA VAL B 161 23.66 26.54 -6.98
C VAL B 161 23.59 27.89 -6.26
N ASP B 162 24.24 28.91 -6.81
CA ASP B 162 24.34 30.21 -6.15
C ASP B 162 22.97 30.86 -6.00
N THR B 163 22.09 30.60 -6.95
CA THR B 163 20.72 31.08 -6.83
C THR B 163 19.98 30.43 -5.68
N TYR B 164 20.10 29.11 -5.55
CA TYR B 164 19.44 28.41 -4.47
C TYR B 164 20.02 28.77 -3.11
N LYS B 165 21.30 29.08 -3.07
CA LYS B 165 21.90 29.51 -1.82
C LYS B 165 21.25 30.83 -1.43
N ARG B 166 21.06 31.70 -2.41
CA ARG B 166 20.37 32.98 -2.20
C ARG B 166 18.93 32.76 -1.74
N TRP B 167 18.21 31.87 -2.42
CA TRP B 167 16.83 31.57 -2.03
C TRP B 167 16.77 31.00 -0.61
N SER B 168 17.72 30.13 -0.30
CA SER B 168 17.78 29.48 1.01
C SER B 168 18.09 30.48 2.13
N ASP B 169 19.06 31.36 1.90
CA ASP B 169 19.39 32.41 2.87
C ASP B 169 18.17 33.25 3.16
N SER B 170 17.40 33.55 2.11
CA SER B 170 16.23 34.37 2.27
C SER B 170 15.15 33.67 3.07
N ARG B 171 14.92 32.37 2.83
CA ARG B 171 13.93 31.67 3.64
C ARG B 171 14.35 31.64 5.09
N ALA B 172 15.61 31.34 5.33
CA ALA B 172 16.11 31.23 6.68
C ALA B 172 16.01 32.56 7.41
N ALA B 173 16.29 33.66 6.71
CA ALA B 173 16.25 34.99 7.33
C ALA B 173 14.80 35.50 7.53
N MET B 174 13.96 35.33 6.52
CA MET B 174 12.57 35.78 6.62
C MET B 174 11.85 35.07 7.75
N THR B 175 12.08 33.78 7.85
CA THR B 175 11.31 33.00 8.80
C THR B 175 11.90 33.04 10.21
N TRP B 176 13.22 32.94 10.33
CA TRP B 176 13.81 32.84 11.66
C TRP B 176 14.78 33.96 11.99
N GLY B 177 14.88 34.97 11.14
CA GLY B 177 15.75 36.11 11.37
C GLY B 177 15.03 37.28 12.03
N ASP B 178 15.78 38.21 12.58
CA ASP B 178 15.17 39.39 13.18
C ASP B 178 15.31 40.59 12.21
N LEU B 179 14.68 40.51 11.05
CA LEU B 179 14.93 41.51 10.00
C LEU B 179 13.96 42.68 10.04
N SER B 180 14.48 43.87 9.78
CA SER B 180 13.64 45.06 9.61
C SER B 180 12.81 44.92 8.35
N ASP B 181 11.79 45.77 8.21
CA ASP B 181 10.90 45.69 7.05
C ASP B 181 11.63 45.90 5.74
N GLU B 182 12.57 46.84 5.71
CA GLU B 182 13.24 47.17 4.48
C GLU B 182 14.19 46.05 4.12
N GLU B 183 14.75 45.41 5.13
CA GLU B 183 15.66 44.29 4.91
C GLU B 183 14.92 43.07 4.36
N GLN B 184 13.62 42.98 4.59
CA GLN B 184 12.83 41.83 4.12
C GLN B 184 12.53 41.86 2.62
N ILE B 185 12.60 43.05 2.03
CA ILE B 185 12.20 43.28 0.64
C ILE B 185 12.99 42.47 -0.40
N PRO B 186 14.33 42.46 -0.32
CA PRO B 186 15.02 41.60 -1.30
C PRO B 186 14.67 40.13 -1.10
N HIS B 187 14.57 39.72 0.16
CA HIS B 187 14.26 38.35 0.49
C HIS B 187 12.85 37.98 0.05
N ALA B 188 11.93 38.94 0.12
CA ALA B 188 10.57 38.72 -0.35
C ALA B 188 10.55 38.39 -1.85
N HIS B 189 11.31 39.15 -2.64
CA HIS B 189 11.40 38.91 -4.07
C HIS B 189 11.98 37.54 -4.37
N ASN B 190 13.00 37.16 -3.60
CA ASN B 190 13.66 35.88 -3.77
C ASN B 190 12.73 34.71 -3.49
N LEU B 191 11.95 34.82 -2.42
CA LEU B 191 10.99 33.78 -2.06
C LEU B 191 9.95 33.61 -3.17
N VAL B 192 9.57 34.73 -3.78
CA VAL B 192 8.67 34.69 -4.93
C VAL B 192 9.28 33.88 -6.07
N GLU B 193 10.54 34.14 -6.40
CA GLU B 193 11.23 33.41 -7.46
C GLU B 193 11.32 31.93 -7.12
N TYR B 194 11.69 31.66 -5.89
CA TYR B 194 11.84 30.34 -5.33
C TYR B 194 10.58 29.50 -5.55
N TRP B 195 9.44 30.05 -5.14
CA TRP B 195 8.18 29.34 -5.26
C TRP B 195 7.77 29.15 -6.72
N GLN B 196 7.98 30.16 -7.56
CA GLN B 196 7.61 30.05 -8.97
C GLN B 196 8.43 28.94 -9.63
N GLU B 197 9.68 28.82 -9.24
CA GLU B 197 10.56 27.81 -9.79
C GLU B 197 10.14 26.39 -9.31
N CYS B 198 9.76 26.29 -8.05
CA CYS B 198 9.23 25.01 -7.54
C CYS B 198 8.03 24.56 -8.35
N GLN B 199 7.10 25.47 -8.60
CA GLN B 199 5.91 25.18 -9.39
C GLN B 199 6.28 24.83 -10.83
N ARG B 200 7.28 25.52 -11.37
CA ARG B 200 7.70 25.25 -12.75
C ARG B 200 8.22 23.81 -12.89
N MET B 201 8.95 23.34 -11.89
CA MET B 201 9.57 22.02 -11.96
C MET B 201 8.51 20.92 -11.94
N VAL B 202 7.44 21.13 -11.19
CA VAL B 202 6.32 20.19 -11.16
C VAL B 202 5.62 20.15 -12.52
N ALA B 203 5.37 21.33 -13.07
CA ALA B 203 4.76 21.44 -14.38
C ALA B 203 5.63 20.81 -15.46
N ASP B 204 6.95 21.06 -15.38
CA ASP B 204 7.89 20.50 -16.34
C ASP B 204 7.90 18.97 -16.26
N ALA B 205 7.71 18.43 -15.04
CA ALA B 205 7.64 16.99 -14.83
C ALA B 205 6.41 16.39 -15.50
N HIS B 206 5.29 17.10 -15.37
CA HIS B 206 4.04 16.69 -16.01
C HIS B 206 4.22 16.57 -17.51
N ALA B 207 5.03 17.47 -18.06
CA ALA B 207 5.18 17.59 -19.51
C ALA B 207 6.27 16.70 -20.10
N HIS B 208 7.31 16.42 -19.33
CA HIS B 208 8.46 15.71 -19.90
C HIS B 208 9.02 14.57 -19.04
N GLY B 209 8.40 14.32 -17.89
CA GLY B 209 8.87 13.27 -17.01
C GLY B 209 10.28 13.53 -16.54
N GLY B 210 11.08 12.48 -16.44
CA GLY B 210 12.47 12.60 -16.01
C GLY B 210 12.91 11.54 -15.03
N ASP B 211 14.20 11.56 -14.68
CA ASP B 211 14.76 10.60 -13.73
C ASP B 211 15.29 11.31 -12.48
N ASN B 212 14.35 11.67 -11.61
CA ASN B 212 14.65 12.37 -10.37
C ASN B 212 13.45 12.30 -9.45
N LEU B 213 13.60 12.89 -8.28
CA LEU B 213 12.56 12.85 -7.26
C LEU B 213 11.28 13.58 -7.67
N THR B 214 11.40 14.72 -8.33
CA THR B 214 10.22 15.49 -8.74
C THR B 214 9.36 14.66 -9.70
N ALA B 215 10.00 14.04 -10.66
CA ALA B 215 9.31 13.20 -11.64
C ALA B 215 8.68 12.00 -10.98
N ASP B 216 9.36 11.48 -9.96
CA ASP B 216 8.84 10.37 -9.19
C ASP B 216 7.54 10.76 -8.50
N LEU B 217 7.50 11.96 -7.93
CA LEU B 217 6.30 12.43 -7.22
C LEU B 217 5.09 12.61 -8.14
N VAL B 218 5.30 13.12 -9.34
CA VAL B 218 4.19 13.30 -10.29
C VAL B 218 3.64 11.95 -10.79
N ARG B 219 4.54 10.99 -10.99
CA ARG B 219 4.18 9.64 -11.41
C ARG B 219 3.37 8.93 -10.32
N ALA B 220 3.70 9.19 -9.06
CA ALA B 220 2.88 8.67 -7.95
C ALA B 220 1.47 9.24 -8.07
N GLN B 221 1.38 10.54 -8.29
CA GLN B 221 0.08 11.19 -8.52
C GLN B 221 -0.63 10.63 -9.76
N GLN B 222 0.12 10.40 -10.84
CA GLN B 222 -0.47 9.90 -12.07
C GLN B 222 -1.02 8.49 -11.90
N GLU B 223 -0.39 7.72 -11.03
CA GLU B 223 -0.79 6.35 -10.77
C GLU B 223 -1.85 6.29 -9.66
N GLY B 224 -2.25 7.45 -9.15
CA GLY B 224 -3.36 7.52 -8.21
C GLY B 224 -3.09 7.93 -6.77
N GLN B 225 -1.84 8.20 -6.43
CA GLN B 225 -1.52 8.63 -5.07
C GLN B 225 -2.13 10.02 -4.81
N GLU B 226 -2.62 10.21 -3.59
CA GLU B 226 -3.34 11.44 -3.29
C GLU B 226 -2.37 12.54 -2.86
N ILE B 227 -1.98 13.35 -3.83
CA ILE B 227 -1.13 14.51 -3.57
C ILE B 227 -1.29 15.53 -4.70
N THR B 228 -1.62 16.77 -4.35
CA THR B 228 -1.89 17.79 -5.36
C THR B 228 -0.57 18.36 -5.90
N ASP B 229 -0.64 19.05 -7.04
CA ASP B 229 0.53 19.71 -7.62
C ASP B 229 1.12 20.74 -6.65
N HIS B 230 0.24 21.41 -5.91
CA HIS B 230 0.62 22.38 -4.91
C HIS B 230 1.39 21.72 -3.76
N GLU B 231 0.95 20.52 -3.37
CA GLU B 231 1.62 19.77 -2.31
C GLU B 231 2.99 19.26 -2.77
N ILE B 232 3.09 18.87 -4.03
CA ILE B 232 4.37 18.45 -4.60
C ILE B 232 5.34 19.60 -4.65
N ALA B 233 4.88 20.74 -5.17
CA ALA B 233 5.74 21.91 -5.27
C ALA B 233 6.19 22.31 -3.90
N SER B 234 5.28 22.18 -2.94
CA SER B 234 5.57 22.51 -1.56
C SER B 234 6.62 21.56 -0.97
N LEU B 235 6.63 20.30 -1.40
CA LEU B 235 7.70 19.36 -0.99
C LEU B 235 9.06 19.81 -1.51
N LEU B 236 9.08 20.28 -2.76
CA LEU B 236 10.31 20.79 -3.37
C LEU B 236 10.79 22.02 -2.59
N TYR B 237 9.85 22.89 -2.24
CA TYR B 237 10.12 24.06 -1.41
C TYR B 237 10.73 23.65 -0.07
N SER B 238 10.22 22.56 0.49
CA SER B 238 10.74 22.01 1.75
C SER B 238 12.16 21.46 1.53
N LEU B 239 12.31 20.53 0.58
CA LEU B 239 13.58 19.84 0.35
C LEU B 239 14.71 20.73 -0.17
N LEU B 240 14.40 21.72 -0.98
CA LEU B 240 15.47 22.54 -1.53
C LEU B 240 15.98 23.54 -0.48
N PHE B 241 15.38 23.50 0.70
CA PHE B 241 15.81 24.34 1.80
C PHE B 241 16.36 23.49 2.92
N ALA B 242 15.51 22.62 3.46
CA ALA B 242 15.94 21.76 4.55
C ALA B 242 17.05 20.82 4.07
N GLY B 243 17.10 20.56 2.76
CA GLY B 243 17.97 19.53 2.26
C GLY B 243 19.44 19.81 2.15
N HIS B 244 19.88 21.01 2.52
CA HIS B 244 21.30 21.32 2.42
C HIS B 244 21.85 22.33 3.42
N GLU B 245 21.05 23.34 3.75
CA GLU B 245 21.51 24.44 4.60
C GLU B 245 22.05 23.91 5.95
N THR B 246 21.31 23.00 6.57
CA THR B 246 21.71 22.40 7.84
C THR B 246 22.87 21.43 7.64
N THR B 247 23.02 20.93 6.43
CA THR B 247 24.08 20.00 6.13
C THR B 247 25.40 20.76 5.86
N THR B 248 25.31 21.92 5.22
CA THR B 248 26.45 22.80 5.10
C THR B 248 27.00 23.07 6.48
N THR B 249 26.09 23.45 7.38
CA THR B 249 26.43 23.73 8.76
C THR B 249 27.05 22.52 9.43
N LEU B 250 26.47 21.34 9.25
CA LEU B 250 27.01 20.14 9.87
C LEU B 250 28.45 19.88 9.44
N ILE B 251 28.70 19.96 8.14
CA ILE B 251 30.02 19.73 7.59
C ILE B 251 31.02 20.71 8.19
N SER B 252 30.64 21.99 8.24
CA SER B 252 31.47 23.04 8.83
C SER B 252 31.78 22.75 10.29
N ASN B 253 30.75 22.37 11.06
CA ASN B 253 30.96 22.11 12.47
C ASN B 253 31.83 20.90 12.76
N CYS B 254 31.77 19.90 11.90
CA CYS B 254 32.58 18.70 12.08
C CYS B 254 34.04 19.09 12.21
N PHE B 255 34.49 19.96 11.32
CA PHE B 255 35.87 20.42 11.34
C PHE B 255 36.09 21.44 12.45
N ARG B 256 35.12 22.32 12.68
CA ARG B 256 35.22 23.31 13.76
C ARG B 256 35.49 22.62 15.10
N VAL B 257 34.66 21.64 15.44
CA VAL B 257 34.76 21.00 16.75
C VAL B 257 35.92 19.99 16.82
N LEU B 258 36.06 19.15 15.80
CA LEU B 258 37.12 18.14 15.83
C LEU B 258 38.50 18.80 15.85
N LEU B 259 38.71 19.84 15.05
CA LEU B 259 40.01 20.49 15.04
C LEU B 259 40.30 21.19 16.36
N ASP B 260 39.27 21.45 17.15
CA ASP B 260 39.49 22.05 18.46
C ASP B 260 39.69 21.01 19.55
N HIS B 261 39.58 19.74 19.20
CA HIS B 261 39.91 18.68 20.14
C HIS B 261 40.93 17.78 19.48
N PRO B 262 42.21 18.21 19.47
CA PRO B 262 43.31 17.58 18.74
C PRO B 262 43.48 16.11 19.05
N GLU B 263 43.24 15.73 20.30
CA GLU B 263 43.39 14.33 20.72
C GLU B 263 42.40 13.46 19.95
N GLN B 264 41.23 14.02 19.63
CA GLN B 264 40.17 13.28 18.96
C GLN B 264 40.29 13.36 17.45
N TRP B 265 40.83 14.47 16.94
CA TRP B 265 41.13 14.55 15.53
C TRP B 265 42.13 13.45 15.20
N GLN B 266 43.11 13.29 16.09
CA GLN B 266 44.14 12.27 15.91
C GLN B 266 43.55 10.86 16.01
N ALA B 267 42.57 10.67 16.89
CA ALA B 267 41.91 9.37 17.01
C ALA B 267 41.27 9.00 15.67
N ILE B 268 40.68 9.99 15.03
CA ILE B 268 40.06 9.79 13.73
C ILE B 268 41.09 9.47 12.64
N LEU B 269 42.22 10.18 12.67
CA LEU B 269 43.33 9.97 11.75
C LEU B 269 43.80 8.51 11.78
N GLU B 270 43.96 8.01 13.00
CA GLU B 270 44.42 6.65 13.26
C GLU B 270 43.39 5.58 12.92
N ASN B 271 42.11 5.93 13.04
CA ASN B 271 41.05 4.96 12.81
C ASN B 271 39.82 5.60 12.19
N PRO B 272 39.78 5.64 10.85
CA PRO B 272 38.63 6.22 10.16
C PRO B 272 37.28 5.55 10.49
N LYS B 273 37.29 4.37 11.11
CA LYS B 273 36.01 3.73 11.45
C LYS B 273 35.27 4.46 12.56
N LEU B 274 35.98 5.35 13.25
CA LEU B 274 35.37 6.07 14.35
C LEU B 274 34.59 7.29 13.85
N ILE B 275 34.67 7.54 12.55
CA ILE B 275 34.10 8.76 11.97
C ILE B 275 32.57 8.85 12.09
N PRO B 276 31.82 7.76 11.80
CA PRO B 276 30.37 7.93 11.99
C PRO B 276 29.97 8.28 13.42
N ALA B 277 30.63 7.68 14.42
CA ALA B 277 30.31 8.03 15.81
C ALA B 277 30.74 9.46 16.11
N ALA B 278 31.82 9.92 15.49
CA ALA B 278 32.22 11.31 15.67
C ALA B 278 31.12 12.24 15.15
N VAL B 279 30.56 11.90 13.99
CA VAL B 279 29.48 12.72 13.45
C VAL B 279 28.28 12.71 14.42
N ASP B 280 27.99 11.57 15.03
CA ASP B 280 26.95 11.52 16.06
C ASP B 280 27.17 12.53 17.16
N GLU B 281 28.41 12.62 17.65
CA GLU B 281 28.73 13.50 18.77
C GLU B 281 28.77 14.98 18.37
N VAL B 282 29.16 15.26 17.12
CA VAL B 282 29.06 16.62 16.60
C VAL B 282 27.59 17.05 16.53
N LEU B 283 26.73 16.11 16.12
CA LEU B 283 25.30 16.40 16.07
C LEU B 283 24.73 16.70 17.47
N ARG B 284 25.20 15.97 18.48
CA ARG B 284 24.76 16.24 19.87
C ARG B 284 25.27 17.59 20.38
N TYR B 285 26.55 17.80 20.18
CA TYR B 285 27.29 18.91 20.76
C TYR B 285 27.15 20.21 19.94
N SER B 286 26.88 20.05 18.64
CA SER B 286 26.86 21.18 17.74
C SER B 286 25.87 20.99 16.62
N GLY B 287 24.62 20.68 16.96
CA GLY B 287 23.57 20.48 15.97
C GLY B 287 23.36 21.74 15.14
N SER B 288 22.86 21.60 13.92
CA SER B 288 22.66 22.75 13.03
C SER B 288 21.49 23.60 13.49
N ILE B 289 20.56 22.95 14.18
CA ILE B 289 19.39 23.57 14.74
C ILE B 289 19.39 23.38 16.24
N VAL B 290 19.36 24.48 16.98
CA VAL B 290 19.37 24.41 18.44
C VAL B 290 17.97 24.59 19.05
N GLY B 291 17.03 25.13 18.30
CA GLY B 291 15.67 25.29 18.81
C GLY B 291 14.61 25.10 17.73
N TRP B 292 13.52 24.42 18.08
CA TRP B 292 12.44 24.19 17.12
C TRP B 292 11.07 24.38 17.81
N ARG B 293 10.06 24.78 17.05
CA ARG B 293 8.82 25.26 17.64
C ARG B 293 7.60 24.31 17.60
N ARG B 294 6.74 24.50 18.59
CA ARG B 294 5.46 23.82 18.68
C ARG B 294 4.35 24.79 19.11
N LYS B 295 3.10 24.36 18.97
CA LYS B 295 1.95 25.14 19.42
C LYS B 295 1.05 24.22 20.23
N ALA B 296 0.72 24.60 21.47
CA ALA B 296 -0.16 23.77 22.29
C ALA B 296 -1.59 23.85 21.79
N LEU B 297 -2.19 22.68 21.54
CA LEU B 297 -3.54 22.60 20.97
C LEU B 297 -4.64 22.60 22.02
N LYS B 298 -4.25 22.50 23.28
CA LYS B 298 -5.21 22.52 24.37
C LYS B 298 -4.44 22.94 25.61
N ASP B 299 -5.16 23.33 26.65
CA ASP B 299 -4.52 23.57 27.93
C ASP B 299 -3.76 22.30 28.31
N THR B 300 -2.51 22.46 28.69
CA THR B 300 -1.67 21.31 28.97
C THR B 300 -0.56 21.68 29.93
N GLU B 301 0.44 20.81 30.00
CA GLU B 301 1.58 21.04 30.87
C GLU B 301 2.84 20.55 30.17
N ILE B 302 3.95 21.21 30.49
CA ILE B 302 5.28 20.71 30.14
C ILE B 302 6.10 20.81 31.42
N GLY B 303 6.63 19.69 31.89
CA GLY B 303 7.45 19.68 33.09
C GLY B 303 6.78 20.29 34.31
N GLY B 304 5.47 20.05 34.45
CA GLY B 304 4.77 20.57 35.60
C GLY B 304 4.32 22.02 35.47
N VAL B 305 4.66 22.65 34.35
CA VAL B 305 4.28 24.05 34.16
C VAL B 305 3.05 24.17 33.27
N ALA B 306 2.05 24.90 33.74
CA ALA B 306 0.81 25.05 33.01
C ALA B 306 0.98 25.88 31.74
N ILE B 307 0.53 25.32 30.63
CA ILE B 307 0.60 26.02 29.36
C ILE B 307 -0.81 26.14 28.79
N LYS B 308 -1.16 27.35 28.38
CA LYS B 308 -2.52 27.59 27.93
C LYS B 308 -2.64 27.27 26.44
N GLU B 309 -3.81 26.80 26.02
CA GLU B 309 -4.14 26.61 24.62
C GLU B 309 -3.73 27.79 23.74
N GLY B 310 -3.00 27.50 22.67
CA GLY B 310 -2.58 28.55 21.77
C GLY B 310 -1.19 29.10 22.07
N ASP B 311 -0.66 28.83 23.25
CA ASP B 311 0.69 29.27 23.59
C ASP B 311 1.74 28.64 22.67
N GLY B 312 2.78 29.41 22.33
CA GLY B 312 3.91 28.92 21.56
C GLY B 312 4.97 28.23 22.41
N VAL B 313 5.66 27.25 21.84
CA VAL B 313 6.68 26.50 22.57
C VAL B 313 7.97 26.44 21.77
N LEU B 314 9.09 26.81 22.38
CA LEU B 314 10.42 26.68 21.76
C LEU B 314 11.21 25.58 22.45
N LEU B 315 11.41 24.47 21.74
CA LEU B 315 12.13 23.34 22.29
C LEU B 315 13.61 23.51 21.96
N LEU B 316 14.44 23.75 22.97
CA LEU B 316 15.86 23.97 22.71
C LEU B 316 16.63 22.63 22.72
N MET B 317 16.60 21.92 21.59
CA MET B 317 17.34 20.66 21.45
C MET B 317 18.82 20.82 21.76
N GLY B 318 19.38 22.00 21.49
CA GLY B 318 20.78 22.25 21.84
C GLY B 318 21.03 22.07 23.33
N SER B 319 20.03 22.43 24.14
CA SER B 319 20.06 22.26 25.60
C SER B 319 19.77 20.81 26.00
N ALA B 320 18.74 20.23 25.37
CA ALA B 320 18.41 18.83 25.63
C ALA B 320 19.65 17.99 25.47
N ASN B 321 20.43 18.31 24.44
CA ASN B 321 21.60 17.54 24.09
C ASN B 321 22.78 17.62 25.10
N ARG B 322 22.71 18.58 26.03
CA ARG B 322 23.79 18.73 27.02
C ARG B 322 23.32 18.32 28.40
N ASP B 323 22.05 17.96 28.52
CA ASP B 323 21.40 17.70 29.81
C ASP B 323 22.09 16.55 30.56
N GLU B 324 22.62 16.87 31.72
CA GLU B 324 23.37 15.91 32.53
C GLU B 324 22.53 14.69 32.90
N ALA B 325 21.21 14.88 32.96
CA ALA B 325 20.30 13.79 33.29
C ALA B 325 20.29 12.70 32.20
N ARG B 326 20.77 13.03 31.00
CA ARG B 326 20.78 12.05 29.91
C ARG B 326 22.22 11.87 29.42
N PHE B 327 23.04 12.91 29.54
CA PHE B 327 24.40 12.85 29.01
C PHE B 327 25.40 13.23 30.09
N GLU B 328 26.08 12.23 30.64
CA GLU B 328 27.10 12.44 31.65
C GLU B 328 28.23 13.34 31.12
N ASN B 329 28.61 14.34 31.93
CA ASN B 329 29.57 15.36 31.49
C ASN B 329 29.15 15.92 30.14
N GLY B 330 27.89 16.33 30.07
CA GLY B 330 27.27 16.68 28.81
C GLY B 330 27.87 17.87 28.10
N GLU B 331 28.59 18.74 28.82
CA GLU B 331 29.18 19.93 28.19
C GLU B 331 30.52 19.59 27.53
N GLU B 332 30.97 18.34 27.63
CA GLU B 332 32.25 17.94 27.01
C GLU B 332 32.01 17.18 25.69
N PHE B 333 32.85 17.48 24.70
CA PHE B 333 32.82 16.78 23.43
C PHE B 333 33.62 15.49 23.49
N ASP B 334 32.98 14.36 23.20
CA ASP B 334 33.67 13.08 23.27
C ASP B 334 33.13 12.13 22.21
N ILE B 335 33.94 11.87 21.16
CA ILE B 335 33.45 11.12 20.00
C ILE B 335 33.11 9.65 20.33
N SER B 336 33.58 9.18 21.48
CA SER B 336 33.32 7.81 21.92
C SER B 336 32.06 7.69 22.79
N ARG B 337 31.36 8.80 23.00
CA ARG B 337 30.17 8.79 23.86
C ARG B 337 29.17 7.74 23.32
N ALA B 338 28.89 6.72 24.13
CA ALA B 338 28.17 5.55 23.64
C ALA B 338 26.73 5.88 23.31
N ASN B 339 26.15 6.84 24.02
CA ASN B 339 24.75 7.14 23.78
C ASN B 339 24.54 8.48 23.06
N ALA B 340 25.53 8.94 22.30
CA ALA B 340 25.40 10.22 21.58
C ALA B 340 24.15 10.22 20.69
N ARG B 341 23.82 9.05 20.16
CA ARG B 341 22.68 8.92 19.27
C ARG B 341 21.33 9.10 19.96
N GLU B 342 21.32 9.35 21.27
CA GLU B 342 20.05 9.76 21.91
C GLU B 342 19.78 11.26 21.69
N HIS B 343 20.65 11.94 20.96
CA HIS B 343 20.48 13.40 20.78
C HIS B 343 19.19 13.73 20.04
N LEU B 344 18.75 14.98 20.16
CA LEU B 344 17.47 15.39 19.57
C LEU B 344 17.66 16.40 18.44
N SER B 345 18.84 16.42 17.84
CA SER B 345 19.13 17.40 16.81
C SER B 345 18.37 17.15 15.51
N PHE B 346 17.84 15.94 15.38
CA PHE B 346 16.96 15.55 14.26
C PHE B 346 15.51 15.51 14.70
N GLY B 347 15.27 15.95 15.92
CA GLY B 347 13.95 15.88 16.48
C GLY B 347 13.61 14.47 16.96
N PHE B 348 12.32 14.19 17.08
CA PHE B 348 11.83 12.90 17.55
C PHE B 348 10.33 12.82 17.28
N GLY B 349 9.86 11.67 16.83
CA GLY B 349 8.43 11.47 16.61
C GLY B 349 8.00 11.57 15.15
N ILE B 350 6.79 12.07 14.91
CA ILE B 350 6.21 11.98 13.56
C ILE B 350 6.87 12.89 12.53
N HIS B 351 7.52 13.96 12.97
CA HIS B 351 8.18 14.88 12.04
C HIS B 351 9.68 14.63 11.92
N TYR B 352 10.15 13.52 12.50
CA TYR B 352 11.59 13.20 12.56
C TYR B 352 12.30 13.41 11.23
N CYS B 353 13.48 14.04 11.26
CA CYS B 353 14.17 14.45 10.04
C CYS B 353 14.13 13.41 8.92
N LEU B 354 13.59 13.81 7.79
CA LEU B 354 13.46 12.96 6.62
C LEU B 354 14.80 12.64 5.99
N GLY B 355 15.76 13.55 6.12
CA GLY B 355 17.01 13.38 5.41
C GLY B 355 18.19 13.06 6.28
N ASN B 356 17.96 12.61 7.52
CA ASN B 356 19.05 12.42 8.48
C ASN B 356 20.16 11.52 7.94
N MET B 357 19.79 10.49 7.19
CA MET B 357 20.80 9.60 6.63
C MET B 357 21.63 10.32 5.56
N LEU B 358 20.97 11.11 4.73
CA LEU B 358 21.69 11.81 3.68
C LEU B 358 22.63 12.85 4.29
N ALA B 359 22.24 13.48 5.39
CA ALA B 359 23.11 14.45 6.05
C ALA B 359 24.36 13.79 6.62
N LYS B 360 24.18 12.66 7.30
CA LYS B 360 25.28 11.97 7.96
C LYS B 360 26.26 11.41 6.95
N LEU B 361 25.72 10.92 5.85
CA LEU B 361 26.52 10.39 4.75
C LEU B 361 27.49 11.45 4.25
N GLN B 362 26.97 12.65 4.01
CA GLN B 362 27.80 13.69 3.45
C GLN B 362 28.82 14.13 4.46
N ALA B 363 28.45 14.23 5.74
CA ALA B 363 29.43 14.61 6.77
C ALA B 363 30.50 13.54 6.88
N LYS B 364 30.12 12.27 6.86
CA LYS B 364 31.11 11.19 6.95
C LYS B 364 32.09 11.21 5.80
N ILE B 365 31.58 11.37 4.59
CA ILE B 365 32.44 11.38 3.43
C ILE B 365 33.42 12.56 3.48
N CYS B 366 32.94 13.72 3.92
CA CYS B 366 33.83 14.88 4.02
C CYS B 366 34.97 14.59 4.99
N LEU B 367 34.66 14.02 6.13
CA LEU B 367 35.68 13.71 7.12
C LEU B 367 36.66 12.65 6.63
N GLU B 368 36.14 11.63 5.95
CA GLU B 368 37.00 10.58 5.41
C GLU B 368 38.05 11.15 4.46
N GLU B 369 37.59 11.93 3.50
CA GLU B 369 38.49 12.38 2.45
C GLU B 369 39.45 13.46 2.96
N VAL B 370 38.97 14.37 3.81
CA VAL B 370 39.82 15.43 4.32
C VAL B 370 40.91 14.91 5.27
N THR B 371 40.56 13.98 6.15
CA THR B 371 41.55 13.41 7.07
C THR B 371 42.62 12.63 6.30
N ARG B 372 42.21 12.04 5.19
CA ARG B 372 43.12 11.27 4.35
C ARG B 372 44.08 12.19 3.58
N LEU B 373 43.54 13.23 2.95
CA LEU B 373 44.33 14.05 2.03
C LEU B 373 45.06 15.17 2.76
N VAL B 374 44.51 15.65 3.85
CA VAL B 374 45.24 16.66 4.59
C VAL B 374 45.12 16.41 6.11
N PRO B 375 45.85 15.40 6.61
CA PRO B 375 45.82 15.03 8.03
C PRO B 375 46.37 16.12 8.94
N SER B 376 47.27 16.95 8.44
CA SER B 376 47.90 17.98 9.26
C SER B 376 47.04 19.24 9.36
N LEU B 377 45.81 19.15 8.88
CA LEU B 377 44.88 20.27 8.94
C LEU B 377 44.72 20.76 10.38
N HIS B 378 44.68 22.08 10.55
CA HIS B 378 44.34 22.66 11.85
C HIS B 378 43.80 24.09 11.73
N LEU B 379 43.17 24.54 12.82
CA LEU B 379 42.58 25.87 12.90
C LEU B 379 43.65 26.93 12.92
N VAL B 380 43.37 28.04 12.26
CA VAL B 380 44.33 29.14 12.21
C VAL B 380 44.61 29.78 13.56
N ALA B 381 43.57 30.15 14.30
CA ALA B 381 43.76 30.83 15.58
C ALA B 381 42.51 30.73 16.45
N ALA B 384 37.58 33.24 17.24
CA ALA B 384 37.70 33.72 15.86
C ALA B 384 36.57 33.19 14.99
N ILE B 385 35.56 32.60 15.62
CA ILE B 385 34.45 32.01 14.86
C ILE B 385 33.14 32.66 15.26
N GLY B 386 32.46 33.24 14.27
CA GLY B 386 31.20 33.91 14.51
C GLY B 386 30.05 33.12 13.90
N PHE B 387 28.86 33.37 14.41
CA PHE B 387 27.66 32.68 13.96
C PHE B 387 26.59 33.67 13.51
N ARG B 388 25.90 33.36 12.43
CA ARG B 388 24.83 34.22 11.94
C ARG B 388 23.73 34.33 13.00
N GLU B 389 23.10 35.50 13.08
CA GLU B 389 22.03 35.72 14.03
C GLU B 389 20.74 35.03 13.58
N ASN B 390 20.12 34.27 14.47
CA ASN B 390 18.97 33.45 14.10
C ASN B 390 18.35 32.79 15.35
N LEU B 391 17.06 32.50 15.35
CA LEU B 391 16.45 31.87 16.52
C LEU B 391 16.75 30.37 16.63
N SER B 392 16.88 29.73 15.49
CA SER B 392 16.84 28.28 15.43
C SER B 392 18.09 27.66 14.85
N PHE B 393 18.64 28.34 13.85
CA PHE B 393 19.78 27.83 13.09
C PHE B 393 21.08 28.43 13.61
N ARG B 394 22.05 27.56 13.91
CA ARG B 394 23.35 27.97 14.42
C ARG B 394 24.41 27.73 13.36
N VAL B 395 24.72 28.80 12.62
CA VAL B 395 25.51 28.69 11.40
C VAL B 395 26.85 29.41 11.55
N PRO B 396 27.95 28.64 11.59
CA PRO B 396 29.28 29.26 11.62
C PRO B 396 29.58 29.91 10.27
N THR B 397 30.07 31.14 10.30
CA THR B 397 30.29 31.85 9.06
C THR B 397 31.60 31.49 8.36
N SER B 398 32.59 31.05 9.13
CA SER B 398 33.86 30.60 8.56
C SER B 398 34.55 29.68 9.53
N VAL B 399 35.39 28.82 8.99
CA VAL B 399 36.26 27.95 9.76
C VAL B 399 37.64 27.98 9.14
N PRO B 400 38.45 28.98 9.52
CA PRO B 400 39.77 29.21 8.91
C PRO B 400 40.76 28.09 9.20
N VAL B 401 41.37 27.53 8.16
CA VAL B 401 42.33 26.46 8.39
C VAL B 401 43.63 26.61 7.61
N THR B 402 44.66 25.95 8.10
CA THR B 402 45.94 25.93 7.42
C THR B 402 46.42 24.49 7.59
N TRP B 403 47.54 24.15 6.98
CA TRP B 403 48.02 22.77 7.04
C TRP B 403 49.53 22.69 6.84
N ASN B 404 50.10 21.50 7.02
CA ASN B 404 51.55 21.28 6.88
C ASN B 404 51.96 20.91 5.48
N ALA B 405 51.68 21.78 4.51
CA ALA B 405 52.25 21.63 3.18
C ALA B 405 53.54 22.44 3.08
N THR C 1 26.79 2.39 6.07
CA THR C 1 25.72 2.45 7.07
C THR C 1 26.25 2.92 8.42
N SER C 2 25.34 3.30 9.33
CA SER C 2 25.74 3.77 10.66
C SER C 2 25.53 2.76 11.77
N HIS C 3 24.92 1.61 11.46
CA HIS C 3 24.65 0.66 12.54
C HIS C 3 25.22 -0.70 12.17
N HIS C 4 26.35 -0.67 11.47
CA HIS C 4 27.11 -1.89 11.17
C HIS C 4 26.35 -2.92 10.30
N GLY C 5 25.41 -2.44 9.50
CA GLY C 5 24.67 -3.26 8.56
C GLY C 5 23.39 -3.81 9.20
N TYR C 6 23.21 -3.54 10.48
CA TYR C 6 22.02 -4.01 11.18
C TYR C 6 20.78 -3.26 10.71
N GLN C 7 19.80 -4.00 10.21
CA GLN C 7 18.51 -3.43 9.80
C GLN C 7 17.48 -4.14 10.65
N PRO C 8 16.92 -3.43 11.65
CA PRO C 8 16.17 -4.07 12.73
C PRO C 8 15.02 -4.99 12.30
N PHE C 9 14.31 -4.70 11.20
CA PHE C 9 13.16 -5.56 10.88
C PHE C 9 13.45 -6.55 9.75
N ASP C 10 14.67 -6.48 9.21
CA ASP C 10 15.02 -7.35 8.07
C ASP C 10 15.46 -8.72 8.59
N MET C 11 14.59 -9.70 8.40
CA MET C 11 14.81 -11.04 8.96
C MET C 11 15.42 -12.03 7.98
N HIS C 12 15.75 -11.64 6.76
CA HIS C 12 16.16 -12.65 5.79
C HIS C 12 17.54 -13.26 6.11
N ASN C 13 18.51 -12.43 6.50
CA ASN C 13 19.84 -12.93 6.83
C ASN C 13 20.62 -11.94 7.71
N PRO C 14 20.27 -11.91 8.99
CA PRO C 14 20.84 -10.88 9.88
C PRO C 14 22.24 -11.24 10.39
N PHE C 15 22.70 -12.46 10.12
CA PHE C 15 23.90 -12.97 10.81
C PHE C 15 25.20 -12.25 10.48
N PRO C 16 25.40 -11.85 9.20
CA PRO C 16 26.61 -11.04 8.98
C PRO C 16 26.61 -9.72 9.79
N ALA C 17 25.48 -9.05 9.89
CA ALA C 17 25.41 -7.83 10.71
C ALA C 17 25.64 -8.14 12.20
N TYR C 18 25.07 -9.24 12.69
CA TYR C 18 25.32 -9.68 14.06
C TYR C 18 26.83 -9.83 14.29
N LYS C 19 27.50 -10.47 13.36
CA LYS C 19 28.93 -10.73 13.48
C LYS C 19 29.73 -9.41 13.54
N GLU C 20 29.37 -8.45 12.70
CA GLU C 20 30.04 -7.17 12.72
C GLU C 20 29.76 -6.46 14.03
N LEU C 21 28.52 -6.56 14.52
CA LEU C 21 28.16 -5.93 15.80
C LEU C 21 28.99 -6.49 16.95
N ARG C 22 29.09 -7.82 17.03
CA ARG C 22 29.86 -8.47 18.11
C ARG C 22 31.29 -7.96 18.13
N GLN C 23 31.83 -7.69 16.96
CA GLN C 23 33.23 -7.28 16.86
C GLN C 23 33.39 -5.77 17.03
N GLU C 24 32.47 -4.98 16.52
CA GLU C 24 32.71 -3.53 16.46
C GLU C 24 31.93 -2.72 17.52
N GLU C 25 30.73 -3.18 17.87
CA GLU C 25 29.90 -2.43 18.82
C GLU C 25 28.88 -3.37 19.47
N PRO C 26 29.32 -4.21 20.41
CA PRO C 26 28.49 -5.27 20.98
C PRO C 26 27.34 -4.76 21.85
N VAL C 27 27.43 -3.51 22.30
CA VAL C 27 26.32 -2.85 22.98
C VAL C 27 26.12 -1.52 22.26
N MET C 28 25.15 -1.48 21.35
CA MET C 28 24.98 -0.36 20.44
C MET C 28 23.66 0.34 20.68
N PHE C 29 23.67 1.65 20.90
CA PHE C 29 22.36 2.28 21.00
C PHE C 29 21.78 2.52 19.60
N ASP C 30 20.60 1.95 19.35
CA ASP C 30 19.95 2.11 18.05
C ASP C 30 18.74 3.03 18.19
N GLU C 31 18.93 4.27 17.77
CA GLU C 31 17.91 5.30 17.89
C GLU C 31 16.74 5.05 16.95
N ARG C 32 16.92 4.18 15.96
CA ARG C 32 15.87 3.89 14.98
C ARG C 32 14.73 3.10 15.67
N ILE C 33 15.08 2.35 16.70
CA ILE C 33 14.05 1.62 17.43
C ILE C 33 13.98 2.04 18.92
N GLY C 34 15.01 2.69 19.44
CA GLY C 34 15.03 3.13 20.84
C GLY C 34 15.52 2.11 21.86
N TYR C 35 16.46 1.24 21.45
CA TYR C 35 16.99 0.17 22.29
C TYR C 35 18.52 0.08 22.23
N TRP C 36 19.12 -0.33 23.35
CA TRP C 36 20.49 -0.83 23.32
C TRP C 36 20.47 -2.20 22.68
N VAL C 37 21.19 -2.34 21.58
CA VAL C 37 21.23 -3.63 20.87
C VAL C 37 22.44 -4.43 21.33
N VAL C 38 22.18 -5.62 21.91
CA VAL C 38 23.21 -6.38 22.57
C VAL C 38 23.45 -7.70 21.86
N THR C 39 24.71 -7.99 21.53
CA THR C 39 24.93 -9.13 20.62
C THR C 39 25.85 -10.24 21.08
N LYS C 40 26.56 -10.05 22.19
CA LYS C 40 27.52 -11.09 22.61
C LYS C 40 26.88 -12.09 23.57
N TYR C 41 27.28 -13.34 23.49
CA TYR C 41 26.65 -14.38 24.30
C TYR C 41 26.71 -14.10 25.80
N ASP C 42 27.91 -13.81 26.32
CA ASP C 42 28.09 -13.61 27.76
C ASP C 42 27.26 -12.43 28.28
N ASP C 43 27.26 -11.31 27.55
CA ASP C 43 26.45 -10.15 27.93
C ASP C 43 24.97 -10.50 27.90
N ILE C 44 24.54 -11.25 26.89
CA ILE C 44 23.12 -11.57 26.76
C ILE C 44 22.69 -12.52 27.86
N LYS C 45 23.47 -13.56 28.12
CA LYS C 45 23.11 -14.48 29.20
C LYS C 45 23.11 -13.79 30.57
N THR C 46 24.12 -12.96 30.85
CA THR C 46 24.15 -12.24 32.13
C THR C 46 22.92 -11.35 32.30
N THR C 47 22.50 -10.70 31.23
CA THR C 47 21.34 -9.83 31.31
C THR C 47 20.05 -10.63 31.59
N PHE C 48 19.85 -11.76 30.89
CA PHE C 48 18.71 -12.64 31.15
C PHE C 48 18.68 -13.07 32.60
N ASP C 49 19.85 -13.42 33.09
CA ASP C 49 19.98 -13.98 34.41
C ASP C 49 19.67 -12.97 35.52
N ASP C 50 20.00 -11.71 35.28
CA ASP C 50 19.85 -10.66 36.30
C ASP C 50 18.46 -10.01 36.20
N TRP C 51 17.43 -10.76 36.57
CA TRP C 51 16.07 -10.27 36.42
C TRP C 51 15.76 -9.11 37.37
N GLU C 52 16.48 -9.04 38.48
CA GLU C 52 16.26 -7.97 39.45
C GLU C 52 16.70 -6.60 38.89
N THR C 53 17.63 -6.61 37.95
CA THR C 53 18.10 -5.39 37.35
C THR C 53 17.40 -5.15 36.01
N PHE C 54 17.22 -6.22 35.22
CA PHE C 54 16.62 -6.11 33.90
C PHE C 54 15.24 -6.79 33.83
N SER C 55 14.21 -5.96 33.91
CA SER C 55 12.83 -6.40 33.91
C SER C 55 12.37 -6.77 32.53
N SER C 56 11.42 -7.72 32.43
CA SER C 56 10.84 -8.06 31.13
C SER C 56 9.58 -7.20 30.85
N GLU C 57 9.32 -6.19 31.68
CA GLU C 57 7.99 -5.54 31.60
C GLU C 57 7.68 -4.89 30.23
N ASN C 58 8.69 -4.64 29.43
CA ASN C 58 8.48 -4.07 28.10
C ASN C 58 8.51 -5.09 27.00
N ALA C 59 8.56 -6.38 27.35
CA ALA C 59 8.73 -7.39 26.30
C ALA C 59 7.52 -7.48 25.36
N GLN C 60 6.39 -6.97 25.81
CA GLN C 60 5.16 -6.98 25.03
C GLN C 60 4.67 -5.57 24.67
N ALA C 61 5.49 -4.56 24.96
CA ALA C 61 5.16 -3.20 24.54
C ALA C 61 5.36 -3.09 23.01
N PRO C 62 4.43 -2.43 22.29
CA PRO C 62 4.59 -2.34 20.83
C PRO C 62 5.89 -1.63 20.49
N VAL C 63 6.62 -2.17 19.52
CA VAL C 63 7.85 -1.52 19.10
C VAL C 63 7.51 -0.16 18.47
N ARG C 64 6.45 -0.11 17.67
CA ARG C 64 5.96 1.18 17.13
C ARG C 64 4.72 1.63 17.89
N LYS C 65 4.73 2.88 18.35
CA LYS C 65 3.65 3.42 19.18
C LYS C 65 2.26 3.15 18.57
N ARG C 66 1.32 2.67 19.38
CA ARG C 66 -0.05 2.45 18.89
C ARG C 66 -0.71 3.77 18.48
N GLY C 67 -1.10 3.87 17.21
CA GLY C 67 -1.67 5.08 16.67
C GLY C 67 -3.09 5.35 17.17
N PRO C 68 -3.64 6.53 16.82
CA PRO C 68 -4.95 6.96 17.33
C PRO C 68 -6.08 5.98 16.99
N GLN C 69 -6.15 5.52 15.74
CA GLN C 69 -7.26 4.66 15.32
C GLN C 69 -7.21 3.31 16.05
N ALA C 70 -6.04 2.66 16.01
CA ALA C 70 -5.87 1.38 16.68
C ALA C 70 -6.15 1.51 18.18
N THR C 71 -5.71 2.62 18.77
CA THR C 71 -5.97 2.87 20.18
C THR C 71 -7.47 2.96 20.46
N GLN C 72 -8.20 3.67 19.59
CA GLN C 72 -9.65 3.80 19.72
C GLN C 72 -10.37 2.45 19.59
N ILE C 73 -10.01 1.70 18.55
CA ILE C 73 -10.56 0.37 18.29
C ILE C 73 -10.36 -0.56 19.49
N MET C 74 -9.16 -0.55 20.07
CA MET C 74 -8.88 -1.52 21.14
C MET C 74 -9.52 -1.12 22.47
N THR C 75 -9.56 0.18 22.74
CA THR C 75 -10.28 0.69 23.92
C THR C 75 -11.78 0.41 23.79
N ASP C 76 -12.37 0.77 22.65
CA ASP C 76 -13.80 0.55 22.44
C ASP C 76 -14.14 -0.95 22.42
N GLY C 77 -13.20 -1.77 22.02
CA GLY C 77 -13.43 -3.21 21.93
C GLY C 77 -13.18 -3.95 23.23
N GLY C 78 -12.83 -3.21 24.29
CA GLY C 78 -12.62 -3.81 25.61
C GLY C 78 -11.34 -4.63 25.75
N PHE C 79 -10.32 -4.26 24.98
CA PHE C 79 -9.04 -4.97 25.02
C PHE C 79 -8.27 -4.53 26.23
N THR C 80 -8.15 -5.40 27.22
CA THR C 80 -7.46 -5.01 28.46
C THR C 80 -6.28 -5.93 28.72
N ALA C 81 -5.86 -6.68 27.70
CA ALA C 81 -4.77 -7.64 27.84
C ALA C 81 -3.41 -6.95 27.64
N TYR C 82 -2.36 -7.53 28.23
CA TYR C 82 -1.00 -7.09 27.97
C TYR C 82 -0.09 -8.31 27.87
N SER C 83 0.00 -9.09 28.94
CA SER C 83 0.89 -10.25 28.90
C SER C 83 0.40 -11.32 29.85
N GLY C 84 0.26 -12.56 29.37
CA GLY C 84 -0.07 -13.67 30.26
C GLY C 84 1.04 -13.92 31.27
N LEU C 85 2.28 -13.97 30.75
CA LEU C 85 3.46 -14.28 31.57
C LEU C 85 4.74 -13.53 31.17
N SER C 86 5.03 -13.42 29.87
CA SER C 86 6.39 -13.05 29.46
C SER C 86 6.83 -11.66 29.93
N ALA C 87 5.87 -10.75 30.07
CA ALA C 87 6.16 -9.39 30.47
C ALA C 87 5.68 -9.05 31.88
N ARG C 88 5.24 -10.04 32.64
CA ARG C 88 4.95 -9.83 34.05
C ARG C 88 6.24 -9.86 34.87
N ILE C 89 6.24 -9.26 36.04
CA ILE C 89 7.42 -9.35 36.92
C ILE C 89 7.00 -9.86 38.29
N PRO C 90 7.95 -10.40 39.08
CA PRO C 90 7.61 -10.83 40.44
C PRO C 90 7.00 -9.67 41.24
N PRO C 91 6.06 -9.96 42.15
CA PRO C 91 5.65 -11.31 42.54
C PRO C 91 4.58 -11.94 41.66
N GLU C 92 3.86 -11.13 40.89
CA GLU C 92 2.78 -11.65 40.05
C GLU C 92 3.28 -12.75 39.12
N HIS C 93 4.41 -12.47 38.47
CA HIS C 93 4.97 -13.42 37.55
C HIS C 93 5.22 -14.75 38.23
N THR C 94 5.85 -14.68 39.40
CA THR C 94 6.22 -15.86 40.16
C THR C 94 5.00 -16.71 40.48
N ARG C 95 3.98 -16.05 41.01
CA ARG C 95 2.71 -16.69 41.36
C ARG C 95 2.02 -17.37 40.15
N ILE C 96 1.85 -16.63 39.06
CA ILE C 96 1.11 -17.14 37.91
C ILE C 96 1.89 -18.21 37.14
N ARG C 97 3.19 -18.04 37.00
CA ARG C 97 3.99 -19.06 36.32
C ARG C 97 3.92 -20.38 37.08
N ALA C 98 4.01 -20.35 38.41
CA ALA C 98 3.93 -21.58 39.17
C ALA C 98 2.59 -22.27 38.93
N ILE C 99 1.52 -21.49 38.89
CA ILE C 99 0.20 -22.06 38.61
C ILE C 99 0.11 -22.59 37.17
N ALA C 100 0.64 -21.84 36.21
CA ALA C 100 0.70 -22.28 34.82
C ALA C 100 1.47 -23.60 34.70
N GLN C 101 2.61 -23.70 35.37
CA GLN C 101 3.40 -24.92 35.32
C GLN C 101 2.65 -26.13 35.85
N LYS C 102 1.89 -25.93 36.91
CA LYS C 102 1.28 -27.06 37.61
C LYS C 102 0.08 -27.60 36.83
N ALA C 103 -0.52 -26.75 36.00
CA ALA C 103 -1.55 -27.22 35.07
C ALA C 103 -0.91 -27.82 33.80
N PHE C 104 0.00 -27.06 33.19
CA PHE C 104 0.77 -27.47 32.01
C PHE C 104 1.84 -28.53 32.34
N THR C 105 1.42 -29.75 32.66
CA THR C 105 2.36 -30.80 33.06
C THR C 105 3.03 -31.47 31.86
N PRO C 106 4.31 -31.84 32.02
CA PRO C 106 5.04 -32.56 30.97
C PRO C 106 4.29 -33.79 30.51
N ARG C 107 3.80 -34.59 31.46
CA ARG C 107 3.18 -35.86 31.14
C ARG C 107 1.89 -35.71 30.34
N ARG C 108 1.32 -34.51 30.32
CA ARG C 108 0.06 -34.29 29.60
C ARG C 108 0.22 -34.08 28.11
N TYR C 109 1.28 -33.41 27.70
CA TYR C 109 1.49 -33.21 26.27
C TYR C 109 2.41 -34.28 25.70
N LYS C 110 3.18 -34.92 26.58
CA LYS C 110 3.95 -36.08 26.17
C LYS C 110 2.98 -37.22 25.90
N ALA C 111 1.78 -37.12 26.46
CA ALA C 111 0.72 -38.09 26.21
C ALA C 111 0.00 -37.84 24.90
N LEU C 112 0.33 -36.75 24.21
CA LEU C 112 -0.29 -36.48 22.90
C LEU C 112 0.61 -36.87 21.75
N GLU C 113 1.78 -37.43 22.05
CA GLU C 113 2.72 -37.81 21.00
C GLU C 113 2.07 -38.76 19.98
N PRO C 114 1.29 -39.77 20.46
CA PRO C 114 0.67 -40.61 19.41
C PRO C 114 -0.28 -39.82 18.50
N ASP C 115 -1.05 -38.89 19.06
CA ASP C 115 -1.99 -38.14 18.24
C ASP C 115 -1.27 -37.20 17.28
N ILE C 116 -0.18 -36.60 17.73
CA ILE C 116 0.61 -35.74 16.87
C ILE C 116 1.25 -36.52 15.72
N ARG C 117 1.81 -37.69 16.03
CA ARG C 117 2.45 -38.52 15.02
C ARG C 117 1.45 -38.90 13.93
N ALA C 118 0.25 -39.33 14.33
CA ALA C 118 -0.80 -39.71 13.36
C ALA C 118 -1.18 -38.53 12.47
N MET C 119 -1.27 -37.35 13.09
CA MET C 119 -1.59 -36.11 12.38
C MET C 119 -0.50 -35.77 11.37
N VAL C 120 0.77 -35.93 11.76
CA VAL C 120 1.89 -35.65 10.87
C VAL C 120 1.83 -36.56 9.63
N ILE C 121 1.64 -37.85 9.85
CA ILE C 121 1.57 -38.83 8.77
C ILE C 121 0.45 -38.49 7.79
N ASP C 122 -0.68 -38.07 8.36
CA ASP C 122 -1.81 -37.68 7.56
C ASP C 122 -1.43 -36.55 6.62
N ARG C 123 -0.73 -35.55 7.16
CA ARG C 123 -0.37 -34.38 6.37
C ARG C 123 0.64 -34.72 5.29
N VAL C 124 1.63 -35.55 5.62
CA VAL C 124 2.61 -35.96 4.63
C VAL C 124 1.93 -36.70 3.48
N GLU C 125 1.05 -37.64 3.80
CA GLU C 125 0.34 -38.41 2.80
C GLU C 125 -0.44 -37.53 1.84
N LYS C 126 -1.11 -36.51 2.39
CA LYS C 126 -1.87 -35.58 1.57
C LYS C 126 -0.95 -34.76 0.68
N MET C 127 0.21 -34.40 1.20
CA MET C 127 1.19 -33.64 0.44
C MET C 127 1.69 -34.48 -0.74
N LEU C 128 1.96 -35.75 -0.50
CA LEU C 128 2.47 -36.65 -1.53
C LEU C 128 1.41 -36.93 -2.61
N ALA C 129 0.15 -36.73 -2.25
CA ALA C 129 -0.94 -36.96 -3.18
C ALA C 129 -1.27 -35.72 -4.00
N ASN C 130 -0.38 -34.73 -4.01
CA ASN C 130 -0.64 -33.53 -4.79
C ASN C 130 -0.49 -33.90 -6.25
N ASP C 131 -1.13 -33.15 -7.14
CA ASP C 131 -1.23 -33.59 -8.53
C ASP C 131 0.12 -33.26 -9.16
N GLN C 132 0.77 -32.25 -8.57
CA GLN C 132 2.12 -31.88 -8.95
C GLN C 132 2.99 -32.35 -7.78
N HIS C 133 4.21 -32.81 -8.06
CA HIS C 133 5.08 -33.32 -7.00
C HIS C 133 5.77 -32.19 -6.24
N VAL C 134 5.02 -31.15 -5.93
CA VAL C 134 5.55 -29.99 -5.23
C VAL C 134 4.76 -29.73 -3.97
N GLY C 135 5.47 -29.38 -2.90
CA GLY C 135 4.83 -29.09 -1.64
C GLY C 135 5.43 -27.87 -0.97
N ASP C 136 4.90 -27.56 0.21
CA ASP C 136 5.39 -26.44 1.00
C ASP C 136 5.31 -26.83 2.46
N MET C 137 6.46 -26.99 3.11
CA MET C 137 6.50 -27.53 4.47
C MET C 137 5.79 -26.59 5.44
N VAL C 138 5.58 -25.33 5.06
CA VAL C 138 4.80 -24.45 5.90
C VAL C 138 3.31 -24.77 5.80
N SER C 139 2.69 -24.51 4.65
CA SER C 139 1.24 -24.68 4.53
C SER C 139 0.79 -26.15 4.61
N ASP C 140 1.68 -27.08 4.23
CA ASP C 140 1.31 -28.50 4.15
C ASP C 140 1.66 -29.28 5.42
N LEU C 141 2.36 -28.66 6.37
CA LEU C 141 2.67 -29.36 7.63
C LEU C 141 2.83 -28.47 8.85
N ALA C 142 3.76 -27.52 8.81
CA ALA C 142 4.10 -26.77 10.01
C ALA C 142 2.96 -25.86 10.47
N TYR C 143 2.17 -25.40 9.52
CA TYR C 143 1.06 -24.49 9.80
C TYR C 143 0.09 -25.12 10.80
N ASP C 144 -0.34 -26.35 10.52
CA ASP C 144 -1.41 -27.00 11.28
C ASP C 144 -1.02 -27.65 12.60
N ILE C 145 0.07 -28.40 12.58
CA ILE C 145 0.34 -29.35 13.64
C ILE C 145 0.39 -28.71 15.06
N PRO C 146 1.27 -27.71 15.27
CA PRO C 146 1.31 -27.13 16.62
C PRO C 146 0.06 -26.33 16.98
N THR C 147 -0.65 -25.82 16.00
CA THR C 147 -1.84 -25.05 16.29
C THR C 147 -2.93 -25.99 16.80
N ILE C 148 -3.17 -27.08 16.08
CA ILE C 148 -4.17 -28.07 16.51
C ILE C 148 -3.78 -28.59 17.88
N THR C 149 -2.50 -28.84 18.09
CA THR C 149 -2.02 -29.35 19.39
C THR C 149 -2.31 -28.42 20.55
N ILE C 150 -2.00 -27.14 20.40
CA ILE C 150 -2.18 -26.23 21.54
C ILE C 150 -3.69 -25.95 21.74
N LEU C 151 -4.42 -25.86 20.63
CA LEU C 151 -5.87 -25.65 20.70
C LEU C 151 -6.50 -26.83 21.43
N THR C 152 -6.05 -28.03 21.12
CA THR C 152 -6.58 -29.20 21.83
C THR C 152 -6.26 -29.11 23.33
N LEU C 153 -5.02 -28.75 23.66
CA LEU C 153 -4.63 -28.64 25.06
C LEU C 153 -5.44 -27.63 25.85
N ILE C 154 -5.66 -26.48 25.23
CA ILE C 154 -6.29 -25.36 25.90
C ILE C 154 -7.80 -25.58 25.97
N GLY C 155 -8.35 -26.23 24.93
CA GLY C 155 -9.77 -26.52 24.91
C GLY C 155 -10.54 -25.68 23.91
N ALA C 156 -9.84 -25.15 22.92
CA ALA C 156 -10.50 -24.41 21.85
C ALA C 156 -10.94 -25.37 20.75
N ASP C 157 -11.93 -24.97 19.97
CA ASP C 157 -12.36 -25.77 18.84
C ASP C 157 -11.24 -25.85 17.81
N ILE C 158 -10.84 -27.05 17.43
CA ILE C 158 -9.73 -27.20 16.50
C ILE C 158 -10.12 -26.74 15.09
N SER C 159 -11.40 -26.53 14.84
CA SER C 159 -11.82 -26.00 13.55
C SER C 159 -11.46 -24.51 13.42
N MET C 160 -10.93 -23.91 14.48
CA MET C 160 -10.57 -22.51 14.47
C MET C 160 -9.10 -22.24 14.20
N VAL C 161 -8.42 -23.19 13.58
CA VAL C 161 -7.01 -23.00 13.24
C VAL C 161 -6.77 -21.71 12.46
N ASP C 162 -7.53 -21.51 11.38
CA ASP C 162 -7.28 -20.36 10.51
C ASP C 162 -7.51 -19.06 11.25
N THR C 163 -8.49 -19.06 12.14
CA THR C 163 -8.76 -17.89 12.98
C THR C 163 -7.60 -17.59 13.95
N TYR C 164 -7.10 -18.62 14.61
CA TYR C 164 -5.99 -18.38 15.53
C TYR C 164 -4.74 -17.93 14.79
N LYS C 165 -4.55 -18.42 13.57
CA LYS C 165 -3.40 -17.96 12.78
C LYS C 165 -3.55 -16.48 12.39
N ARG C 166 -4.77 -16.05 12.06
CA ARG C 166 -5.03 -14.63 11.79
C ARG C 166 -4.68 -13.81 13.03
N TRP C 167 -5.21 -14.26 14.17
CA TRP C 167 -4.99 -13.55 15.43
C TRP C 167 -3.51 -13.50 15.83
N SER C 168 -2.83 -14.61 15.61
CA SER C 168 -1.40 -14.75 15.88
C SER C 168 -0.58 -13.87 14.94
N ASP C 169 -0.91 -13.89 13.64
CA ASP C 169 -0.25 -12.97 12.70
C ASP C 169 -0.40 -11.54 13.19
N SER C 170 -1.60 -11.19 13.63
CA SER C 170 -1.85 -9.80 14.06
C SER C 170 -1.12 -9.45 15.35
N ARG C 171 -1.06 -10.37 16.32
CA ARG C 171 -0.34 -10.07 17.52
C ARG C 171 1.16 -9.87 17.19
N ALA C 172 1.73 -10.73 16.34
CA ALA C 172 3.15 -10.60 16.01
C ALA C 172 3.48 -9.30 15.26
N ALA C 173 2.60 -8.90 14.34
CA ALA C 173 2.80 -7.67 13.56
C ALA C 173 2.58 -6.41 14.41
N MET C 174 1.51 -6.39 15.20
CA MET C 174 1.20 -5.23 16.03
C MET C 174 2.32 -4.92 17.01
N THR C 175 2.81 -5.97 17.67
CA THR C 175 3.74 -5.76 18.75
C THR C 175 5.20 -5.61 18.28
N TRP C 176 5.61 -6.36 17.26
CA TRP C 176 7.03 -6.31 16.82
C TRP C 176 7.20 -5.88 15.36
N GLY C 177 6.13 -5.47 14.72
CA GLY C 177 6.22 -5.06 13.34
C GLY C 177 6.47 -3.57 13.20
N ASP C 178 6.94 -3.16 12.03
CA ASP C 178 7.22 -1.76 11.77
C ASP C 178 5.99 -1.14 11.09
N LEU C 179 4.89 -1.04 11.83
CA LEU C 179 3.60 -0.67 11.24
C LEU C 179 3.30 0.81 11.27
N SER C 180 2.78 1.34 10.18
CA SER C 180 2.21 2.68 10.18
C SER C 180 0.91 2.65 10.98
N ASP C 181 0.38 3.83 11.31
CA ASP C 181 -0.85 3.90 12.07
C ASP C 181 -2.01 3.22 11.29
N GLU C 182 -2.07 3.40 9.98
CA GLU C 182 -3.16 2.81 9.18
C GLU C 182 -3.00 1.29 9.09
N GLU C 183 -1.76 0.81 9.06
CA GLU C 183 -1.54 -0.64 8.98
C GLU C 183 -1.93 -1.36 10.27
N GLN C 184 -1.94 -0.62 11.38
CA GLN C 184 -2.28 -1.19 12.66
C GLN C 184 -3.78 -1.52 12.75
N ILE C 185 -4.58 -0.89 11.90
CA ILE C 185 -6.04 -0.97 12.02
C ILE C 185 -6.61 -2.42 11.87
N PRO C 186 -6.26 -3.17 10.80
CA PRO C 186 -6.80 -4.55 10.77
C PRO C 186 -6.34 -5.39 11.93
N HIS C 187 -5.09 -5.22 12.36
CA HIS C 187 -4.56 -5.98 13.49
C HIS C 187 -5.23 -5.61 14.80
N ALA C 188 -5.58 -4.34 14.95
CA ALA C 188 -6.26 -3.91 16.17
C ALA C 188 -7.59 -4.65 16.30
N HIS C 189 -8.35 -4.72 15.22
CA HIS C 189 -9.65 -5.43 15.24
C HIS C 189 -9.44 -6.90 15.59
N ASN C 190 -8.40 -7.51 15.02
CA ASN C 190 -8.13 -8.92 15.31
C ASN C 190 -7.75 -9.15 16.78
N LEU C 191 -6.94 -8.28 17.36
CA LEU C 191 -6.57 -8.38 18.76
C LEU C 191 -7.83 -8.24 19.63
N VAL C 192 -8.74 -7.35 19.26
CA VAL C 192 -10.02 -7.23 20.00
C VAL C 192 -10.79 -8.58 20.00
N GLU C 193 -10.90 -9.22 18.83
CA GLU C 193 -11.57 -10.51 18.72
C GLU C 193 -10.92 -11.60 19.55
N TYR C 194 -9.59 -11.67 19.43
CA TYR C 194 -8.77 -12.65 20.13
C TYR C 194 -9.04 -12.59 21.63
N TRP C 195 -8.95 -11.39 22.20
CA TRP C 195 -9.16 -11.20 23.63
C TRP C 195 -10.57 -11.52 24.08
N GLN C 196 -11.57 -11.11 23.30
CA GLN C 196 -12.94 -11.46 23.64
C GLN C 196 -13.12 -12.99 23.66
N GLU C 197 -12.45 -13.71 22.78
CA GLU C 197 -12.58 -15.16 22.75
C GLU C 197 -11.90 -15.79 23.99
N CYS C 198 -10.74 -15.26 24.38
CA CYS C 198 -10.06 -15.73 25.58
C CYS C 198 -10.95 -15.61 26.79
N GLN C 199 -11.61 -14.48 26.94
CA GLN C 199 -12.53 -14.26 28.04
C GLN C 199 -13.74 -15.20 27.96
N ARG C 200 -14.22 -15.42 26.73
CA ARG C 200 -15.38 -16.27 26.54
C ARG C 200 -15.03 -17.68 27.02
N MET C 201 -13.83 -18.13 26.75
CA MET C 201 -13.45 -19.50 27.11
C MET C 201 -13.37 -19.71 28.61
N VAL C 202 -12.89 -18.71 29.34
CA VAL C 202 -12.84 -18.75 30.80
C VAL C 202 -14.26 -18.77 31.34
N ALA C 203 -15.12 -17.92 30.80
CA ALA C 203 -16.52 -17.88 31.24
C ALA C 203 -17.20 -19.23 30.96
N ASP C 204 -16.95 -19.80 29.79
CA ASP C 204 -17.53 -21.10 29.46
C ASP C 204 -17.06 -22.22 30.40
N ALA C 205 -15.80 -22.16 30.81
CA ALA C 205 -15.25 -23.14 31.73
C ALA C 205 -15.90 -22.98 33.11
N HIS C 206 -16.13 -21.74 33.54
CA HIS C 206 -16.85 -21.51 34.80
C HIS C 206 -18.24 -22.15 34.76
N ALA C 207 -18.88 -22.07 33.59
CA ALA C 207 -20.27 -22.47 33.47
C ALA C 207 -20.43 -23.97 33.18
N HIS C 208 -19.46 -24.57 32.51
CA HIS C 208 -19.62 -25.96 32.07
C HIS C 208 -18.42 -26.88 32.33
N GLY C 209 -17.36 -26.34 32.94
CA GLY C 209 -16.16 -27.13 33.20
C GLY C 209 -15.44 -27.61 31.94
N GLY C 210 -14.96 -28.85 31.98
CA GLY C 210 -14.29 -29.44 30.83
C GLY C 210 -13.00 -30.19 31.11
N ASP C 211 -12.44 -30.78 30.06
CA ASP C 211 -11.19 -31.52 30.18
C ASP C 211 -10.10 -30.88 29.30
N ASN C 212 -9.55 -29.77 29.80
CA ASN C 212 -8.53 -29.00 29.11
C ASN C 212 -7.85 -28.07 30.11
N LEU C 213 -6.85 -27.33 29.65
CA LEU C 213 -6.09 -26.42 30.51
C LEU C 213 -6.93 -25.28 31.08
N THR C 214 -7.82 -24.72 30.27
CA THR C 214 -8.65 -23.62 30.74
C THR C 214 -9.44 -24.08 31.95
N ALA C 215 -10.06 -25.23 31.80
CA ALA C 215 -10.90 -25.78 32.85
C ALA C 215 -10.06 -26.17 34.09
N ASP C 216 -8.84 -26.67 33.87
CA ASP C 216 -7.92 -26.98 34.97
C ASP C 216 -7.58 -25.70 35.74
N LEU C 217 -7.37 -24.60 35.02
CA LEU C 217 -7.04 -23.32 35.66
C LEU C 217 -8.21 -22.78 36.46
N VAL C 218 -9.41 -22.90 35.93
CA VAL C 218 -10.60 -22.45 36.66
C VAL C 218 -10.81 -23.31 37.90
N ARG C 219 -10.57 -24.61 37.77
CA ARG C 219 -10.69 -25.51 38.92
C ARG C 219 -9.64 -25.20 39.98
N ALA C 220 -8.44 -24.80 39.59
CA ALA C 220 -7.43 -24.40 40.56
C ALA C 220 -7.94 -23.22 41.38
N GLN C 221 -8.48 -22.21 40.69
CA GLN C 221 -9.06 -21.04 41.34
C GLN C 221 -10.19 -21.42 42.30
N GLN C 222 -11.03 -22.34 41.85
CA GLN C 222 -12.16 -22.81 42.63
C GLN C 222 -11.65 -23.56 43.87
N GLU C 223 -10.49 -24.18 43.77
CA GLU C 223 -9.91 -24.89 44.90
C GLU C 223 -9.05 -24.00 45.79
N GLY C 224 -8.98 -22.72 45.45
CA GLY C 224 -8.33 -21.77 46.32
C GLY C 224 -7.04 -21.17 45.82
N GLN C 225 -6.57 -21.59 44.65
CA GLN C 225 -5.35 -21.03 44.09
C GLN C 225 -5.59 -19.57 43.70
N GLU C 226 -4.57 -18.76 43.89
CA GLU C 226 -4.70 -17.33 43.68
C GLU C 226 -4.40 -16.94 42.23
N ILE C 227 -5.46 -16.90 41.43
CA ILE C 227 -5.37 -16.45 40.05
C ILE C 227 -6.76 -16.02 39.59
N THR C 228 -6.84 -14.79 39.09
CA THR C 228 -8.12 -14.18 38.73
C THR C 228 -8.57 -14.60 37.34
N ASP C 229 -9.85 -14.37 37.05
CA ASP C 229 -10.37 -14.66 35.70
C ASP C 229 -9.61 -13.88 34.64
N HIS C 230 -9.28 -12.62 34.95
CA HIS C 230 -8.53 -11.81 34.01
C HIS C 230 -7.16 -12.46 33.80
N GLU C 231 -6.57 -12.99 34.86
CA GLU C 231 -5.27 -13.65 34.75
C GLU C 231 -5.32 -15.00 33.99
N ILE C 232 -6.38 -15.78 34.18
CA ILE C 232 -6.56 -17.01 33.40
C ILE C 232 -6.74 -16.68 31.92
N ALA C 233 -7.60 -15.69 31.62
CA ALA C 233 -7.80 -15.25 30.23
C ALA C 233 -6.49 -14.76 29.63
N SER C 234 -5.69 -14.09 30.44
CA SER C 234 -4.40 -13.63 29.99
C SER C 234 -3.45 -14.80 29.71
N LEU C 235 -3.55 -15.87 30.50
CA LEU C 235 -2.76 -17.09 30.23
C LEU C 235 -3.15 -17.71 28.88
N LEU C 236 -4.44 -17.71 28.56
CA LEU C 236 -4.90 -18.16 27.24
C LEU C 236 -4.35 -17.26 26.12
N TYR C 237 -4.42 -15.96 26.35
CA TYR C 237 -3.89 -14.95 25.41
C TYR C 237 -2.41 -15.26 25.13
N SER C 238 -1.70 -15.67 26.18
CA SER C 238 -0.28 -16.07 26.09
C SER C 238 -0.11 -17.41 25.31
N LEU C 239 -0.70 -18.46 25.86
CA LEU C 239 -0.50 -19.80 25.33
C LEU C 239 -1.10 -20.03 23.92
N LEU C 240 -2.22 -19.37 23.58
CA LEU C 240 -2.81 -19.54 22.25
C LEU C 240 -2.07 -18.74 21.19
N PHE C 241 -0.99 -18.07 21.60
CA PHE C 241 -0.08 -17.38 20.68
C PHE C 241 1.31 -18.00 20.73
N ALA C 242 1.90 -17.92 21.90
CA ALA C 242 3.24 -18.45 22.13
C ALA C 242 3.28 -19.97 21.92
N GLY C 243 2.13 -20.62 22.08
CA GLY C 243 2.07 -22.07 22.03
C GLY C 243 2.07 -22.71 20.66
N HIS C 244 2.08 -21.93 19.57
CA HIS C 244 2.12 -22.50 18.22
C HIS C 244 2.92 -21.68 17.21
N GLU C 245 2.90 -20.37 17.33
CA GLU C 245 3.58 -19.52 16.33
C GLU C 245 5.08 -19.88 16.13
N THR C 246 5.82 -19.95 17.21
CA THR C 246 7.24 -20.25 17.12
C THR C 246 7.55 -21.72 16.74
N THR C 247 6.62 -22.63 17.02
CA THR C 247 6.84 -24.05 16.73
C THR C 247 6.55 -24.29 15.25
N THR C 248 5.54 -23.59 14.71
CA THR C 248 5.34 -23.58 13.26
C THR C 248 6.63 -23.13 12.56
N THR C 249 7.20 -22.05 13.07
CA THR C 249 8.46 -21.56 12.54
C THR C 249 9.57 -22.59 12.70
N LEU C 250 9.67 -23.18 13.91
CA LEU C 250 10.73 -24.16 14.13
C LEU C 250 10.65 -25.34 13.17
N ILE C 251 9.45 -25.91 13.00
CA ILE C 251 9.28 -27.03 12.09
C ILE C 251 9.65 -26.63 10.66
N SER C 252 9.22 -25.45 10.26
CA SER C 252 9.57 -24.91 8.95
C SER C 252 11.08 -24.86 8.75
N ASN C 253 11.77 -24.32 9.76
CA ASN C 253 13.23 -24.14 9.68
C ASN C 253 13.99 -25.45 9.72
N CYS C 254 13.45 -26.44 10.42
CA CYS C 254 14.07 -27.76 10.45
C CYS C 254 14.27 -28.28 9.03
N PHE C 255 13.24 -28.15 8.20
CA PHE C 255 13.33 -28.56 6.81
C PHE C 255 14.11 -27.58 5.96
N ARG C 256 13.87 -26.29 6.16
CA ARG C 256 14.62 -25.26 5.43
C ARG C 256 16.12 -25.46 5.58
N VAL C 257 16.57 -25.63 6.82
CA VAL C 257 17.99 -25.70 7.07
C VAL C 257 18.56 -27.08 6.76
N LEU C 258 17.88 -28.13 7.19
CA LEU C 258 18.43 -29.46 6.95
C LEU C 258 18.51 -29.77 5.46
N LEU C 259 17.49 -29.39 4.69
CA LEU C 259 17.50 -29.64 3.25
C LEU C 259 18.59 -28.86 2.54
N ASP C 260 19.16 -27.85 3.20
CA ASP C 260 20.27 -27.11 2.62
C ASP C 260 21.63 -27.71 2.99
N HIS C 261 21.62 -28.74 3.83
CA HIS C 261 22.83 -29.48 4.19
C HIS C 261 22.62 -30.96 3.94
N PRO C 262 22.70 -31.38 2.67
CA PRO C 262 22.39 -32.77 2.27
C PRO C 262 23.15 -33.82 3.05
N GLU C 263 24.38 -33.54 3.44
CA GLU C 263 25.16 -34.53 4.16
C GLU C 263 24.49 -34.81 5.52
N GLN C 264 23.90 -33.78 6.11
CA GLN C 264 23.34 -33.90 7.46
C GLN C 264 21.90 -34.39 7.38
N TRP C 265 21.21 -34.03 6.29
CA TRP C 265 19.90 -34.63 5.99
C TRP C 265 20.11 -36.13 5.80
N GLN C 266 21.19 -36.50 5.11
CA GLN C 266 21.51 -37.92 4.88
C GLN C 266 21.84 -38.68 6.15
N ALA C 267 22.56 -38.03 7.04
CA ALA C 267 22.90 -38.63 8.35
C ALA C 267 21.64 -38.97 9.15
N ILE C 268 20.67 -38.07 9.11
CA ILE C 268 19.40 -38.28 9.81
C ILE C 268 18.59 -39.43 9.23
N LEU C 269 18.59 -39.52 7.90
CA LEU C 269 17.94 -40.62 7.18
C LEU C 269 18.49 -41.96 7.66
N GLU C 270 19.81 -42.02 7.73
CA GLU C 270 20.50 -43.23 8.13
C GLU C 270 20.33 -43.52 9.60
N ASN C 271 20.21 -42.46 10.41
CA ASN C 271 20.12 -42.64 11.85
C ASN C 271 19.19 -41.63 12.51
N PRO C 272 17.91 -42.00 12.62
CA PRO C 272 16.89 -41.13 13.22
C PRO C 272 17.19 -40.74 14.67
N LYS C 273 18.09 -41.43 15.36
CA LYS C 273 18.38 -41.09 16.75
C LYS C 273 19.11 -39.76 16.83
N LEU C 274 19.62 -39.28 15.70
CA LEU C 274 20.33 -38.01 15.69
C LEU C 274 19.38 -36.81 15.62
N ILE C 275 18.09 -37.10 15.48
CA ILE C 275 17.14 -36.01 15.24
C ILE C 275 17.04 -35.02 16.40
N PRO C 276 16.99 -35.48 17.67
CA PRO C 276 16.89 -34.48 18.76
C PRO C 276 18.08 -33.52 18.81
N ALA C 277 19.29 -34.03 18.57
CA ALA C 277 20.46 -33.15 18.55
C ALA C 277 20.36 -32.23 17.35
N ALA C 278 19.80 -32.72 16.25
CA ALA C 278 19.61 -31.87 15.08
C ALA C 278 18.66 -30.71 15.40
N VAL C 279 17.57 -30.99 16.11
CA VAL C 279 16.64 -29.93 16.48
C VAL C 279 17.34 -28.89 17.39
N ASP C 280 18.19 -29.36 18.32
CA ASP C 280 19.00 -28.46 19.14
C ASP C 280 19.79 -27.48 18.28
N GLU C 281 20.42 -28.00 17.23
CA GLU C 281 21.26 -27.15 16.38
C GLU C 281 20.42 -26.22 15.49
N VAL C 282 19.23 -26.67 15.08
CA VAL C 282 18.33 -25.79 14.38
C VAL C 282 17.91 -24.62 15.30
N LEU C 283 17.68 -24.93 16.57
CA LEU C 283 17.33 -23.90 17.54
C LEU C 283 18.47 -22.88 17.75
N ARG C 284 19.71 -23.37 17.76
CA ARG C 284 20.86 -22.47 17.89
C ARG C 284 21.04 -21.61 16.63
N TYR C 285 21.00 -22.25 15.47
CA TYR C 285 21.37 -21.68 14.18
C TYR C 285 20.21 -20.90 13.56
N SER C 286 18.98 -21.27 13.93
CA SER C 286 17.78 -20.74 13.28
C SER C 286 16.57 -20.70 14.21
N GLY C 287 16.75 -20.09 15.38
CA GLY C 287 15.70 -19.98 16.38
C GLY C 287 14.53 -19.16 15.85
N SER C 288 13.32 -19.40 16.37
CA SER C 288 12.13 -18.71 15.88
C SER C 288 12.15 -17.25 16.28
N ILE C 289 12.84 -16.96 17.37
CA ILE C 289 12.98 -15.62 17.91
C ILE C 289 14.46 -15.25 17.93
N VAL C 290 14.82 -14.13 17.29
CA VAL C 290 16.23 -13.72 17.28
C VAL C 290 16.54 -12.58 18.24
N GLY C 291 15.51 -11.86 18.70
CA GLY C 291 15.71 -10.76 19.61
C GLY C 291 14.58 -10.65 20.63
N TRP C 292 14.92 -10.35 21.88
CA TRP C 292 13.90 -10.23 22.93
C TRP C 292 14.27 -9.06 23.86
N ARG C 293 13.27 -8.45 24.50
CA ARG C 293 13.49 -7.18 25.19
C ARG C 293 13.51 -7.20 26.71
N ARG C 294 14.27 -6.24 27.27
CA ARG C 294 14.33 -6.01 28.70
C ARG C 294 14.29 -4.50 28.94
N LYS C 295 14.03 -4.10 30.19
CA LYS C 295 14.05 -2.70 30.57
C LYS C 295 14.90 -2.55 31.83
N ALA C 296 15.86 -1.61 31.80
CA ALA C 296 16.71 -1.39 32.97
C ALA C 296 15.93 -0.75 34.13
N LEU C 297 15.99 -1.38 35.31
CA LEU C 297 15.24 -0.86 36.47
C LEU C 297 16.03 0.15 37.27
N LYS C 298 17.31 0.25 36.96
CA LYS C 298 18.21 1.16 37.65
C LYS C 298 19.38 1.45 36.73
N ASP C 299 20.15 2.50 37.03
CA ASP C 299 21.39 2.73 36.29
C ASP C 299 22.25 1.48 36.42
N THR C 300 22.78 1.01 35.30
CA THR C 300 23.54 -0.24 35.32
C THR C 300 24.49 -0.25 34.14
N GLU C 301 25.03 -1.41 33.82
CA GLU C 301 25.92 -1.54 32.67
C GLU C 301 25.70 -2.90 32.02
N ILE C 302 25.92 -2.98 30.71
CA ILE C 302 26.03 -4.28 30.00
C ILE C 302 27.36 -4.25 29.26
N GLY C 303 28.23 -5.21 29.54
CA GLY C 303 29.54 -5.26 28.90
C GLY C 303 30.32 -3.97 29.07
N GLY C 304 30.21 -3.36 30.25
CA GLY C 304 30.93 -2.14 30.59
C GLY C 304 30.31 -0.85 30.06
N VAL C 305 29.21 -0.96 29.32
CA VAL C 305 28.61 0.23 28.73
C VAL C 305 27.45 0.68 29.61
N ALA C 306 27.46 1.95 30.01
CA ALA C 306 26.49 2.49 30.95
C ALA C 306 25.09 2.56 30.36
N ILE C 307 24.15 1.99 31.10
CA ILE C 307 22.75 1.95 30.70
C ILE C 307 21.95 2.66 31.79
N LYS C 308 21.10 3.58 31.37
CA LYS C 308 20.35 4.40 32.32
C LYS C 308 19.07 3.70 32.74
N GLU C 309 18.66 3.93 33.98
CA GLU C 309 17.32 3.52 34.42
C GLU C 309 16.26 3.86 33.38
N GLY C 310 15.41 2.91 33.02
CA GLY C 310 14.33 3.20 32.08
C GLY C 310 14.68 2.88 30.62
N ASP C 311 15.96 2.73 30.31
CA ASP C 311 16.40 2.39 28.95
C ASP C 311 15.89 1.01 28.52
N GLY C 312 15.53 0.89 27.25
CA GLY C 312 15.18 -0.40 26.68
C GLY C 312 16.41 -1.15 26.17
N VAL C 313 16.34 -2.48 26.25
CA VAL C 313 17.43 -3.36 25.85
C VAL C 313 16.91 -4.47 24.90
N LEU C 314 17.53 -4.62 23.74
CA LEU C 314 17.19 -5.71 22.83
C LEU C 314 18.31 -6.75 22.86
N LEU C 315 18.02 -7.93 23.42
CA LEU C 315 18.98 -9.03 23.48
C LEU C 315 18.86 -9.85 22.21
N LEU C 316 19.89 -9.81 21.37
CA LEU C 316 19.83 -10.56 20.14
C LEU C 316 20.34 -11.99 20.33
N MET C 317 19.45 -12.86 20.81
CA MET C 317 19.79 -14.26 20.98
C MET C 317 20.27 -14.89 19.69
N GLY C 318 19.73 -14.44 18.55
CA GLY C 318 20.19 -14.96 17.29
C GLY C 318 21.69 -14.75 17.09
N SER C 319 22.18 -13.65 17.65
CA SER C 319 23.61 -13.33 17.62
C SER C 319 24.41 -14.08 18.72
N ALA C 320 23.89 -14.11 19.95
CA ALA C 320 24.55 -14.85 21.03
C ALA C 320 24.90 -16.27 20.57
N ASN C 321 23.94 -16.87 19.89
CA ASN C 321 24.03 -18.25 19.44
C ASN C 321 25.10 -18.50 18.40
N ARG C 322 25.67 -17.44 17.82
CA ARG C 322 26.72 -17.60 16.82
C ARG C 322 28.05 -17.15 17.40
N ASP C 323 28.04 -16.67 18.65
CA ASP C 323 29.23 -16.04 19.24
C ASP C 323 30.41 -17.02 19.30
N GLU C 324 31.50 -16.68 18.61
CA GLU C 324 32.71 -17.53 18.58
C GLU C 324 33.27 -17.78 20.00
N ALA C 325 32.97 -16.90 20.94
CA ALA C 325 33.44 -17.11 22.30
C ALA C 325 32.78 -18.34 22.96
N ARG C 326 31.63 -18.77 22.45
CA ARG C 326 30.90 -19.87 23.07
C ARG C 326 30.69 -21.02 22.09
N PHE C 327 30.60 -20.71 20.79
CA PHE C 327 30.35 -21.72 19.76
C PHE C 327 31.44 -21.70 18.67
N GLU C 328 32.34 -22.67 18.72
CA GLU C 328 33.42 -22.73 17.75
C GLU C 328 32.87 -22.91 16.32
N ASN C 329 33.38 -22.08 15.41
CA ASN C 329 32.88 -22.01 14.03
C ASN C 329 31.38 -21.80 14.03
N GLY C 330 30.95 -20.79 14.79
CA GLY C 330 29.55 -20.57 15.12
C GLY C 330 28.63 -20.26 13.96
N GLU C 331 29.18 -19.82 12.82
CA GLU C 331 28.34 -19.51 11.68
C GLU C 331 28.04 -20.79 10.86
N GLU C 332 28.58 -21.93 11.27
CA GLU C 332 28.35 -23.18 10.53
C GLU C 332 27.29 -24.05 11.19
N PHE C 333 26.45 -24.66 10.36
CA PHE C 333 25.41 -25.56 10.85
C PHE C 333 25.94 -26.99 11.02
N ASP C 334 25.88 -27.54 12.24
CA ASP C 334 26.45 -28.87 12.51
C ASP C 334 25.63 -29.61 13.54
N ILE C 335 24.87 -30.61 13.10
CA ILE C 335 23.92 -31.27 14.01
C ILE C 335 24.63 -32.06 15.11
N SER C 336 25.94 -32.28 14.96
CA SER C 336 26.69 -33.01 15.99
C SER C 336 27.34 -32.07 17.02
N ARG C 337 27.13 -30.77 16.88
CA ARG C 337 27.73 -29.80 17.80
C ARG C 337 27.39 -30.12 19.25
N ALA C 338 28.42 -30.37 20.05
CA ALA C 338 28.21 -30.96 21.37
C ALA C 338 27.54 -30.02 22.38
N ASN C 339 27.77 -28.71 22.25
CA ASN C 339 27.22 -27.75 23.20
C ASN C 339 26.08 -26.92 22.59
N ALA C 340 25.41 -27.47 21.58
CA ALA C 340 24.32 -26.73 20.92
C ALA C 340 23.25 -26.30 21.92
N ARG C 341 23.03 -27.12 22.93
CA ARG C 341 22.05 -26.83 23.98
C ARG C 341 22.43 -25.66 24.90
N GLU C 342 23.59 -25.04 24.71
CA GLU C 342 23.86 -23.78 25.43
C GLU C 342 23.18 -22.58 24.76
N HIS C 343 22.45 -22.84 23.67
CA HIS C 343 21.82 -21.75 22.92
C HIS C 343 20.79 -21.02 23.79
N LEU C 344 20.42 -19.81 23.37
CA LEU C 344 19.53 -18.95 24.16
C LEU C 344 18.22 -18.70 23.44
N SER C 345 17.87 -19.61 22.54
CA SER C 345 16.68 -19.38 21.74
C SER C 345 15.39 -19.53 22.57
N PHE C 346 15.49 -20.17 23.74
CA PHE C 346 14.38 -20.29 24.70
C PHE C 346 14.55 -19.34 25.87
N GLY C 347 15.53 -18.46 25.76
CA GLY C 347 15.88 -17.60 26.87
C GLY C 347 16.71 -18.26 27.94
N PHE C 348 16.69 -17.68 29.13
CA PHE C 348 17.42 -18.18 30.29
C PHE C 348 16.93 -17.46 31.53
N GLY C 349 16.76 -18.19 32.62
CA GLY C 349 16.39 -17.55 33.87
C GLY C 349 14.90 -17.70 34.19
N ILE C 350 14.33 -16.70 34.85
CA ILE C 350 12.98 -16.86 35.45
C ILE C 350 11.84 -16.94 34.44
N HIS C 351 12.06 -16.40 33.24
CA HIS C 351 11.02 -16.44 32.19
C HIS C 351 11.29 -17.54 31.15
N TYR C 352 12.24 -18.42 31.44
CA TYR C 352 12.67 -19.44 30.48
C TYR C 352 11.48 -20.16 29.88
N CYS C 353 11.49 -20.35 28.55
CA CYS C 353 10.34 -20.89 27.82
C CYS C 353 9.62 -22.03 28.52
N LEU C 354 8.33 -21.82 28.75
CA LEU C 354 7.46 -22.78 29.41
C LEU C 354 7.20 -23.99 28.53
N GLY C 355 7.21 -23.81 27.21
CA GLY C 355 6.77 -24.91 26.36
C GLY C 355 7.88 -25.56 25.54
N ASN C 356 9.12 -25.35 25.94
CA ASN C 356 10.26 -25.79 25.14
C ASN C 356 10.22 -27.28 24.82
N MET C 357 9.78 -28.10 25.78
CA MET C 357 9.72 -29.54 25.57
C MET C 357 8.65 -29.89 24.55
N LEU C 358 7.52 -29.19 24.60
CA LEU C 358 6.45 -29.43 23.65
C LEU C 358 6.88 -29.03 22.22
N ALA C 359 7.63 -27.93 22.08
CA ALA C 359 8.14 -27.50 20.78
C ALA C 359 9.11 -28.52 20.21
N LYS C 360 10.04 -28.98 21.03
CA LYS C 360 11.05 -29.93 20.59
C LYS C 360 10.40 -31.27 20.22
N LEU C 361 9.39 -31.68 20.98
CA LEU C 361 8.66 -32.92 20.69
C LEU C 361 8.07 -32.89 19.30
N GLN C 362 7.39 -31.79 18.96
CA GLN C 362 6.73 -31.72 17.66
C GLN C 362 7.73 -31.62 16.51
N ALA C 363 8.83 -30.90 16.71
CA ALA C 363 9.85 -30.83 15.66
C ALA C 363 10.43 -32.22 15.41
N LYS C 364 10.69 -32.96 16.49
CA LYS C 364 11.25 -34.30 16.38
C LYS C 364 10.32 -35.24 15.62
N ILE C 365 9.05 -35.24 15.98
CA ILE C 365 8.07 -36.11 15.32
C ILE C 365 7.97 -35.75 13.83
N CYS C 366 7.97 -34.45 13.54
CA CYS C 366 7.88 -34.03 12.15
C CYS C 366 9.07 -34.54 11.31
N LEU C 367 10.28 -34.39 11.85
CA LEU C 367 11.48 -34.85 11.16
C LEU C 367 11.50 -36.37 11.02
N GLU C 368 11.11 -37.07 12.10
CA GLU C 368 11.08 -38.55 12.08
C GLU C 368 10.19 -39.08 10.95
N GLU C 369 8.97 -38.56 10.86
CA GLU C 369 8.01 -39.09 9.90
C GLU C 369 8.29 -38.63 8.48
N VAL C 370 8.71 -37.37 8.30
CA VAL C 370 9.00 -36.89 6.95
C VAL C 370 10.24 -37.59 6.38
N THR C 371 11.29 -37.75 7.19
CA THR C 371 12.46 -38.46 6.69
C THR C 371 12.14 -39.90 6.35
N ARG C 372 11.25 -40.51 7.11
CA ARG C 372 10.83 -41.90 6.87
C ARG C 372 9.98 -42.01 5.63
N LEU C 373 9.03 -41.08 5.46
CA LEU C 373 8.07 -41.21 4.36
C LEU C 373 8.54 -40.53 3.06
N VAL C 374 9.40 -39.52 3.16
CA VAL C 374 9.92 -38.85 1.96
C VAL C 374 11.41 -38.66 2.06
N PRO C 375 12.18 -39.76 1.97
CA PRO C 375 13.62 -39.56 2.09
C PRO C 375 14.19 -38.70 0.96
N SER C 376 13.55 -38.69 -0.21
CA SER C 376 14.08 -37.95 -1.36
C SER C 376 13.69 -36.47 -1.37
N LEU C 377 13.10 -36.00 -0.28
CA LEU C 377 12.67 -34.62 -0.16
C LEU C 377 13.82 -33.64 -0.41
N HIS C 378 13.56 -32.57 -1.15
CA HIS C 378 14.56 -31.51 -1.32
C HIS C 378 13.92 -30.20 -1.71
N LEU C 379 14.67 -29.12 -1.60
CA LEU C 379 14.15 -27.79 -1.88
C LEU C 379 13.90 -27.66 -3.37
N VAL C 380 12.84 -26.95 -3.76
CA VAL C 380 12.54 -26.73 -5.17
C VAL C 380 13.70 -26.00 -5.84
N ALA C 381 14.20 -24.95 -5.18
CA ALA C 381 15.28 -24.16 -5.74
C ALA C 381 15.97 -23.36 -4.65
N ASP C 382 17.05 -22.67 -4.98
CA ASP C 382 17.90 -22.04 -3.98
C ASP C 382 17.37 -20.69 -3.45
N LYS C 383 16.74 -19.89 -4.29
CA LYS C 383 16.32 -18.56 -3.82
C LYS C 383 14.80 -18.41 -3.80
N ALA C 384 14.11 -19.35 -3.18
CA ALA C 384 12.66 -19.41 -3.23
C ALA C 384 12.03 -19.23 -1.86
N ILE C 385 12.80 -18.76 -0.89
CA ILE C 385 12.27 -18.58 0.47
C ILE C 385 12.42 -17.15 0.99
N GLY C 386 11.31 -16.52 1.39
CA GLY C 386 11.36 -15.17 1.92
C GLY C 386 11.02 -15.19 3.39
N PHE C 387 11.40 -14.13 4.10
CA PHE C 387 11.14 -14.01 5.53
C PHE C 387 10.32 -12.74 5.78
N ARG C 388 9.34 -12.84 6.67
CA ARG C 388 8.54 -11.68 7.00
C ARG C 388 9.32 -10.67 7.85
N GLU C 389 9.11 -9.37 7.61
CA GLU C 389 9.80 -8.38 8.43
C GLU C 389 9.20 -8.25 9.84
N ASN C 390 10.07 -8.19 10.83
CA ASN C 390 9.64 -8.20 12.23
C ASN C 390 10.88 -7.92 13.04
N LEU C 391 10.71 -7.37 14.24
CA LEU C 391 11.89 -7.10 15.06
C LEU C 391 12.47 -8.35 15.72
N SER C 392 11.58 -9.28 16.07
CA SER C 392 11.95 -10.37 16.97
C SER C 392 11.75 -11.74 16.39
N PHE C 393 10.68 -11.91 15.62
CA PHE C 393 10.29 -13.22 15.10
C PHE C 393 10.85 -13.41 13.67
N ARG C 394 11.57 -14.51 13.46
CA ARG C 394 12.18 -14.77 12.14
C ARG C 394 11.43 -15.90 11.41
N VAL C 395 10.51 -15.53 10.55
CA VAL C 395 9.53 -16.48 10.00
C VAL C 395 9.67 -16.65 8.48
N PRO C 396 10.11 -17.84 8.02
CA PRO C 396 10.11 -18.10 6.58
C PRO C 396 8.66 -18.26 6.13
N THR C 397 8.25 -17.55 5.08
CA THR C 397 6.84 -17.57 4.73
C THR C 397 6.44 -18.85 3.98
N SER C 398 7.41 -19.54 3.40
CA SER C 398 7.16 -20.83 2.76
C SER C 398 8.44 -21.64 2.74
N VAL C 399 8.32 -22.96 2.57
CA VAL C 399 9.49 -23.79 2.32
C VAL C 399 9.17 -24.74 1.16
N PRO C 400 9.34 -24.25 -0.10
CA PRO C 400 8.98 -25.04 -1.27
C PRO C 400 9.83 -26.28 -1.41
N VAL C 401 9.19 -27.42 -1.53
CA VAL C 401 9.89 -28.69 -1.62
C VAL C 401 9.33 -29.55 -2.74
N THR C 402 10.13 -30.51 -3.14
CA THR C 402 9.69 -31.50 -4.11
C THR C 402 10.29 -32.86 -3.71
N TRP C 403 9.93 -33.91 -4.43
CA TRP C 403 10.38 -35.26 -4.09
C TRP C 403 10.35 -36.17 -5.32
N ASN C 404 10.84 -37.41 -5.19
CA ASN C 404 10.89 -38.35 -6.31
C ASN C 404 9.62 -39.17 -6.45
N ALA C 405 8.88 -38.91 -7.52
CA ALA C 405 7.74 -39.71 -7.99
C ALA C 405 7.74 -41.16 -7.50
N HIS D 3 -11.68 3.50 -24.52
CA HIS D 3 -13.00 3.85 -23.98
C HIS D 3 -13.19 5.36 -23.96
N HIS D 4 -12.58 6.01 -24.95
CA HIS D 4 -12.74 7.45 -25.21
C HIS D 4 -12.27 8.34 -24.08
N GLY D 5 -11.31 7.85 -23.30
CA GLY D 5 -10.75 8.66 -22.25
C GLY D 5 -11.48 8.51 -20.94
N TYR D 6 -12.57 7.75 -20.93
CA TYR D 6 -13.32 7.52 -19.70
C TYR D 6 -12.53 6.60 -18.77
N GLN D 7 -12.25 7.06 -17.56
CA GLN D 7 -11.60 6.26 -16.52
C GLN D 7 -12.56 6.22 -15.36
N PRO D 8 -13.22 5.07 -15.18
CA PRO D 8 -14.42 4.90 -14.36
C PRO D 8 -14.27 5.42 -12.94
N PHE D 9 -13.09 5.32 -12.32
CA PHE D 9 -12.97 5.77 -10.93
C PHE D 9 -12.26 7.13 -10.74
N ASP D 10 -11.80 7.71 -11.84
CA ASP D 10 -11.07 8.97 -11.76
C ASP D 10 -12.07 10.11 -11.70
N MET D 11 -12.18 10.73 -10.53
CA MET D 11 -13.19 11.75 -10.27
C MET D 11 -12.65 13.17 -10.42
N HIS D 12 -11.40 13.32 -10.85
CA HIS D 12 -10.82 14.68 -10.80
C HIS D 12 -11.43 15.58 -11.87
N ASN D 13 -11.59 15.10 -13.10
CA ASN D 13 -12.18 15.92 -14.18
C ASN D 13 -12.70 15.05 -15.30
N PRO D 14 -13.86 14.42 -15.08
CA PRO D 14 -14.35 13.44 -16.04
C PRO D 14 -15.09 14.05 -17.23
N PHE D 15 -15.35 15.35 -17.21
CA PHE D 15 -16.26 15.97 -18.19
C PHE D 15 -15.77 15.96 -19.64
N PRO D 16 -14.45 16.12 -19.87
CA PRO D 16 -14.00 15.95 -21.26
C PRO D 16 -14.29 14.55 -21.81
N ALA D 17 -14.11 13.53 -20.98
CA ALA D 17 -14.43 12.17 -21.41
C ALA D 17 -15.92 12.03 -21.64
N TYR D 18 -16.73 12.61 -20.75
CA TYR D 18 -18.19 12.62 -20.93
C TYR D 18 -18.56 13.21 -22.29
N LYS D 19 -17.91 14.31 -22.63
CA LYS D 19 -18.21 15.01 -23.88
C LYS D 19 -17.89 14.14 -25.09
N GLU D 20 -16.75 13.48 -25.04
CA GLU D 20 -16.31 12.58 -26.11
C GLU D 20 -17.26 11.40 -26.27
N LEU D 21 -17.67 10.84 -25.12
CA LEU D 21 -18.61 9.73 -25.08
C LEU D 21 -19.96 10.13 -25.70
N ARG D 22 -20.50 11.29 -25.32
CA ARG D 22 -21.78 11.74 -25.89
C ARG D 22 -21.76 11.80 -27.44
N GLN D 23 -20.63 12.17 -28.00
CA GLN D 23 -20.54 12.31 -29.45
C GLN D 23 -20.14 10.99 -30.15
N GLU D 24 -19.28 10.17 -29.53
CA GLU D 24 -18.69 9.03 -30.25
C GLU D 24 -19.32 7.67 -29.87
N GLU D 25 -19.73 7.51 -28.62
CA GLU D 25 -20.30 6.26 -28.14
C GLU D 25 -21.20 6.51 -26.92
N PRO D 26 -22.38 7.12 -27.15
CA PRO D 26 -23.25 7.55 -26.05
C PRO D 26 -23.82 6.40 -25.21
N VAL D 27 -23.76 5.18 -25.74
CA VAL D 27 -24.12 4.00 -24.97
C VAL D 27 -22.99 3.00 -25.18
N MET D 28 -22.05 2.97 -24.24
CA MET D 28 -20.80 2.23 -24.42
C MET D 28 -20.70 1.08 -23.45
N PHE D 29 -20.43 -0.13 -23.93
CA PHE D 29 -20.20 -1.20 -22.98
C PHE D 29 -18.79 -1.11 -22.43
N ASP D 30 -18.71 -1.01 -21.12
CA ASP D 30 -17.42 -0.93 -20.46
C ASP D 30 -17.13 -2.19 -19.69
N GLU D 31 -16.30 -3.06 -20.27
CA GLU D 31 -15.96 -4.35 -19.68
C GLU D 31 -15.10 -4.23 -18.42
N ARG D 32 -14.49 -3.07 -18.21
CA ARG D 32 -13.64 -2.85 -17.05
C ARG D 32 -14.45 -2.83 -15.76
N ILE D 33 -15.71 -2.40 -15.85
CA ILE D 33 -16.59 -2.38 -14.69
C ILE D 33 -17.82 -3.27 -14.85
N GLY D 34 -18.14 -3.64 -16.09
CA GLY D 34 -19.27 -4.52 -16.40
C GLY D 34 -20.60 -3.80 -16.58
N TYR D 35 -20.55 -2.59 -17.14
CA TYR D 35 -21.75 -1.77 -17.31
C TYR D 35 -21.83 -1.14 -18.68
N TRP D 36 -23.06 -0.96 -19.18
CA TRP D 36 -23.33 -0.05 -20.28
C TRP D 36 -23.28 1.36 -19.72
N VAL D 37 -22.37 2.17 -20.25
CA VAL D 37 -22.17 3.53 -19.80
C VAL D 37 -22.99 4.49 -20.66
N VAL D 38 -23.91 5.21 -20.01
CA VAL D 38 -24.88 6.02 -20.72
C VAL D 38 -24.64 7.50 -20.39
N THR D 39 -24.54 8.34 -21.42
CA THR D 39 -24.07 9.72 -21.22
C THR D 39 -25.00 10.84 -21.67
N LYS D 40 -26.01 10.53 -22.46
CA LYS D 40 -26.93 11.57 -22.97
C LYS D 40 -28.15 11.77 -22.09
N TYR D 41 -28.60 13.02 -22.01
CA TYR D 41 -29.69 13.40 -21.12
C TYR D 41 -31.01 12.63 -21.36
N ASP D 42 -31.51 12.63 -22.59
CA ASP D 42 -32.79 11.97 -22.88
C ASP D 42 -32.73 10.49 -22.56
N ASP D 43 -31.67 9.83 -22.98
CA ASP D 43 -31.49 8.40 -22.69
C ASP D 43 -31.46 8.17 -21.20
N ILE D 44 -30.77 9.03 -20.47
CA ILE D 44 -30.66 8.82 -19.03
C ILE D 44 -31.99 9.10 -18.34
N LYS D 45 -32.63 10.21 -18.67
CA LYS D 45 -33.92 10.51 -18.06
C LYS D 45 -34.96 9.43 -18.37
N THR D 46 -35.00 8.99 -19.63
CA THR D 46 -35.90 7.92 -20.04
C THR D 46 -35.64 6.64 -19.27
N THR D 47 -34.36 6.31 -19.06
CA THR D 47 -34.04 5.10 -18.33
C THR D 47 -34.49 5.21 -16.87
N PHE D 48 -34.24 6.35 -16.21
CA PHE D 48 -34.75 6.58 -14.85
C PHE D 48 -36.26 6.40 -14.77
N ASP D 49 -36.96 6.95 -15.76
CA ASP D 49 -38.43 7.01 -15.73
C ASP D 49 -39.05 5.61 -15.88
N ASP D 50 -38.39 4.74 -16.67
CA ASP D 50 -38.88 3.39 -16.95
C ASP D 50 -38.40 2.40 -15.90
N TRP D 51 -38.95 2.50 -14.69
CA TRP D 51 -38.49 1.64 -13.59
C TRP D 51 -38.92 0.19 -13.80
N GLU D 52 -39.97 -0.04 -14.59
CA GLU D 52 -40.46 -1.39 -14.79
C GLU D 52 -39.48 -2.21 -15.60
N THR D 53 -38.69 -1.54 -16.42
CA THR D 53 -37.69 -2.20 -17.26
C THR D 53 -36.29 -2.10 -16.65
N PHE D 54 -35.99 -0.96 -16.03
CA PHE D 54 -34.68 -0.74 -15.43
C PHE D 54 -34.81 -0.65 -13.91
N SER D 55 -34.46 -1.76 -13.26
CA SER D 55 -34.57 -1.94 -11.82
C SER D 55 -33.44 -1.26 -11.06
N SER D 56 -33.71 -0.77 -9.85
CA SER D 56 -32.63 -0.17 -9.07
C SER D 56 -31.96 -1.20 -8.18
N GLU D 57 -32.29 -2.46 -8.37
CA GLU D 57 -31.88 -3.47 -7.40
C GLU D 57 -30.36 -3.65 -7.26
N ASN D 58 -29.60 -3.20 -8.26
CA ASN D 58 -28.14 -3.28 -8.17
C ASN D 58 -27.51 -1.94 -7.73
N ALA D 59 -28.32 -0.96 -7.32
CA ALA D 59 -27.75 0.35 -7.01
C ALA D 59 -26.83 0.34 -5.79
N GLN D 60 -26.96 -0.68 -4.94
CA GLN D 60 -26.13 -0.75 -3.75
C GLN D 60 -25.23 -1.99 -3.78
N ALA D 61 -25.19 -2.68 -4.92
CA ALA D 61 -24.31 -3.82 -5.09
C ALA D 61 -22.86 -3.33 -5.23
N PRO D 62 -21.90 -3.97 -4.55
CA PRO D 62 -20.52 -3.48 -4.68
C PRO D 62 -20.02 -3.54 -6.13
N VAL D 63 -19.37 -2.47 -6.58
CA VAL D 63 -18.80 -2.42 -7.91
C VAL D 63 -17.71 -3.47 -8.02
N ARG D 64 -16.88 -3.60 -7.00
CA ARG D 64 -15.95 -4.71 -6.94
C ARG D 64 -16.49 -5.71 -5.92
N LYS D 65 -16.58 -6.95 -6.37
CA LYS D 65 -17.10 -8.05 -5.56
C LYS D 65 -16.45 -8.11 -4.18
N ARG D 66 -17.26 -8.31 -3.16
CA ARG D 66 -16.77 -8.46 -1.80
C ARG D 66 -15.87 -9.71 -1.68
N GLY D 67 -14.62 -9.52 -1.28
CA GLY D 67 -13.65 -10.61 -1.17
C GLY D 67 -13.91 -11.54 0.00
N PRO D 68 -13.16 -12.67 0.08
CA PRO D 68 -13.37 -13.67 1.12
C PRO D 68 -13.27 -13.06 2.52
N GLN D 69 -12.25 -12.26 2.79
CA GLN D 69 -12.04 -11.74 4.15
C GLN D 69 -13.18 -10.82 4.59
N ALA D 70 -13.50 -9.83 3.76
CA ALA D 70 -14.60 -8.92 4.05
C ALA D 70 -15.92 -9.65 4.20
N THR D 71 -16.13 -10.67 3.37
CA THR D 71 -17.36 -11.49 3.46
C THR D 71 -17.40 -12.17 4.81
N GLN D 72 -16.28 -12.73 5.24
CA GLN D 72 -16.23 -13.38 6.57
C GLN D 72 -16.49 -12.40 7.73
N ILE D 73 -15.83 -11.24 7.69
CA ILE D 73 -16.02 -10.23 8.73
C ILE D 73 -17.49 -9.82 8.85
N MET D 74 -18.12 -9.59 7.70
CA MET D 74 -19.49 -9.05 7.72
C MET D 74 -20.51 -10.12 8.08
N THR D 75 -20.29 -11.34 7.63
CA THR D 75 -21.15 -12.44 8.06
C THR D 75 -21.02 -12.67 9.57
N ASP D 76 -19.78 -12.76 10.06
CA ASP D 76 -19.55 -13.03 11.48
C ASP D 76 -20.04 -11.91 12.36
N GLY D 77 -20.03 -10.68 11.84
CA GLY D 77 -20.43 -9.50 12.58
C GLY D 77 -21.91 -9.20 12.48
N GLY D 78 -22.65 -10.10 11.85
CA GLY D 78 -24.09 -9.95 11.76
C GLY D 78 -24.57 -8.83 10.83
N PHE D 79 -23.79 -8.54 9.80
CA PHE D 79 -24.19 -7.51 8.82
C PHE D 79 -25.24 -8.07 7.89
N THR D 80 -26.47 -7.62 8.07
CA THR D 80 -27.56 -8.19 7.28
C THR D 80 -28.26 -7.11 6.47
N ALA D 81 -27.59 -5.96 6.30
CA ALA D 81 -28.15 -4.83 5.57
C ALA D 81 -27.88 -4.91 4.06
N TYR D 82 -28.73 -4.23 3.28
CA TYR D 82 -28.43 -4.01 1.87
C TYR D 82 -28.82 -2.59 1.47
N SER D 83 -30.11 -2.24 1.54
CA SER D 83 -30.58 -0.93 1.12
C SER D 83 -31.88 -0.52 1.84
N GLY D 84 -31.87 0.65 2.45
CA GLY D 84 -33.06 1.17 3.09
C GLY D 84 -34.14 1.42 2.04
N LEU D 85 -33.76 2.09 0.97
CA LEU D 85 -34.71 2.44 -0.09
C LEU D 85 -34.18 2.36 -1.51
N SER D 86 -32.96 2.87 -1.76
CA SER D 86 -32.53 3.17 -3.14
C SER D 86 -32.47 1.92 -4.03
N ALA D 87 -32.20 0.75 -3.47
CA ALA D 87 -32.08 -0.46 -4.29
C ALA D 87 -33.25 -1.41 -4.08
N ARG D 88 -34.29 -0.95 -3.36
CA ARG D 88 -35.50 -1.72 -3.23
C ARG D 88 -36.41 -1.51 -4.46
N ILE D 89 -37.29 -2.46 -4.73
CA ILE D 89 -38.22 -2.30 -5.84
C ILE D 89 -39.66 -2.49 -5.38
N PRO D 90 -40.63 -1.96 -6.15
CA PRO D 90 -42.04 -2.19 -5.83
C PRO D 90 -42.37 -3.67 -5.77
N PRO D 91 -43.29 -4.07 -4.88
CA PRO D 91 -44.06 -3.15 -4.01
C PRO D 91 -43.34 -2.77 -2.70
N GLU D 92 -42.30 -3.50 -2.31
CA GLU D 92 -41.59 -3.22 -1.05
C GLU D 92 -41.13 -1.76 -0.99
N HIS D 93 -40.53 -1.28 -2.07
CA HIS D 93 -40.06 0.11 -2.14
C HIS D 93 -41.21 1.06 -1.90
N THR D 94 -42.34 0.81 -2.57
CA THR D 94 -43.49 1.69 -2.48
C THR D 94 -43.96 1.88 -1.05
N ARG D 95 -44.14 0.75 -0.37
CA ARG D 95 -44.63 0.73 1.02
C ARG D 95 -43.72 1.50 1.94
N ILE D 96 -42.42 1.20 1.84
CA ILE D 96 -41.43 1.77 2.74
C ILE D 96 -41.16 3.25 2.46
N ARG D 97 -41.11 3.64 1.19
CA ARG D 97 -40.93 5.05 0.87
C ARG D 97 -42.08 5.89 1.41
N ALA D 98 -43.32 5.39 1.31
CA ALA D 98 -44.48 6.13 1.82
C ALA D 98 -44.41 6.33 3.33
N ILE D 99 -43.98 5.29 4.05
CA ILE D 99 -43.83 5.38 5.49
C ILE D 99 -42.70 6.36 5.82
N ALA D 100 -41.61 6.27 5.05
CA ALA D 100 -40.48 7.20 5.16
C ALA D 100 -40.94 8.63 4.86
N GLN D 101 -41.75 8.80 3.82
CA GLN D 101 -42.26 10.12 3.49
C GLN D 101 -43.15 10.68 4.62
N LYS D 102 -43.98 9.83 5.22
CA LYS D 102 -44.95 10.25 6.23
C LYS D 102 -44.30 10.55 7.59
N ALA D 103 -43.16 9.91 7.84
CA ALA D 103 -42.35 10.17 9.03
C ALA D 103 -41.49 11.39 8.77
N PHE D 104 -40.37 11.21 8.09
CA PHE D 104 -39.55 12.32 7.56
C PHE D 104 -40.44 13.47 7.08
N THR D 105 -41.10 14.19 7.98
CA THR D 105 -42.01 15.25 7.56
C THR D 105 -41.16 16.43 7.16
N PRO D 106 -41.54 17.10 6.06
CA PRO D 106 -40.86 18.33 5.65
C PRO D 106 -40.80 19.34 6.78
N ARG D 107 -41.92 19.56 7.47
CA ARG D 107 -42.00 20.60 8.48
C ARG D 107 -41.07 20.38 9.67
N ARG D 108 -40.54 19.18 9.83
CA ARG D 108 -39.72 18.88 10.99
C ARG D 108 -38.30 19.41 10.84
N TYR D 109 -37.80 19.46 9.62
CA TYR D 109 -36.43 19.92 9.43
C TYR D 109 -36.30 21.39 9.06
N LYS D 110 -37.36 22.03 8.54
CA LYS D 110 -37.26 23.47 8.29
C LYS D 110 -37.24 24.21 9.62
N ALA D 111 -37.67 23.53 10.68
CA ALA D 111 -37.63 24.09 12.01
C ALA D 111 -36.20 24.03 12.53
N LEU D 112 -35.33 23.42 11.73
CA LEU D 112 -33.92 23.38 12.07
C LEU D 112 -33.16 24.37 11.21
N GLU D 113 -33.89 25.13 10.38
CA GLU D 113 -33.21 26.15 9.60
C GLU D 113 -32.47 27.15 10.49
N PRO D 114 -33.10 27.65 11.59
CA PRO D 114 -32.34 28.51 12.49
C PRO D 114 -31.17 27.78 13.16
N ASP D 115 -31.36 26.51 13.48
CA ASP D 115 -30.29 25.74 14.12
C ASP D 115 -29.12 25.54 13.17
N ILE D 116 -29.42 25.34 11.88
CA ILE D 116 -28.40 25.24 10.85
C ILE D 116 -27.68 26.58 10.70
N ARG D 117 -28.43 27.66 10.67
CA ARG D 117 -27.82 28.98 10.50
C ARG D 117 -26.87 29.34 11.66
N ALA D 118 -27.31 29.07 12.89
CA ALA D 118 -26.49 29.35 14.06
C ALA D 118 -25.20 28.51 14.02
N MET D 119 -25.34 27.26 13.60
CA MET D 119 -24.21 26.34 13.50
C MET D 119 -23.21 26.81 12.43
N VAL D 120 -23.71 27.21 11.26
CA VAL D 120 -22.86 27.73 10.21
C VAL D 120 -22.08 28.98 10.66
N ILE D 121 -22.77 29.94 11.28
CA ILE D 121 -22.09 31.14 11.79
C ILE D 121 -21.00 30.78 12.81
N ASP D 122 -21.29 29.81 13.68
CA ASP D 122 -20.32 29.35 14.67
C ASP D 122 -19.04 28.85 14.03
N ARG D 123 -19.18 28.06 12.97
CA ARG D 123 -18.05 27.46 12.29
C ARG D 123 -17.21 28.51 11.58
N VAL D 124 -17.88 29.47 10.93
CA VAL D 124 -17.18 30.53 10.23
C VAL D 124 -16.35 31.36 11.17
N GLU D 125 -16.92 31.74 12.31
CA GLU D 125 -16.19 32.52 13.28
C GLU D 125 -14.94 31.80 13.74
N LYS D 126 -15.06 30.50 13.97
CA LYS D 126 -13.92 29.72 14.42
C LYS D 126 -12.84 29.67 13.35
N MET D 127 -13.25 29.60 12.11
CA MET D 127 -12.32 29.57 10.99
C MET D 127 -11.59 30.89 10.87
N LEU D 128 -12.34 31.99 10.97
CA LEU D 128 -11.78 33.31 10.80
C LEU D 128 -10.85 33.67 11.95
N ALA D 129 -11.00 32.97 13.07
CA ALA D 129 -10.23 33.29 14.26
C ALA D 129 -8.88 32.58 14.35
N ASN D 130 -8.36 31.99 13.30
CA ASN D 130 -7.06 31.36 13.48
C ASN D 130 -5.96 31.94 12.60
N ASP D 131 -4.73 31.68 13.02
CA ASP D 131 -3.58 32.41 12.52
C ASP D 131 -3.31 32.05 11.08
N GLN D 132 -2.56 32.92 10.41
CA GLN D 132 -2.15 32.76 9.02
C GLN D 132 -3.35 32.98 8.07
N HIS D 133 -4.55 33.08 8.65
CA HIS D 133 -5.77 33.33 7.90
C HIS D 133 -5.99 32.31 6.78
N VAL D 134 -5.79 31.04 7.11
CA VAL D 134 -5.93 29.99 6.13
C VAL D 134 -6.99 29.03 6.64
N GLY D 135 -7.84 28.58 5.72
CA GLY D 135 -8.90 27.65 6.04
C GLY D 135 -9.10 26.58 4.99
N ASP D 136 -10.05 25.72 5.26
CA ASP D 136 -10.43 24.64 4.35
C ASP D 136 -11.93 24.44 4.49
N MET D 137 -12.68 24.76 3.42
CA MET D 137 -14.14 24.76 3.50
C MET D 137 -14.70 23.37 3.80
N VAL D 138 -13.90 22.34 3.56
CA VAL D 138 -14.33 20.99 3.89
C VAL D 138 -14.28 20.78 5.40
N SER D 139 -13.09 20.79 5.98
CA SER D 139 -12.94 20.49 7.40
C SER D 139 -13.54 21.59 8.29
N ASP D 140 -13.53 22.82 7.80
CA ASP D 140 -13.95 23.93 8.64
C ASP D 140 -15.44 24.28 8.51
N LEU D 141 -16.17 23.61 7.62
CA LEU D 141 -17.60 23.91 7.53
C LEU D 141 -18.45 22.74 7.02
N ALA D 142 -18.10 22.23 5.85
CA ALA D 142 -18.92 21.21 5.18
C ALA D 142 -18.93 19.88 5.95
N TYR D 143 -17.84 19.63 6.67
CA TYR D 143 -17.67 18.37 7.41
C TYR D 143 -18.77 18.11 8.44
N ASP D 144 -19.05 19.11 9.27
CA ASP D 144 -19.95 18.98 10.42
C ASP D 144 -21.43 19.15 10.13
N ILE D 145 -21.75 20.19 9.37
CA ILE D 145 -23.11 20.72 9.33
C ILE D 145 -24.18 19.69 8.96
N PRO D 146 -24.05 19.03 7.78
CA PRO D 146 -25.09 18.06 7.40
C PRO D 146 -25.12 16.82 8.29
N THR D 147 -23.98 16.49 8.87
CA THR D 147 -23.91 15.33 9.72
C THR D 147 -24.69 15.60 11.01
N ILE D 148 -24.44 16.75 11.61
CA ILE D 148 -25.15 17.10 12.84
C ILE D 148 -26.66 17.24 12.58
N THR D 149 -26.99 17.84 11.46
CA THR D 149 -28.38 18.03 11.05
C THR D 149 -29.09 16.67 10.93
N ILE D 150 -28.49 15.72 10.23
CA ILE D 150 -29.19 14.46 10.02
C ILE D 150 -29.21 13.64 11.31
N LEU D 151 -28.11 13.66 12.08
CA LEU D 151 -28.10 12.96 13.37
C LEU D 151 -29.18 13.48 14.33
N THR D 152 -29.38 14.78 14.36
CA THR D 152 -30.44 15.33 15.21
C THR D 152 -31.82 14.82 14.81
N LEU D 153 -32.12 14.81 13.51
CA LEU D 153 -33.43 14.37 13.02
C LEU D 153 -33.71 12.90 13.39
N ILE D 154 -32.71 12.05 13.21
CA ILE D 154 -32.86 10.62 13.43
C ILE D 154 -32.89 10.24 14.91
N GLY D 155 -32.14 10.98 15.72
CA GLY D 155 -32.09 10.77 17.15
C GLY D 155 -30.76 10.17 17.60
N ALA D 156 -29.73 10.30 16.77
CA ALA D 156 -28.42 9.82 17.15
C ALA D 156 -27.69 10.88 17.98
N ASP D 157 -26.74 10.44 18.79
CA ASP D 157 -25.91 11.35 19.57
C ASP D 157 -25.03 12.21 18.67
N ILE D 158 -25.16 13.53 18.77
CA ILE D 158 -24.44 14.42 17.86
C ILE D 158 -22.93 14.43 18.14
N SER D 159 -22.50 13.87 19.28
CA SER D 159 -21.08 13.73 19.53
C SER D 159 -20.45 12.59 18.69
N MET D 160 -21.24 11.87 17.91
CA MET D 160 -20.71 10.77 17.13
C MET D 160 -20.42 11.16 15.68
N VAL D 161 -20.26 12.45 15.44
CA VAL D 161 -20.02 12.92 14.08
C VAL D 161 -18.85 12.18 13.43
N ASP D 162 -17.73 12.12 14.15
CA ASP D 162 -16.53 11.54 13.59
C ASP D 162 -16.72 10.05 13.31
N THR D 163 -17.49 9.38 14.17
CA THR D 163 -17.84 7.97 13.93
C THR D 163 -18.68 7.78 12.65
N TYR D 164 -19.70 8.62 12.47
CA TYR D 164 -20.53 8.51 11.28
C TYR D 164 -19.77 8.88 10.02
N LYS D 165 -18.78 9.77 10.13
CA LYS D 165 -17.96 10.07 8.95
C LYS D 165 -17.11 8.86 8.55
N ARG D 166 -16.56 8.16 9.54
CA ARG D 166 -15.80 6.95 9.26
C ARG D 166 -16.69 5.89 8.63
N TRP D 167 -17.87 5.67 9.20
CA TRP D 167 -18.79 4.66 8.66
C TRP D 167 -19.22 5.03 7.25
N SER D 168 -19.44 6.32 7.05
CA SER D 168 -19.87 6.83 5.75
C SER D 168 -18.77 6.68 4.68
N ASP D 169 -17.54 7.06 5.03
CA ASP D 169 -16.42 6.87 4.12
C ASP D 169 -16.33 5.39 3.73
N SER D 170 -16.54 4.51 4.70
CA SER D 170 -16.44 3.08 4.45
C SER D 170 -17.56 2.56 3.56
N ARG D 171 -18.81 3.02 3.75
CA ARG D 171 -19.85 2.56 2.84
C ARG D 171 -19.60 3.04 1.39
N ALA D 172 -19.18 4.28 1.25
CA ALA D 172 -18.92 4.85 -0.07
C ALA D 172 -17.75 4.12 -0.76
N ALA D 173 -16.73 3.77 0.00
CA ALA D 173 -15.57 3.07 -0.57
C ALA D 173 -15.90 1.61 -0.89
N MET D 174 -16.55 0.94 0.05
CA MET D 174 -16.87 -0.47 -0.16
C MET D 174 -17.76 -0.68 -1.38
N THR D 175 -18.78 0.15 -1.51
CA THR D 175 -19.80 -0.12 -2.51
C THR D 175 -19.40 0.42 -3.88
N TRP D 176 -18.73 1.58 -3.93
CA TRP D 176 -18.38 2.19 -5.23
C TRP D 176 -16.88 2.39 -5.48
N GLY D 177 -16.04 1.92 -4.57
CA GLY D 177 -14.60 2.11 -4.71
C GLY D 177 -13.97 0.96 -5.45
N ASP D 178 -12.75 1.16 -5.95
CA ASP D 178 -12.01 0.13 -6.69
C ASP D 178 -11.07 -0.58 -5.69
N LEU D 179 -11.67 -1.32 -4.77
CA LEU D 179 -10.91 -1.89 -3.66
C LEU D 179 -10.40 -3.31 -3.92
N SER D 180 -9.15 -3.55 -3.58
CA SER D 180 -8.63 -4.93 -3.48
C SER D 180 -9.28 -5.60 -2.28
N ASP D 181 -9.13 -6.92 -2.20
CA ASP D 181 -9.71 -7.67 -1.10
C ASP D 181 -9.16 -7.21 0.26
N GLU D 182 -7.86 -6.92 0.32
CA GLU D 182 -7.24 -6.51 1.58
C GLU D 182 -7.70 -5.11 2.00
N GLU D 183 -7.94 -4.25 1.01
CA GLU D 183 -8.40 -2.89 1.27
C GLU D 183 -9.83 -2.88 1.78
N GLN D 184 -10.59 -3.93 1.49
CA GLN D 184 -11.97 -4.00 1.97
C GLN D 184 -12.06 -4.26 3.47
N ILE D 185 -11.00 -4.80 4.05
CA ILE D 185 -11.06 -5.27 5.44
C ILE D 185 -11.41 -4.19 6.51
N PRO D 186 -10.72 -3.04 6.53
CA PRO D 186 -11.11 -2.01 7.52
C PRO D 186 -12.52 -1.55 7.29
N HIS D 187 -12.92 -1.43 6.02
CA HIS D 187 -14.26 -0.97 5.69
C HIS D 187 -15.32 -1.95 6.12
N ALA D 188 -15.03 -3.24 6.01
CA ALA D 188 -15.95 -4.27 6.44
C ALA D 188 -16.25 -4.15 7.93
N HIS D 189 -15.21 -3.94 8.75
CA HIS D 189 -15.39 -3.80 10.20
C HIS D 189 -16.25 -2.57 10.50
N ASN D 190 -16.00 -1.48 9.78
CA ASN D 190 -16.78 -0.27 9.96
C ASN D 190 -18.26 -0.48 9.60
N LEU D 191 -18.54 -1.18 8.51
CA LEU D 191 -19.92 -1.47 8.14
C LEU D 191 -20.59 -2.34 9.24
N VAL D 192 -19.84 -3.27 9.81
CA VAL D 192 -20.38 -4.08 10.88
C VAL D 192 -20.81 -3.19 12.05
N GLU D 193 -19.97 -2.25 12.43
CA GLU D 193 -20.26 -1.30 13.52
C GLU D 193 -21.47 -0.45 13.22
N TYR D 194 -21.48 0.07 12.00
CA TYR D 194 -22.56 0.92 11.52
C TYR D 194 -23.93 0.22 11.63
N TRP D 195 -24.02 -1.01 11.11
CA TRP D 195 -25.29 -1.75 11.12
C TRP D 195 -25.74 -2.09 12.53
N GLN D 196 -24.77 -2.45 13.38
CA GLN D 196 -25.11 -2.75 14.76
C GLN D 196 -25.71 -1.53 15.46
N GLU D 197 -25.21 -0.35 15.15
CA GLU D 197 -25.72 0.86 15.80
C GLU D 197 -27.13 1.16 15.31
N CYS D 198 -27.37 0.99 14.00
CA CYS D 198 -28.72 1.14 13.44
C CYS D 198 -29.72 0.24 14.16
N GLN D 199 -29.36 -1.02 14.33
CA GLN D 199 -30.26 -1.94 15.04
C GLN D 199 -30.42 -1.54 16.50
N ARG D 200 -29.33 -1.11 17.14
CA ARG D 200 -29.39 -0.72 18.54
C ARG D 200 -30.36 0.44 18.75
N MET D 201 -30.38 1.38 17.80
CA MET D 201 -31.23 2.57 17.92
C MET D 201 -32.71 2.21 17.80
N VAL D 202 -33.00 1.23 16.94
CA VAL D 202 -34.37 0.78 16.83
C VAL D 202 -34.78 0.09 18.14
N ALA D 203 -33.90 -0.76 18.66
CA ALA D 203 -34.21 -1.46 19.92
C ALA D 203 -34.48 -0.47 21.03
N ASP D 204 -33.65 0.57 21.10
CA ASP D 204 -33.78 1.62 22.10
C ASP D 204 -35.09 2.39 21.96
N ALA D 205 -35.54 2.57 20.72
CA ALA D 205 -36.79 3.26 20.48
C ALA D 205 -37.94 2.43 21.00
N HIS D 206 -37.87 1.12 20.77
CA HIS D 206 -38.91 0.24 21.30
C HIS D 206 -38.98 0.35 22.82
N ALA D 207 -37.82 0.48 23.46
CA ALA D 207 -37.74 0.39 24.90
C ALA D 207 -37.99 1.70 25.64
N HIS D 208 -37.66 2.83 25.02
CA HIS D 208 -37.71 4.12 25.72
C HIS D 208 -38.35 5.22 24.90
N GLY D 209 -38.81 4.88 23.70
CA GLY D 209 -39.44 5.87 22.85
C GLY D 209 -38.51 7.02 22.51
N GLY D 210 -39.07 8.23 22.47
CA GLY D 210 -38.27 9.40 22.17
C GLY D 210 -38.97 10.32 21.20
N ASP D 211 -38.31 11.44 20.91
CA ASP D 211 -38.84 12.42 19.97
C ASP D 211 -37.91 12.59 18.78
N ASN D 212 -37.99 11.64 17.85
CA ASN D 212 -37.14 11.65 16.67
C ASN D 212 -37.71 10.73 15.60
N LEU D 213 -37.04 10.67 14.47
CA LEU D 213 -37.51 9.86 13.35
C LEU D 213 -37.57 8.36 13.67
N THR D 214 -36.57 7.84 14.39
CA THR D 214 -36.57 6.42 14.74
C THR D 214 -37.81 6.08 15.56
N ALA D 215 -38.10 6.89 16.58
CA ALA D 215 -39.25 6.66 17.45
C ALA D 215 -40.57 6.81 16.69
N ASP D 216 -40.62 7.75 15.75
CA ASP D 216 -41.81 7.93 14.90
C ASP D 216 -42.06 6.67 14.07
N LEU D 217 -40.97 6.10 13.54
CA LEU D 217 -41.07 4.91 12.72
C LEU D 217 -41.54 3.75 13.59
N VAL D 218 -41.01 3.65 14.81
CA VAL D 218 -41.48 2.57 15.69
C VAL D 218 -42.94 2.78 16.12
N ARG D 219 -43.32 4.04 16.37
CA ARG D 219 -44.71 4.32 16.76
C ARG D 219 -45.64 3.98 15.59
N ALA D 220 -45.15 4.21 14.37
CA ALA D 220 -45.90 3.85 13.17
C ALA D 220 -46.19 2.36 13.11
N GLN D 221 -45.13 1.55 13.27
CA GLN D 221 -45.27 0.10 13.31
C GLN D 221 -46.22 -0.37 14.40
N GLN D 222 -46.11 0.27 15.56
CA GLN D 222 -46.95 -0.07 16.70
C GLN D 222 -48.43 0.23 16.42
N GLU D 223 -48.70 1.21 15.57
CA GLU D 223 -50.07 1.59 15.23
C GLU D 223 -50.64 0.72 14.10
N GLY D 224 -49.81 -0.19 13.58
CA GLY D 224 -50.27 -1.16 12.61
C GLY D 224 -49.71 -0.97 11.21
N GLN D 225 -48.91 0.08 11.02
CA GLN D 225 -48.28 0.34 9.71
C GLN D 225 -47.30 -0.81 9.45
N GLU D 226 -47.19 -1.23 8.20
CA GLU D 226 -46.43 -2.42 7.85
C GLU D 226 -44.97 -2.10 7.61
N ILE D 227 -44.17 -2.20 8.66
CA ILE D 227 -42.72 -2.03 8.52
C ILE D 227 -42.01 -2.76 9.66
N THR D 228 -41.09 -3.66 9.30
CA THR D 228 -40.44 -4.50 10.29
C THR D 228 -39.27 -3.77 10.93
N ASP D 229 -38.81 -4.29 12.06
CA ASP D 229 -37.63 -3.74 12.74
C ASP D 229 -36.43 -3.74 11.79
N HIS D 230 -36.30 -4.79 10.98
CA HIS D 230 -35.16 -4.84 10.05
C HIS D 230 -35.29 -3.71 9.04
N GLU D 231 -36.51 -3.46 8.60
CA GLU D 231 -36.79 -2.41 7.62
C GLU D 231 -36.58 -0.99 8.17
N ILE D 232 -36.92 -0.78 9.46
CA ILE D 232 -36.68 0.49 10.11
C ILE D 232 -35.17 0.75 10.26
N ALA D 233 -34.44 -0.26 10.73
CA ALA D 233 -32.99 -0.13 10.87
C ALA D 233 -32.36 0.16 9.51
N SER D 234 -32.89 -0.46 8.46
CA SER D 234 -32.38 -0.25 7.11
C SER D 234 -32.67 1.19 6.66
N LEU D 235 -33.78 1.76 7.09
CA LEU D 235 -34.03 3.17 6.82
C LEU D 235 -32.98 4.03 7.50
N LEU D 236 -32.61 3.67 8.73
CA LEU D 236 -31.57 4.41 9.47
C LEU D 236 -30.24 4.30 8.72
N TYR D 237 -29.94 3.09 8.28
CA TYR D 237 -28.74 2.79 7.48
C TYR D 237 -28.69 3.67 6.25
N SER D 238 -29.85 3.85 5.64
CA SER D 238 -29.98 4.72 4.48
C SER D 238 -29.76 6.18 4.85
N LEU D 239 -30.62 6.68 5.72
CA LEU D 239 -30.64 8.10 6.04
C LEU D 239 -29.35 8.60 6.69
N LEU D 240 -28.69 7.76 7.50
CA LEU D 240 -27.45 8.16 8.17
C LEU D 240 -26.22 8.12 7.26
N PHE D 241 -26.44 7.80 5.98
CA PHE D 241 -25.39 7.85 4.96
C PHE D 241 -25.74 8.87 3.88
N ALA D 242 -26.85 8.64 3.19
CA ALA D 242 -27.33 9.53 2.13
C ALA D 242 -27.64 10.92 2.69
N GLY D 243 -27.95 10.97 3.98
CA GLY D 243 -28.43 12.19 4.59
C GLY D 243 -27.38 13.23 4.91
N HIS D 244 -26.10 12.96 4.64
CA HIS D 244 -25.07 13.97 4.91
C HIS D 244 -23.84 13.95 3.97
N GLU D 245 -23.41 12.77 3.55
CA GLU D 245 -22.20 12.61 2.74
C GLU D 245 -22.25 13.48 1.46
N THR D 246 -23.35 13.40 0.75
CA THR D 246 -23.53 14.16 -0.49
C THR D 246 -23.75 15.65 -0.26
N THR D 247 -24.27 15.98 0.92
CA THR D 247 -24.52 17.38 1.27
C THR D 247 -23.20 18.03 1.69
N THR D 248 -22.37 17.30 2.41
CA THR D 248 -21.01 17.74 2.71
C THR D 248 -20.28 18.06 1.42
N THR D 249 -20.38 17.15 0.46
CA THR D 249 -19.84 17.36 -0.88
C THR D 249 -20.44 18.57 -1.58
N LEU D 250 -21.76 18.69 -1.53
CA LEU D 250 -22.42 19.83 -2.16
C LEU D 250 -21.90 21.16 -1.58
N ILE D 251 -21.88 21.25 -0.25
CA ILE D 251 -21.40 22.46 0.38
C ILE D 251 -19.96 22.74 -0.04
N SER D 252 -19.14 21.70 -0.03
CA SER D 252 -17.74 21.84 -0.43
C SER D 252 -17.64 22.38 -1.85
N ASN D 253 -18.40 21.78 -2.77
CA ASN D 253 -18.38 22.20 -4.18
C ASN D 253 -18.92 23.59 -4.43
N CYS D 254 -19.87 24.03 -3.62
CA CYS D 254 -20.39 25.39 -3.79
C CYS D 254 -19.26 26.43 -3.72
N PHE D 255 -18.39 26.29 -2.72
CA PHE D 255 -17.29 27.21 -2.55
C PHE D 255 -16.19 26.93 -3.57
N ARG D 256 -15.90 25.66 -3.83
CA ARG D 256 -14.90 25.30 -4.82
C ARG D 256 -15.20 25.93 -6.19
N VAL D 257 -16.42 25.77 -6.67
CA VAL D 257 -16.73 26.19 -8.02
C VAL D 257 -16.92 27.69 -8.10
N LEU D 258 -17.67 28.25 -7.16
CA LEU D 258 -17.93 29.70 -7.20
C LEU D 258 -16.65 30.54 -7.05
N LEU D 259 -15.77 30.12 -6.14
CA LEU D 259 -14.50 30.80 -5.90
C LEU D 259 -13.56 30.67 -7.08
N ASP D 260 -13.85 29.71 -7.95
CA ASP D 260 -13.05 29.55 -9.14
C ASP D 260 -13.66 30.36 -10.28
N HIS D 261 -14.81 30.97 -10.02
CA HIS D 261 -15.44 31.89 -10.95
C HIS D 261 -15.72 33.20 -10.21
N PRO D 262 -14.68 34.01 -10.00
CA PRO D 262 -14.73 35.23 -9.18
C PRO D 262 -15.83 36.20 -9.59
N GLU D 263 -16.13 36.26 -10.88
CA GLU D 263 -17.14 37.19 -11.36
C GLU D 263 -18.51 36.83 -10.77
N GLN D 264 -18.74 35.54 -10.56
CA GLN D 264 -20.03 35.08 -10.08
C GLN D 264 -20.11 35.06 -8.55
N TRP D 265 -18.97 34.86 -7.90
CA TRP D 265 -18.87 35.03 -6.47
C TRP D 265 -19.23 36.46 -6.08
N GLN D 266 -18.71 37.42 -6.85
CA GLN D 266 -18.93 38.83 -6.59
C GLN D 266 -20.41 39.18 -6.81
N ALA D 267 -21.02 38.55 -7.82
CA ALA D 267 -22.44 38.75 -8.11
C ALA D 267 -23.30 38.32 -6.93
N ILE D 268 -22.91 37.20 -6.32
CA ILE D 268 -23.59 36.67 -5.15
C ILE D 268 -23.47 37.64 -3.99
N LEU D 269 -22.28 38.23 -3.83
CA LEU D 269 -22.08 39.27 -2.83
C LEU D 269 -23.02 40.43 -3.05
N GLU D 270 -23.09 40.90 -4.30
CA GLU D 270 -23.92 42.05 -4.62
C GLU D 270 -25.41 41.73 -4.57
N ASN D 271 -25.78 40.48 -4.82
CA ASN D 271 -27.20 40.12 -4.80
C ASN D 271 -27.42 38.71 -4.29
N PRO D 272 -27.53 38.57 -2.96
CA PRO D 272 -27.68 37.29 -2.26
C PRO D 272 -28.94 36.51 -2.68
N LYS D 273 -29.88 37.18 -3.34
CA LYS D 273 -31.09 36.49 -3.80
C LYS D 273 -30.77 35.55 -4.96
N LEU D 274 -29.55 35.65 -5.49
CA LEU D 274 -29.12 34.76 -6.57
C LEU D 274 -28.63 33.43 -6.03
N ILE D 275 -28.51 33.33 -4.72
CA ILE D 275 -27.89 32.15 -4.13
C ILE D 275 -28.65 30.84 -4.41
N PRO D 276 -30.00 30.84 -4.30
CA PRO D 276 -30.67 29.57 -4.61
C PRO D 276 -30.44 29.09 -6.04
N ALA D 277 -30.43 30.01 -7.00
CA ALA D 277 -30.16 29.62 -8.38
C ALA D 277 -28.71 29.15 -8.53
N ALA D 278 -27.81 29.73 -7.76
CA ALA D 278 -26.41 29.32 -7.79
C ALA D 278 -26.27 27.86 -7.35
N VAL D 279 -27.00 27.49 -6.31
CA VAL D 279 -26.98 26.10 -5.82
C VAL D 279 -27.54 25.12 -6.88
N ASP D 280 -28.59 25.55 -7.58
CA ASP D 280 -29.12 24.79 -8.70
C ASP D 280 -28.02 24.51 -9.74
N GLU D 281 -27.24 25.54 -10.07
CA GLU D 281 -26.19 25.41 -11.08
C GLU D 281 -24.98 24.60 -10.56
N VAL D 282 -24.68 24.69 -9.28
CA VAL D 282 -23.62 23.84 -8.72
C VAL D 282 -24.08 22.38 -8.83
N LEU D 283 -25.35 22.12 -8.55
CA LEU D 283 -25.89 20.77 -8.66
C LEU D 283 -25.83 20.23 -10.11
N ARG D 284 -26.08 21.09 -11.10
CA ARG D 284 -25.95 20.67 -12.50
C ARG D 284 -24.49 20.41 -12.88
N TYR D 285 -23.64 21.38 -12.57
CA TYR D 285 -22.25 21.44 -13.03
C TYR D 285 -21.29 20.59 -12.18
N SER D 286 -21.66 20.36 -10.92
CA SER D 286 -20.80 19.67 -9.93
C SER D 286 -21.62 18.87 -8.91
N GLY D 287 -22.51 18.01 -9.40
CA GLY D 287 -23.34 17.19 -8.52
C GLY D 287 -22.50 16.28 -7.65
N SER D 288 -23.03 15.88 -6.50
CA SER D 288 -22.27 15.03 -5.58
C SER D 288 -22.15 13.62 -6.15
N ILE D 289 -23.12 13.24 -6.96
CA ILE D 289 -23.12 11.91 -7.57
C ILE D 289 -23.10 12.05 -9.08
N VAL D 290 -22.11 11.43 -9.75
CA VAL D 290 -22.03 11.59 -11.20
C VAL D 290 -22.56 10.41 -11.98
N GLY D 291 -22.71 9.25 -11.34
CA GLY D 291 -23.23 8.09 -12.03
C GLY D 291 -24.04 7.22 -11.07
N TRP D 292 -25.13 6.65 -11.55
CA TRP D 292 -25.97 5.79 -10.69
C TRP D 292 -26.42 4.61 -11.53
N ARG D 293 -26.69 3.50 -10.88
CA ARG D 293 -26.83 2.23 -11.58
C ARG D 293 -28.25 1.70 -11.68
N ARG D 294 -28.49 0.94 -12.74
CA ARG D 294 -29.73 0.22 -12.95
C ARG D 294 -29.43 -1.19 -13.49
N LYS D 295 -30.43 -2.07 -13.48
CA LYS D 295 -30.30 -3.41 -14.03
C LYS D 295 -31.50 -3.74 -14.93
N ALA D 296 -31.24 -4.23 -16.14
CA ALA D 296 -32.31 -4.57 -17.07
C ALA D 296 -33.08 -5.81 -16.61
N LEU D 297 -34.41 -5.70 -16.54
CA LEU D 297 -35.23 -6.83 -16.10
C LEU D 297 -35.63 -7.65 -17.31
N LYS D 298 -35.41 -7.11 -18.50
CA LYS D 298 -35.71 -7.79 -19.76
C LYS D 298 -34.88 -7.20 -20.90
N ASP D 299 -34.80 -7.94 -22.00
CA ASP D 299 -34.17 -7.44 -23.22
C ASP D 299 -34.82 -6.13 -23.57
N THR D 300 -33.98 -5.13 -23.82
CA THR D 300 -34.48 -3.81 -24.08
C THR D 300 -33.47 -3.00 -24.89
N GLU D 301 -33.64 -1.70 -24.90
CA GLU D 301 -32.75 -0.83 -25.64
C GLU D 301 -32.49 0.47 -24.86
N ILE D 302 -31.30 1.04 -25.05
CA ILE D 302 -31.04 2.41 -24.64
C ILE D 302 -30.40 3.17 -25.81
N GLY D 303 -31.03 4.25 -26.26
CA GLY D 303 -30.52 5.02 -27.38
C GLY D 303 -30.29 4.23 -28.66
N GLY D 304 -31.19 3.30 -28.95
CA GLY D 304 -31.10 2.48 -30.14
C GLY D 304 -30.19 1.28 -29.96
N VAL D 305 -29.56 1.19 -28.79
CA VAL D 305 -28.60 0.13 -28.52
C VAL D 305 -29.20 -0.99 -27.65
N ALA D 306 -29.12 -2.21 -28.17
CA ALA D 306 -29.71 -3.38 -27.53
C ALA D 306 -28.99 -3.73 -26.22
N ILE D 307 -29.79 -3.89 -25.16
CA ILE D 307 -29.29 -4.24 -23.83
C ILE D 307 -29.93 -5.57 -23.43
N LYS D 308 -29.15 -6.53 -22.95
CA LYS D 308 -29.75 -7.81 -22.57
C LYS D 308 -30.27 -7.84 -21.12
N GLU D 309 -31.33 -8.63 -20.91
CA GLU D 309 -31.82 -8.93 -19.56
C GLU D 309 -30.66 -9.26 -18.64
N GLY D 310 -30.62 -8.60 -17.49
CA GLY D 310 -29.57 -8.88 -16.52
C GLY D 310 -28.36 -7.95 -16.63
N ASP D 311 -28.21 -7.25 -17.77
CA ASP D 311 -27.10 -6.31 -17.95
C ASP D 311 -27.13 -5.13 -16.98
N GLY D 312 -25.96 -4.71 -16.54
CA GLY D 312 -25.85 -3.50 -15.75
C GLY D 312 -25.77 -2.23 -16.59
N VAL D 313 -26.30 -1.15 -16.04
CA VAL D 313 -26.33 0.13 -16.73
C VAL D 313 -25.83 1.20 -15.79
N LEU D 314 -24.86 1.99 -16.21
CA LEU D 314 -24.38 3.11 -15.42
C LEU D 314 -24.82 4.41 -16.08
N LEU D 315 -25.75 5.10 -15.43
CA LEU D 315 -26.28 6.35 -15.94
C LEU D 315 -25.42 7.48 -15.44
N LEU D 316 -24.70 8.15 -16.34
CA LEU D 316 -23.81 9.22 -15.91
C LEU D 316 -24.55 10.57 -15.88
N MET D 317 -25.26 10.82 -14.80
CA MET D 317 -25.97 12.10 -14.65
C MET D 317 -25.01 13.29 -14.81
N GLY D 318 -23.77 13.12 -14.38
CA GLY D 318 -22.78 14.18 -14.55
C GLY D 318 -22.65 14.56 -16.01
N SER D 319 -22.81 13.59 -16.90
CA SER D 319 -22.77 13.86 -18.33
C SER D 319 -24.10 14.42 -18.82
N ALA D 320 -25.20 13.82 -18.36
CA ALA D 320 -26.54 14.28 -18.72
C ALA D 320 -26.68 15.76 -18.49
N ASN D 321 -26.17 16.21 -17.35
CA ASN D 321 -26.29 17.60 -16.93
C ASN D 321 -25.51 18.59 -17.81
N ARG D 322 -24.64 18.10 -18.67
CA ARG D 322 -23.88 18.97 -19.58
C ARG D 322 -24.25 18.79 -21.04
N ASP D 323 -25.25 17.94 -21.28
CA ASP D 323 -25.67 17.57 -22.62
C ASP D 323 -26.11 18.81 -23.39
N GLU D 324 -25.48 19.03 -24.53
CA GLU D 324 -25.79 20.18 -25.38
C GLU D 324 -27.25 20.18 -25.87
N ALA D 325 -27.88 19.02 -25.96
CA ALA D 325 -29.27 18.89 -26.38
C ALA D 325 -30.24 19.53 -25.39
N ARG D 326 -29.79 19.70 -24.16
CA ARG D 326 -30.64 20.21 -23.10
C ARG D 326 -30.06 21.48 -22.51
N PHE D 327 -28.73 21.61 -22.55
CA PHE D 327 -28.03 22.71 -21.89
C PHE D 327 -27.06 23.49 -22.78
N GLU D 328 -27.46 24.71 -23.14
CA GLU D 328 -26.65 25.62 -23.93
C GLU D 328 -25.31 25.91 -23.27
N ASN D 329 -24.24 25.81 -24.03
CA ASN D 329 -22.89 26.00 -23.47
C ASN D 329 -22.67 25.18 -22.19
N GLY D 330 -22.97 23.90 -22.26
CA GLY D 330 -23.07 23.06 -21.07
C GLY D 330 -21.81 22.88 -20.23
N GLU D 331 -20.63 23.12 -20.80
CA GLU D 331 -19.39 22.92 -20.04
C GLU D 331 -19.06 24.17 -19.21
N GLU D 332 -19.91 25.18 -19.33
CA GLU D 332 -19.68 26.45 -18.63
C GLU D 332 -20.53 26.57 -17.36
N PHE D 333 -19.91 27.08 -16.30
CA PHE D 333 -20.63 27.36 -15.07
C PHE D 333 -21.30 28.73 -15.16
N ASP D 334 -22.62 28.77 -15.00
CA ASP D 334 -23.41 30.02 -15.10
C ASP D 334 -24.59 30.04 -14.12
N ILE D 335 -24.47 30.81 -13.05
CA ILE D 335 -25.49 30.82 -11.99
C ILE D 335 -26.83 31.38 -12.47
N SER D 336 -26.83 32.09 -13.60
CA SER D 336 -28.04 32.65 -14.15
C SER D 336 -28.75 31.71 -15.13
N ARG D 337 -28.18 30.51 -15.33
CA ARG D 337 -28.72 29.54 -16.28
C ARG D 337 -30.18 29.23 -16.03
N ALA D 338 -31.03 29.50 -17.01
CA ALA D 338 -32.47 29.52 -16.77
C ALA D 338 -33.04 28.14 -16.44
N ASN D 339 -32.48 27.08 -17.01
CA ASN D 339 -33.03 25.75 -16.81
C ASN D 339 -32.16 24.80 -15.99
N ALA D 340 -31.32 25.37 -15.11
CA ALA D 340 -30.40 24.56 -14.30
C ALA D 340 -31.17 23.51 -13.51
N ARG D 341 -32.39 23.83 -13.12
CA ARG D 341 -33.20 22.92 -12.32
C ARG D 341 -33.65 21.68 -13.08
N GLU D 342 -33.35 21.59 -14.37
CA GLU D 342 -33.66 20.39 -15.12
C GLU D 342 -32.60 19.29 -14.91
N HIS D 343 -31.59 19.60 -14.09
CA HIS D 343 -30.45 18.69 -13.92
C HIS D 343 -30.93 17.37 -13.32
N LEU D 344 -30.10 16.34 -13.43
CA LEU D 344 -30.50 15.02 -12.96
C LEU D 344 -29.67 14.53 -11.77
N SER D 345 -29.11 15.46 -11.02
CA SER D 345 -28.23 15.13 -9.90
C SER D 345 -28.95 14.53 -8.69
N PHE D 346 -30.28 14.69 -8.66
CA PHE D 346 -31.14 14.05 -7.66
C PHE D 346 -31.87 12.85 -8.28
N GLY D 347 -31.50 12.50 -9.51
CA GLY D 347 -32.23 11.44 -10.20
C GLY D 347 -33.57 11.89 -10.77
N PHE D 348 -34.46 10.91 -11.02
CA PHE D 348 -35.75 11.18 -11.60
C PHE D 348 -36.67 9.95 -11.49
N GLY D 349 -37.94 10.16 -11.15
CA GLY D 349 -38.88 9.05 -11.06
C GLY D 349 -39.16 8.55 -9.66
N ILE D 350 -39.41 7.25 -9.53
CA ILE D 350 -39.94 6.70 -8.27
C ILE D 350 -38.96 6.70 -7.09
N HIS D 351 -37.67 6.74 -7.41
CA HIS D 351 -36.61 6.77 -6.39
C HIS D 351 -36.05 8.19 -6.18
N TYR D 352 -36.69 9.19 -6.77
CA TYR D 352 -36.20 10.57 -6.71
C TYR D 352 -35.85 10.98 -5.29
N CYS D 353 -34.68 11.62 -5.16
CA CYS D 353 -34.08 11.96 -3.87
C CYS D 353 -35.10 12.46 -2.85
N LEU D 354 -35.13 11.77 -1.72
CA LEU D 354 -36.06 12.03 -0.65
C LEU D 354 -35.73 13.32 0.06
N GLY D 355 -34.44 13.64 0.11
CA GLY D 355 -33.96 14.76 0.92
C GLY D 355 -33.40 15.96 0.16
N ASN D 356 -33.70 16.06 -1.12
CA ASN D 356 -33.14 17.13 -1.94
C ASN D 356 -33.43 18.53 -1.35
N MET D 357 -34.59 18.73 -0.73
CA MET D 357 -34.89 20.05 -0.17
C MET D 357 -33.97 20.38 1.02
N LEU D 358 -33.74 19.39 1.89
CA LEU D 358 -32.87 19.60 3.03
C LEU D 358 -31.42 19.84 2.61
N ALA D 359 -30.98 19.12 1.58
CA ALA D 359 -29.61 19.28 1.10
C ALA D 359 -29.43 20.70 0.56
N LYS D 360 -30.39 21.13 -0.25
CA LYS D 360 -30.32 22.46 -0.84
C LYS D 360 -30.43 23.54 0.25
N LEU D 361 -31.26 23.30 1.27
CA LEU D 361 -31.38 24.27 2.37
C LEU D 361 -30.03 24.59 3.01
N GLN D 362 -29.26 23.54 3.32
CA GLN D 362 -28.01 23.72 4.02
C GLN D 362 -26.97 24.38 3.13
N ALA D 363 -26.98 24.05 1.83
CA ALA D 363 -26.05 24.67 0.89
C ALA D 363 -26.32 26.15 0.77
N LYS D 364 -27.60 26.49 0.68
CA LYS D 364 -28.03 27.88 0.57
C LYS D 364 -27.63 28.68 1.84
N ILE D 365 -27.89 28.11 3.02
CA ILE D 365 -27.56 28.79 4.28
C ILE D 365 -26.05 29.00 4.44
N CYS D 366 -25.26 27.99 4.10
CA CYS D 366 -23.81 28.10 4.16
C CYS D 366 -23.31 29.24 3.28
N LEU D 367 -23.81 29.34 2.07
CA LEU D 367 -23.40 30.40 1.13
C LEU D 367 -23.84 31.76 1.65
N GLU D 368 -25.04 31.81 2.20
CA GLU D 368 -25.57 33.07 2.72
C GLU D 368 -24.65 33.63 3.80
N GLU D 369 -24.30 32.80 4.78
CA GLU D 369 -23.53 33.29 5.91
C GLU D 369 -22.06 33.49 5.56
N VAL D 370 -21.50 32.60 4.74
CA VAL D 370 -20.09 32.76 4.40
C VAL D 370 -19.89 34.03 3.57
N THR D 371 -20.77 34.27 2.61
CA THR D 371 -20.65 35.49 1.81
C THR D 371 -20.84 36.74 2.67
N ARG D 372 -21.69 36.65 3.69
CA ARG D 372 -21.91 37.79 4.58
C ARG D 372 -20.71 38.05 5.49
N LEU D 373 -20.19 36.98 6.10
CA LEU D 373 -19.18 37.12 7.13
C LEU D 373 -17.76 37.20 6.58
N VAL D 374 -17.51 36.58 5.44
CA VAL D 374 -16.17 36.71 4.86
C VAL D 374 -16.29 36.89 3.33
N PRO D 375 -16.70 38.10 2.90
CA PRO D 375 -16.87 38.37 1.46
C PRO D 375 -15.56 38.27 0.69
N SER D 376 -14.44 38.49 1.36
CA SER D 376 -13.13 38.48 0.70
C SER D 376 -12.55 37.06 0.54
N LEU D 377 -13.37 36.06 0.81
CA LEU D 377 -12.94 34.66 0.66
C LEU D 377 -12.47 34.37 -0.76
N HIS D 378 -11.37 33.61 -0.89
CA HIS D 378 -10.90 33.12 -2.20
C HIS D 378 -10.00 31.89 -2.05
N LEU D 379 -9.71 31.22 -3.17
CA LEU D 379 -8.89 30.01 -3.14
C LEU D 379 -7.44 30.31 -2.77
N VAL D 380 -6.82 29.40 -2.03
CA VAL D 380 -5.40 29.53 -1.69
C VAL D 380 -4.56 29.55 -2.96
N ALA D 381 -4.84 28.62 -3.86
CA ALA D 381 -4.08 28.51 -5.10
C ALA D 381 -4.91 27.71 -6.07
N ASP D 382 -4.40 27.56 -7.28
CA ASP D 382 -5.18 26.96 -8.35
C ASP D 382 -5.18 25.41 -8.39
N LYS D 383 -4.01 24.79 -8.34
CA LYS D 383 -3.88 23.32 -8.40
C LYS D 383 -3.79 22.67 -7.01
N ALA D 384 -4.71 23.01 -6.12
CA ALA D 384 -4.61 22.55 -4.73
C ALA D 384 -5.74 21.65 -4.26
N ILE D 385 -6.56 21.17 -5.20
CA ILE D 385 -7.71 20.33 -4.82
C ILE D 385 -7.71 18.95 -5.47
N GLY D 386 -7.77 17.90 -4.65
CA GLY D 386 -7.84 16.54 -5.15
C GLY D 386 -9.21 15.91 -4.91
N PHE D 387 -9.51 14.87 -5.67
CA PHE D 387 -10.77 14.17 -5.56
C PHE D 387 -10.49 12.70 -5.27
N ARG D 388 -11.24 12.10 -4.36
CA ARG D 388 -11.02 10.69 -4.04
C ARG D 388 -11.54 9.80 -5.19
N GLU D 389 -10.88 8.69 -5.47
CA GLU D 389 -11.38 7.81 -6.51
C GLU D 389 -12.61 6.98 -6.09
N ASN D 390 -13.59 6.94 -6.98
CA ASN D 390 -14.88 6.33 -6.72
C ASN D 390 -15.65 6.24 -8.03
N LEU D 391 -16.58 5.30 -8.17
CA LEU D 391 -17.34 5.19 -9.42
C LEU D 391 -18.44 6.24 -9.52
N SER D 392 -19.01 6.60 -8.38
CA SER D 392 -20.26 7.37 -8.38
C SER D 392 -20.16 8.71 -7.67
N PHE D 393 -19.44 8.73 -6.55
CA PHE D 393 -19.37 9.94 -5.72
C PHE D 393 -18.14 10.75 -6.07
N ARG D 394 -18.37 12.03 -6.34
CA ARG D 394 -17.29 12.94 -6.71
C ARG D 394 -17.02 13.93 -5.57
N VAL D 395 -16.03 13.59 -4.76
CA VAL D 395 -15.79 14.26 -3.49
C VAL D 395 -14.45 15.02 -3.45
N PRO D 396 -14.50 16.36 -3.35
CA PRO D 396 -13.23 17.09 -3.17
C PRO D 396 -12.70 16.85 -1.77
N THR D 397 -11.43 16.48 -1.61
CA THR D 397 -10.94 16.16 -0.27
C THR D 397 -10.64 17.40 0.55
N SER D 398 -10.42 18.52 -0.13
CA SER D 398 -10.22 19.78 0.56
C SER D 398 -10.60 20.90 -0.38
N VAL D 399 -10.91 22.06 0.20
CA VAL D 399 -11.09 23.29 -0.56
C VAL D 399 -10.37 24.42 0.19
N PRO D 400 -9.06 24.54 -0.03
CA PRO D 400 -8.18 25.49 0.67
C PRO D 400 -8.49 26.91 0.31
N VAL D 401 -8.77 27.72 1.32
CA VAL D 401 -9.14 29.11 1.15
C VAL D 401 -8.38 30.02 2.07
N THR D 402 -8.34 31.28 1.72
CA THR D 402 -7.75 32.29 2.57
C THR D 402 -8.62 33.55 2.48
N TRP D 403 -8.29 34.55 3.31
CA TRP D 403 -9.10 35.76 3.36
C TRP D 403 -8.23 36.93 3.81
N ASN D 404 -8.80 38.12 3.81
CA ASN D 404 -8.07 39.33 4.19
C ASN D 404 -8.11 39.68 5.67
N ALA D 405 -9.30 39.94 6.19
CA ALA D 405 -9.52 40.17 7.62
C ALA D 405 -8.74 41.40 8.13
CHA HEM E . -3.74 -14.14 -18.50
CHB HEM E . -5.23 -13.95 -23.10
CHC HEM E . -1.82 -10.65 -24.19
CHD HEM E . -0.01 -11.29 -19.73
C1A HEM E . -4.43 -14.36 -19.67
C2A HEM E . -5.52 -15.30 -19.83
C3A HEM E . -5.94 -15.22 -21.09
C4A HEM E . -5.12 -14.26 -21.77
CMA HEM E . -7.09 -16.04 -21.72
CAA HEM E . -6.11 -16.20 -18.72
CBA HEM E . -7.34 -15.46 -18.19
CGA HEM E . -7.98 -16.14 -17.01
O1A HEM E . -9.02 -15.61 -16.49
O2A HEM E . -7.47 -17.21 -16.60
C1B HEM E . -4.44 -13.05 -23.79
C2B HEM E . -4.66 -12.64 -25.16
C3B HEM E . -3.71 -11.78 -25.46
C4B HEM E . -2.88 -11.52 -24.28
CMB HEM E . -5.73 -13.11 -26.21
CAB HEM E . -3.66 -11.12 -26.82
CBB HEM E . -2.53 -10.62 -27.21
C1C HEM E . -1.04 -10.53 -23.06
C2C HEM E . 0.07 -9.63 -22.92
C3C HEM E . 0.56 -9.84 -21.67
C4C HEM E . -0.25 -10.83 -21.01
CMC HEM E . 0.57 -8.66 -24.04
CAC HEM E . 1.72 -9.19 -20.93
CBC HEM E . 2.21 -8.00 -21.27
C1D HEM E . -0.78 -12.15 -18.98
C2D HEM E . -0.48 -12.58 -17.65
C3D HEM E . -1.64 -13.49 -17.27
C4D HEM E . -2.54 -13.48 -18.41
CMD HEM E . 0.78 -12.27 -16.80
CAD HEM E . -1.85 -14.23 -15.94
CBD HEM E . -2.62 -13.25 -15.04
CGD HEM E . -3.10 -13.93 -13.77
O1D HEM E . -3.40 -13.21 -12.77
O2D HEM E . -3.13 -15.20 -13.72
NA HEM E . -4.20 -13.74 -20.87
NB HEM E . -3.34 -12.34 -23.29
NC HEM E . -1.22 -11.23 -21.88
ND HEM E . -1.99 -12.67 -19.37
FE HEM E . -2.85 -12.26 -21.28
C12 GWM F . -2.21 -16.91 -21.39
C01 GWM F . -0.99 -17.16 -20.53
C02 GWM F . -0.05 -18.11 -20.91
C03 GWM F . 1.06 -18.33 -20.11
C04 GWM F . 1.23 -17.58 -18.95
C05 GWM F . 0.29 -16.61 -18.59
C06 GWM F . -0.81 -16.40 -19.40
O07 GWM F . 2.38 -17.77 -18.19
P08 GWM F . 2.38 -18.16 -16.65
O09 GWM F . 1.45 -19.36 -16.41
O10 GWM F . 1.88 -16.87 -15.89
O11 GWM F . 3.86 -18.55 -16.34
S SO4 G . -12.72 -18.02 -39.59
O1 SO4 G . -13.64 -17.75 -38.48
O2 SO4 G . -12.83 -16.90 -40.57
O3 SO4 G . -11.33 -18.13 -39.17
O4 SO4 G . -13.09 -19.28 -40.25
S SO4 H . -7.10 -6.64 -10.48
O1 SO4 H . -8.46 -7.08 -10.80
O2 SO4 H . -7.16 -5.34 -9.80
O3 SO4 H . -6.45 -7.62 -9.63
O4 SO4 H . -6.35 -6.47 -11.72
CHA HEM I . 12.69 17.72 9.69
CHB HEM I . 17.15 18.75 11.38
CHC HEM I . 19.20 17.52 7.17
CHD HEM I . 14.70 17.08 5.33
C1A HEM I . 13.74 18.12 10.50
C2A HEM I . 13.61 18.60 11.84
C3A HEM I . 14.82 18.86 12.32
C4A HEM I . 15.79 18.58 11.29
CMA HEM I . 15.06 19.42 13.73
CAA HEM I . 12.30 18.74 12.63
CBA HEM I . 12.07 17.37 13.29
CGA HEM I . 10.83 17.31 14.15
O1A HEM I . 10.67 16.31 14.90
O2A HEM I . 10.04 18.29 14.13
C1B HEM I . 18.09 18.51 10.41
C2B HEM I . 19.53 18.57 10.57
C3B HEM I . 20.08 18.24 9.39
C4B HEM I . 19.03 17.93 8.47
CMB HEM I . 20.24 18.99 11.86
CAB HEM I . 21.54 18.13 8.93
CBB HEM I . 22.58 17.86 9.71
C1C HEM I . 18.14 17.26 6.33
C2C HEM I . 18.26 16.80 4.98
C3C HEM I . 17.01 16.71 4.47
C4C HEM I . 16.08 17.08 5.50
CMC HEM I . 19.60 16.50 4.28
CAC HEM I . 16.55 16.24 3.07
CBC HEM I . 17.35 15.60 2.20
C1D HEM I . 13.74 17.23 6.29
C2D HEM I . 12.30 17.26 6.06
C3D HEM I . 11.69 17.47 7.43
C4D HEM I . 12.80 17.55 8.34
CMD HEM I . 11.54 17.11 4.72
CAD HEM I . 10.20 17.57 7.82
CBD HEM I . 9.67 16.14 7.98
CGD HEM I . 8.31 16.15 8.57
O1D HEM I . 7.63 15.08 8.57
O2D HEM I . 7.85 17.19 9.07
NA HEM I . 15.10 18.10 10.16
NB HEM I . 17.83 18.11 9.11
NC HEM I . 16.80 17.42 6.65
ND HEM I . 14.00 17.40 7.65
FE HEM I . 15.95 17.52 8.48
C12 GWM J . 14.14 21.88 9.61
C01 GWM J . 13.23 22.14 8.45
C02 GWM J . 13.01 23.45 7.99
C03 GWM J . 12.16 23.69 6.92
C04 GWM J . 11.53 22.59 6.31
C05 GWM J . 11.76 21.30 6.77
C06 GWM J . 12.61 21.06 7.84
O07 GWM J . 10.68 22.76 5.21
P08 GWM J . 9.11 22.73 5.32
O09 GWM J . 8.57 23.39 6.63
O10 GWM J . 8.59 23.50 4.04
O11 GWM J . 8.62 21.23 5.24
S SO4 K . 31.10 25.27 21.54
O1 SO4 K . 30.85 25.42 20.11
O2 SO4 K . 31.01 26.60 22.15
O3 SO4 K . 32.44 24.71 21.77
O4 SO4 K . 30.12 24.40 22.19
S SO4 L . 9.99 46.00 16.51
O1 SO4 L . 9.17 46.04 17.72
O2 SO4 L . 9.63 47.09 15.62
O3 SO4 L . 11.40 46.11 16.88
O4 SO4 L . 9.76 44.72 15.85
CHA HEM M . 8.77 -17.68 26.96
CHB HEM M . 10.91 -19.01 22.78
CHC HEM M . 7.55 -22.45 22.08
CHD HEM M . 5.13 -20.78 25.93
C1A HEM M . 9.62 -17.74 25.89
C2A HEM M . 10.74 -16.86 25.64
C3A HEM M . 11.31 -17.21 24.50
C4A HEM M . 10.59 -18.35 23.97
CMA HEM M . 12.56 -16.53 23.90
CAA HEM M . 11.22 -15.69 26.53
CBA HEM M . 12.26 -16.33 27.45
CGA HEM M . 12.80 -15.39 28.48
O1A HEM M . 13.74 -15.85 29.18
O2A HEM M . 12.31 -14.22 28.61
C1B HEM M . 10.19 -20.05 22.22
C2B HEM M . 10.55 -20.81 21.02
C3B HEM M . 9.59 -21.74 20.84
C4B HEM M . 8.64 -21.63 21.91
CMB HEM M . 11.78 -20.54 20.11
CAB HEM M . 9.42 -22.80 19.74
CBB HEM M . 10.46 -23.30 19.10
C1C HEM M . 6.63 -22.34 23.08
C2C HEM M . 5.49 -23.22 23.29
C3C HEM M . 4.81 -22.72 24.34
C4C HEM M . 5.52 -21.56 24.85
CMC HEM M . 5.16 -24.46 22.40
CAC HEM M . 3.54 -23.24 25.05
CBC HEM M . 2.96 -24.42 24.80
C1D HEM M . 5.83 -19.77 26.53
C2D HEM M . 5.37 -19.00 27.64
C3D HEM M . 6.50 -18.05 27.99
C4D HEM M . 7.55 -18.33 27.04
CMD HEM M . 4.02 -19.17 28.34
CAD HEM M . 6.55 -17.00 29.12
CBD HEM M . 7.18 -17.72 30.32
CGD HEM M . 7.40 -16.76 31.44
O1D HEM M . 7.46 -15.52 31.17
O2D HEM M . 7.54 -17.21 32.62
NA HEM M . 9.58 -18.65 24.85
NB HEM M . 9.01 -20.59 22.71
NC HEM M . 6.64 -21.33 24.05
ND HEM M . 7.12 -19.34 26.19
FE HEM M . 8.26 -20.22 24.62
C12 GWM N . 7.79 -15.78 23.26
C01 GWM N . 6.46 -15.36 23.87
C02 GWM N . 6.06 -15.85 25.12
C03 GWM N . 4.85 -15.45 25.68
C04 GWM N . 4.03 -14.56 25.00
C05 GWM N . 4.43 -14.06 23.75
C06 GWM N . 5.63 -14.46 23.19
O07 GWM N . 2.80 -14.15 25.49
P08 GWM N . 2.54 -13.40 26.86
O09 GWM N . 3.46 -12.13 26.98
O10 GWM N . 1.04 -13.00 26.87
O11 GWM N . 2.88 -14.34 28.08
S SO4 O . 20.69 -18.98 7.13
O1 SO4 O . 19.24 -18.84 7.25
O2 SO4 O . 21.13 -17.82 6.31
O3 SO4 O . 21.39 -18.89 8.42
O4 SO4 O . 21.07 -20.24 6.47
S SO4 P . 10.91 -22.72 36.98
O1 SO4 P . 9.86 -21.72 37.20
O2 SO4 P . 12.22 -22.07 36.90
O3 SO4 P . 10.62 -23.46 35.76
O4 SO4 P . 10.94 -23.65 38.10
CHA HEM Q . -32.08 9.09 -3.49
CHB HEM Q . -28.71 12.33 -4.70
CHC HEM Q . -29.20 14.39 -0.32
CHD HEM Q . -31.99 10.71 1.15
C1A HEM Q . -31.12 9.77 -4.21
C2A HEM Q . -30.67 9.45 -5.56
C3A HEM Q . -29.75 10.35 -5.89
C4A HEM Q . -29.57 11.25 -4.77
CMA HEM Q . -29.00 10.42 -7.23
CAA HEM Q . -31.20 8.28 -6.42
CBA HEM Q . -32.19 8.87 -7.42
CGA HEM Q . -32.91 7.78 -8.21
O1A HEM Q . -32.53 6.57 -8.04
O2A HEM Q . -33.87 8.11 -8.98
C1B HEM Q . -28.57 13.16 -3.62
C2B HEM Q . -27.74 14.35 -3.59
C3B HEM Q . -27.86 14.90 -2.40
C4B HEM Q . -28.80 14.11 -1.61
CMB HEM Q . -26.84 14.85 -4.75
CAB HEM Q . -27.18 16.16 -1.83
CBB HEM Q . -26.79 17.21 -2.59
C1C HEM Q . -30.01 13.59 0.46
C2C HEM Q . -30.40 13.86 1.85
C3C HEM Q . -31.15 12.82 2.25
C4C HEM Q . -31.28 11.90 1.12
CMC HEM Q . -29.96 15.10 2.69
CAC HEM Q . -31.86 12.54 3.59
CBC HEM Q . -32.06 13.45 4.56
C1D HEM Q . -32.22 9.91 0.04
C2D HEM Q . -32.91 8.65 0.10
C3D HEM Q . -32.95 8.15 -1.34
C4D HEM Q . -32.28 9.16 -2.12
CMD HEM Q . -33.49 7.96 1.35
CAD HEM Q . -33.58 6.84 -1.86
CBD HEM Q . -35.05 7.16 -2.22
CGD HEM Q . -35.79 5.96 -2.79
O1D HEM Q . -37.05 5.91 -2.63
O2D HEM Q . -35.16 5.05 -3.38
NA HEM Q . -30.43 10.87 -3.76
NB HEM Q . -29.23 13.07 -2.42
NC HEM Q . -30.57 12.40 0.05
ND HEM Q . -31.88 10.20 -1.29
FE HEM Q . -30.71 11.82 -1.98
C12 GWM R . -27.76 8.35 -2.96
C01 GWM R . -28.11 7.28 -1.93
C02 GWM R . -29.43 7.08 -1.54
C03 GWM R . -29.77 6.11 -0.61
C04 GWM R . -28.78 5.33 -0.07
C05 GWM R . -27.44 5.54 -0.42
C06 GWM R . -27.10 6.50 -1.36
O07 GWM R . -29.06 4.37 0.92
P08 GWM R . -30.00 3.11 0.85
O09 GWM R . -29.71 2.30 -0.49
O10 GWM R . -31.53 3.53 0.88
O11 GWM R . -29.66 2.26 2.10
S SO4 S . -14.61 21.48 -12.87
O1 SO4 S . -14.59 22.93 -12.70
O2 SO4 S . -15.74 21.07 -13.69
O3 SO4 S . -14.69 20.85 -11.54
O4 SO4 S . -13.35 21.08 -13.51
#